data_8QJ0
#
_entry.id   8QJ0
#
_cell.length_a   158.6
_cell.length_b   157.12
_cell.length_c   202.74
_cell.angle_alpha   90
_cell.angle_beta   90
_cell.angle_gamma   90
#
_symmetry.space_group_name_H-M   'C 2 2 21'
#
loop_
_entity.id
_entity.type
_entity.pdbx_description
1 polymer 'Ribulose bisphosphate carboxylase small subunit, chloroplastic 2'
2 polymer 'Ribulose bisphosphate carboxylase large chain'
3 non-polymer 'MAGNESIUM ION'
4 water water
#
loop_
_entity_poly.entity_id
_entity_poly.type
_entity_poly.pdbx_seq_one_letter_code
_entity_poly.pdbx_strand_id
1 'polypeptide(L)'
;MKVWPTQNMKRYETLSYLPPLTTDQLARQVDYLLNNKWVPCLEFETDHGFVYREHHNSPGYYDGRYWTMWKLPMFGCTDP
AQVLNELEECKKEYPNAFIRIIGFDSNRQVQCVSFIAYKPAGY
;
S,T,U,V
2 'polypeptide(L)'
;MSPQTETKASVEFKAGVKDYKLTYYTPEYETLDTDILAAFRVSPQPGVPPEEAGAAVAAESSTGTWTTVWTDGLTNLDRY
KGRCYHIEPVAGEENQYICYVAYPLDLFEEGSVTNMFTSIVGNVFGFKALRALRLEDLRIPVAYVKTFQGPPHGIQVERD
KLNKYGRPLLGCTIKPKLGLSAKNYGRAVYECLRGGLDFT(KCX)DDENVNSQPFMRWRDRFLFCAEALYKAQAETGEIK
GHYLNATAGTCEDMMKRAVFARELGVPIVMHDYLTGGFTANTTLSHYCRDNGLLLHIHRAMHAVIDRQKNHGMHFRVLAK
ALRLSGGDHIHSGTVVGKLEGERDITLGFVDLLRDDYTEKDRSRGIYFTQSWVSTPGVLPVASGGIHVWHMPALTEIFGD
DSVLQFGGGTLGHPWGNAPGAVANRVALEACVQARNEGRDLAREGNTIIREATKWSPELAAACEVWKEIKFEFPAMDTV
;
L,M,N,O
#
loop_
_chem_comp.id
_chem_comp.type
_chem_comp.name
_chem_comp.formula
MG non-polymer 'MAGNESIUM ION' 'Mg 2'
#
# COMPACT_ATOMS: atom_id res chain seq x y z
N MET A 1 7.63 45.45 7.96
CA MET A 1 7.01 44.08 7.87
C MET A 1 7.67 43.30 6.73
N LYS A 2 8.55 42.36 7.07
CA LYS A 2 9.29 41.55 6.12
C LYS A 2 8.60 40.19 6.01
N VAL A 3 8.62 39.62 4.80
CA VAL A 3 8.08 38.31 4.52
C VAL A 3 9.25 37.34 4.52
N TRP A 4 9.14 36.25 5.27
CA TRP A 4 10.23 35.30 5.36
C TRP A 4 10.32 34.58 4.01
N PRO A 5 11.49 34.49 3.34
CA PRO A 5 11.54 33.88 2.01
C PRO A 5 11.26 32.37 1.97
N THR A 6 10.79 31.87 0.83
CA THR A 6 10.46 30.48 0.57
C THR A 6 11.55 29.72 -0.19
N GLN A 7 12.41 30.44 -0.92
CA GLN A 7 13.23 29.87 -1.98
C GLN A 7 14.68 29.89 -1.47
N ASN A 8 15.40 28.76 -1.60
CA ASN A 8 16.82 28.65 -1.24
C ASN A 8 17.03 29.03 0.22
N MET A 9 16.18 28.46 1.10
CA MET A 9 16.11 28.76 2.52
C MET A 9 16.15 27.45 3.33
N LYS A 10 16.88 26.45 2.80
CA LYS A 10 17.08 25.18 3.47
C LYS A 10 17.97 25.43 4.70
N ARG A 11 17.69 24.67 5.77
CA ARG A 11 18.36 24.78 7.05
C ARG A 11 18.91 23.42 7.46
N TYR A 12 19.78 23.43 8.47
CA TYR A 12 20.65 22.31 8.83
C TYR A 12 20.61 22.12 10.36
N GLU A 13 19.46 22.37 10.99
CA GLU A 13 19.30 22.14 12.43
C GLU A 13 20.16 23.13 13.22
N THR A 14 20.69 22.67 14.38
CA THR A 14 21.08 23.55 15.45
C THR A 14 22.21 24.45 14.95
N LEU A 15 22.00 25.76 15.17
CA LEU A 15 22.87 26.86 14.81
C LEU A 15 22.68 27.35 13.38
N SER A 16 21.81 26.75 12.58
CA SER A 16 21.71 27.16 11.18
C SER A 16 20.85 28.41 10.96
N TYR A 17 20.13 28.93 11.96
CA TYR A 17 19.44 30.23 11.88
C TYR A 17 20.33 31.42 12.28
N LEU A 18 21.57 31.16 12.77
CA LEU A 18 22.52 32.20 13.14
C LEU A 18 23.31 32.57 11.89
N PRO A 19 24.07 33.70 11.89
CA PRO A 19 25.10 33.94 10.86
C PRO A 19 26.11 32.78 10.86
N PRO A 20 26.70 32.42 9.70
CA PRO A 20 27.77 31.43 9.66
C PRO A 20 28.87 31.67 10.68
N LEU A 21 29.31 30.58 11.30
CA LEU A 21 30.26 30.66 12.39
C LEU A 21 31.60 31.06 11.80
N THR A 22 32.22 32.09 12.40
CA THR A 22 33.63 32.39 12.19
C THR A 22 34.49 31.23 12.72
N THR A 23 35.75 31.23 12.31
CA THR A 23 36.78 30.30 12.77
C THR A 23 36.83 30.26 14.30
N ASP A 24 36.79 31.46 14.94
CA ASP A 24 36.80 31.60 16.39
C ASP A 24 35.54 31.00 17.05
N GLN A 25 34.37 31.33 16.51
CA GLN A 25 33.09 30.79 16.97
C GLN A 25 33.05 29.25 16.88
N LEU A 26 33.51 28.69 15.75
CA LEU A 26 33.68 27.26 15.54
C LEU A 26 34.54 26.63 16.62
N ALA A 27 35.70 27.26 16.88
CA ALA A 27 36.63 26.76 17.90
C ALA A 27 36.00 26.74 19.29
N ARG A 28 35.18 27.74 19.65
CA ARG A 28 34.49 27.77 20.93
C ARG A 28 33.40 26.68 21.04
N GLN A 29 32.68 26.37 19.95
CA GLN A 29 31.69 25.29 19.92
C GLN A 29 32.39 23.93 20.07
N VAL A 30 33.58 23.74 19.48
CA VAL A 30 34.37 22.54 19.66
C VAL A 30 34.91 22.44 21.08
N ASP A 31 35.33 23.58 21.68
CA ASP A 31 35.77 23.60 23.07
C ASP A 31 34.68 23.10 24.05
N TYR A 32 33.41 23.48 23.80
CA TYR A 32 32.26 23.00 24.57
C TYR A 32 32.12 21.48 24.53
N LEU A 33 32.27 20.85 23.35
CA LEU A 33 32.32 19.40 23.18
C LEU A 33 33.42 18.80 24.08
N LEU A 34 34.67 19.29 23.91
CA LEU A 34 35.84 18.79 24.64
C LEU A 34 35.72 18.97 26.15
N ASN A 35 35.21 20.13 26.62
CA ASN A 35 34.97 20.36 28.05
C ASN A 35 33.95 19.39 28.63
N ASN A 36 32.96 18.92 27.85
CA ASN A 36 31.99 17.91 28.29
C ASN A 36 32.43 16.46 28.07
N LYS A 37 33.67 16.20 27.60
CA LYS A 37 34.21 14.89 27.25
C LYS A 37 33.38 14.21 26.14
N TRP A 38 32.82 15.00 25.19
CA TRP A 38 32.15 14.48 24.00
C TRP A 38 33.20 14.34 22.91
N VAL A 39 33.02 13.34 22.03
CA VAL A 39 33.98 12.99 21.00
C VAL A 39 33.51 13.72 19.74
N PRO A 40 34.27 14.68 19.19
CA PRO A 40 33.89 15.33 17.94
C PRO A 40 34.15 14.40 16.76
N CYS A 41 33.34 14.59 15.74
CA CYS A 41 33.49 13.87 14.48
C CYS A 41 32.95 14.78 13.39
N LEU A 42 33.40 14.56 12.17
CA LEU A 42 32.88 15.26 11.01
C LEU A 42 32.11 14.29 10.12
N GLU A 43 31.12 14.86 9.48
CA GLU A 43 30.16 14.17 8.62
C GLU A 43 29.97 15.09 7.40
N PHE A 44 29.92 14.52 6.20
CA PHE A 44 29.75 15.33 5.00
C PHE A 44 28.78 14.65 4.07
N GLU A 45 28.19 15.46 3.18
CA GLU A 45 27.23 15.03 2.17
C GLU A 45 27.38 15.92 0.93
N THR A 46 27.48 15.31 -0.27
CA THR A 46 27.58 15.98 -1.56
C THR A 46 26.22 16.11 -2.27
N ASP A 47 25.29 15.14 -2.10
CA ASP A 47 24.07 15.06 -2.90
C ASP A 47 23.00 15.99 -2.31
N HIS A 48 22.17 15.55 -1.36
CA HIS A 48 20.99 16.33 -0.95
C HIS A 48 21.27 17.46 0.06
N GLY A 49 21.63 17.12 1.30
CA GLY A 49 21.78 18.11 2.35
C GLY A 49 20.52 18.32 3.20
N PHE A 50 19.34 17.81 2.76
CA PHE A 50 18.06 17.94 3.44
C PHE A 50 17.49 16.53 3.64
N VAL A 51 16.39 16.45 4.38
CA VAL A 51 15.63 15.23 4.54
C VAL A 51 14.62 15.14 3.39
N TYR A 52 14.36 13.91 2.96
CA TYR A 52 13.42 13.56 1.92
C TYR A 52 12.96 12.13 2.21
N ARG A 53 12.08 11.60 1.35
CA ARG A 53 11.55 10.26 1.46
C ARG A 53 11.55 9.61 0.10
N GLU A 54 12.47 8.66 -0.11
CA GLU A 54 12.55 7.87 -1.33
C GLU A 54 12.15 6.43 -1.05
N HIS A 55 12.76 5.76 -0.07
CA HIS A 55 12.77 4.32 0.04
C HIS A 55 11.60 3.81 0.88
N HIS A 56 10.98 4.66 1.74
CA HIS A 56 9.89 4.28 2.62
C HIS A 56 9.20 5.55 3.13
N ASN A 57 7.94 5.43 3.61
CA ASN A 57 7.21 6.61 4.13
C ASN A 57 6.42 6.33 5.40
N SER A 58 6.81 5.32 6.19
CA SER A 58 6.12 4.99 7.44
C SER A 58 6.60 5.96 8.54
N PRO A 59 5.84 6.15 9.64
CA PRO A 59 6.26 7.06 10.73
C PRO A 59 7.71 6.92 11.22
N GLY A 60 8.37 8.09 11.31
CA GLY A 60 9.76 8.20 11.71
C GLY A 60 10.79 7.69 10.71
N TYR A 61 10.42 7.34 9.47
CA TYR A 61 11.35 6.94 8.43
C TYR A 61 11.56 8.18 7.58
N TYR A 62 12.84 8.61 7.47
CA TYR A 62 13.27 9.62 6.52
C TYR A 62 14.61 9.18 5.95
N ASP A 63 14.81 9.46 4.67
CA ASP A 63 16.13 9.43 4.04
C ASP A 63 16.80 10.78 4.25
N GLY A 64 18.13 10.76 4.15
CA GLY A 64 18.91 11.99 4.21
C GLY A 64 19.35 12.40 5.63
N ARG A 65 19.07 11.59 6.65
CA ARG A 65 19.51 11.85 8.03
C ARG A 65 20.98 11.47 8.23
N TYR A 66 21.38 10.27 7.76
CA TYR A 66 22.77 9.87 7.70
C TYR A 66 23.46 10.66 6.58
N TRP A 67 24.53 11.37 6.95
CA TRP A 67 25.59 11.74 6.05
C TRP A 67 26.77 10.75 6.19
N THR A 68 27.92 11.05 5.56
CA THR A 68 29.08 10.18 5.50
C THR A 68 30.10 10.67 6.52
N MET A 69 30.74 9.76 7.25
CA MET A 69 31.73 10.05 8.25
C MET A 69 33.03 10.46 7.54
N TRP A 70 33.62 11.58 7.96
CA TRP A 70 34.98 11.95 7.55
C TRP A 70 35.93 11.27 8.54
N LYS A 71 36.67 10.26 8.08
CA LYS A 71 37.59 9.53 8.93
C LYS A 71 36.83 8.86 10.07
N LEU A 72 37.25 9.10 11.31
CA LEU A 72 36.75 8.46 12.51
C LEU A 72 36.45 9.54 13.52
N PRO A 73 35.67 9.24 14.60
CA PRO A 73 35.58 10.16 15.73
C PRO A 73 36.98 10.36 16.31
N MET A 74 37.21 11.58 16.83
CA MET A 74 38.53 12.05 17.21
C MET A 74 38.70 11.80 18.70
N PHE A 75 38.87 10.52 19.05
CA PHE A 75 39.00 10.10 20.44
C PHE A 75 40.32 10.65 21.01
N GLY A 76 40.31 11.06 22.28
CA GLY A 76 41.45 11.73 22.91
C GLY A 76 41.96 12.98 22.17
N CYS A 77 41.07 13.73 21.52
CA CYS A 77 41.35 15.08 21.03
C CYS A 77 41.28 16.00 22.25
N THR A 78 42.32 16.83 22.45
CA THR A 78 42.40 17.79 23.56
C THR A 78 42.34 19.24 23.09
N ASP A 79 42.44 19.50 21.77
CA ASP A 79 42.69 20.81 21.23
C ASP A 79 41.69 21.05 20.09
N PRO A 80 40.87 22.13 20.13
CA PRO A 80 39.97 22.48 19.02
C PRO A 80 40.59 22.59 17.65
N ALA A 81 41.88 23.04 17.62
CA ALA A 81 42.60 23.23 16.37
C ALA A 81 42.70 21.96 15.53
N GLN A 82 42.81 20.78 16.17
CA GLN A 82 42.86 19.50 15.48
C GLN A 82 41.57 19.24 14.70
N VAL A 83 40.41 19.67 15.25
CA VAL A 83 39.11 19.51 14.58
C VAL A 83 39.04 20.47 13.40
N LEU A 84 39.38 21.76 13.64
CA LEU A 84 39.43 22.77 12.60
C LEU A 84 40.37 22.37 11.45
N ASN A 85 41.50 21.69 11.73
CA ASN A 85 42.39 21.16 10.69
C ASN A 85 41.71 20.10 9.83
N GLU A 86 40.95 19.18 10.45
CA GLU A 86 40.19 18.17 9.70
C GLU A 86 39.10 18.82 8.86
N LEU A 87 38.43 19.83 9.43
CA LEU A 87 37.45 20.62 8.69
C LEU A 87 38.06 21.18 7.40
N GLU A 88 39.28 21.73 7.49
CA GLU A 88 39.98 22.29 6.32
C GLU A 88 40.34 21.20 5.32
N GLU A 89 40.84 20.05 5.81
CA GLU A 89 41.15 18.93 4.92
C GLU A 89 39.89 18.43 4.17
N CYS A 90 38.75 18.33 4.89
CA CYS A 90 37.49 17.92 4.30
C CYS A 90 36.98 18.91 3.23
N LYS A 91 37.00 20.22 3.54
CA LYS A 91 36.66 21.28 2.58
C LYS A 91 37.52 21.23 1.31
N LYS A 92 38.81 20.90 1.48
CA LYS A 92 39.75 20.74 0.37
C LYS A 92 39.34 19.56 -0.51
N GLU A 93 39.04 18.39 0.07
CA GLU A 93 38.63 17.23 -0.73
C GLU A 93 37.20 17.38 -1.29
N TYR A 94 36.27 18.00 -0.54
CA TYR A 94 34.86 18.12 -0.94
C TYR A 94 34.42 19.59 -0.81
N PRO A 95 34.85 20.50 -1.72
CA PRO A 95 34.39 21.90 -1.67
C PRO A 95 32.89 22.11 -1.94
N ASN A 96 32.30 21.16 -2.68
CA ASN A 96 30.89 21.03 -3.01
C ASN A 96 30.06 20.31 -1.93
N ALA A 97 30.62 19.90 -0.77
CA ALA A 97 29.90 19.18 0.28
C ALA A 97 29.37 20.13 1.35
N PHE A 98 28.25 19.72 1.97
CA PHE A 98 27.87 20.20 3.29
C PHE A 98 28.67 19.43 4.31
N ILE A 99 29.12 20.12 5.36
CA ILE A 99 29.97 19.53 6.40
C ILE A 99 29.40 20.01 7.74
N ARG A 100 29.16 19.04 8.64
CA ARG A 100 28.72 19.33 10.00
C ARG A 100 29.67 18.64 10.95
N ILE A 101 29.74 19.22 12.14
CA ILE A 101 30.45 18.66 13.25
C ILE A 101 29.36 17.99 14.09
N ILE A 102 29.62 16.73 14.47
CA ILE A 102 28.77 15.96 15.36
C ILE A 102 29.59 15.61 16.59
N GLY A 103 28.84 15.25 17.64
CA GLY A 103 29.45 14.85 18.90
C GLY A 103 28.82 13.58 19.44
N PHE A 104 29.64 12.73 20.06
CA PHE A 104 29.22 11.49 20.68
C PHE A 104 29.51 11.59 22.17
N ASP A 105 28.46 11.35 22.97
CA ASP A 105 28.55 11.17 24.40
C ASP A 105 28.57 9.67 24.65
N SER A 106 29.76 9.13 25.01
CA SER A 106 29.96 7.72 25.27
C SER A 106 29.31 7.26 26.59
N ASN A 107 28.95 8.20 27.47
CA ASN A 107 28.32 7.94 28.75
C ASN A 107 26.80 7.77 28.61
N ARG A 108 26.13 8.73 27.94
CA ARG A 108 24.72 8.61 27.55
C ARG A 108 24.54 7.61 26.38
N GLN A 109 25.64 7.31 25.64
CA GLN A 109 25.71 6.27 24.60
C GLN A 109 24.97 6.70 23.34
N VAL A 110 24.93 8.01 23.05
CA VAL A 110 24.22 8.54 21.89
C VAL A 110 25.08 9.62 21.22
N GLN A 111 24.76 9.88 19.94
CA GLN A 111 25.06 11.17 19.35
C GLN A 111 24.33 12.29 20.11
N CYS A 112 25.03 13.40 20.40
CA CYS A 112 24.48 14.49 21.24
C CYS A 112 24.58 15.87 20.60
N VAL A 113 25.37 16.07 19.53
CA VAL A 113 25.60 17.35 18.88
C VAL A 113 25.57 17.14 17.38
N SER A 114 25.08 18.14 16.67
CA SER A 114 25.08 18.19 15.23
C SER A 114 24.85 19.65 14.81
N PHE A 115 25.92 20.31 14.28
CA PHE A 115 25.80 21.65 13.75
C PHE A 115 26.63 21.80 12.49
N ILE A 116 26.08 22.60 11.55
CA ILE A 116 26.68 22.89 10.26
C ILE A 116 27.96 23.75 10.46
N ALA A 117 29.08 23.34 9.82
CA ALA A 117 30.36 24.06 9.85
C ALA A 117 30.65 24.76 8.53
N TYR A 118 30.27 24.16 7.40
CA TYR A 118 30.50 24.68 6.08
C TYR A 118 29.36 24.28 5.16
N LYS A 119 28.92 25.26 4.35
CA LYS A 119 28.00 25.11 3.23
C LYS A 119 28.77 25.55 1.97
N PRO A 120 28.59 24.92 0.78
CA PRO A 120 29.07 25.53 -0.48
C PRO A 120 28.38 26.88 -0.78
N ALA A 121 28.96 27.67 -1.69
CA ALA A 121 28.40 28.96 -2.11
C ALA A 121 27.02 28.75 -2.77
N GLY A 122 26.09 29.68 -2.50
CA GLY A 122 24.70 29.60 -2.92
C GLY A 122 23.73 29.11 -1.85
N TYR A 123 24.23 28.76 -0.63
CA TYR A 123 23.45 28.11 0.42
C TYR A 123 23.65 28.82 1.77
N MET B 1 45.53 8.28 6.62
CA MET B 1 44.09 7.94 6.73
C MET B 1 43.33 8.53 5.54
N LYS B 2 42.89 7.67 4.62
CA LYS B 2 42.10 8.06 3.45
C LYS B 2 40.62 7.83 3.75
N VAL B 3 39.77 8.70 3.19
CA VAL B 3 38.33 8.62 3.28
C VAL B 3 37.86 8.03 1.97
N TRP B 4 37.05 6.97 2.01
CA TRP B 4 36.58 6.35 0.80
C TRP B 4 35.59 7.30 0.13
N PRO B 5 35.71 7.63 -1.19
CA PRO B 5 34.81 8.60 -1.82
C PRO B 5 33.34 8.19 -1.90
N THR B 6 32.42 9.20 -1.93
CA THR B 6 30.98 9.00 -2.08
C THR B 6 30.48 9.14 -3.51
N GLN B 7 31.16 9.94 -4.33
CA GLN B 7 30.60 10.50 -5.55
C GLN B 7 31.27 9.78 -6.73
N ASN B 8 30.46 9.34 -7.72
CA ASN B 8 30.94 8.71 -8.94
C ASN B 8 31.75 7.45 -8.61
N MET B 9 31.19 6.62 -7.71
CA MET B 9 31.83 5.47 -7.12
C MET B 9 30.99 4.21 -7.29
N LYS B 10 30.21 4.14 -8.37
CA LYS B 10 29.32 3.03 -8.63
C LYS B 10 30.18 1.81 -8.97
N ARG B 11 29.70 0.63 -8.54
CA ARG B 11 30.36 -0.64 -8.76
C ARG B 11 29.43 -1.61 -9.50
N TYR B 12 30.01 -2.69 -9.98
CA TYR B 12 29.42 -3.58 -10.97
C TYR B 12 29.67 -5.03 -10.53
N GLU B 13 29.73 -5.31 -9.21
CA GLU B 13 29.89 -6.66 -8.71
C GLU B 13 31.30 -7.17 -9.03
N THR B 14 31.40 -8.49 -9.29
CA THR B 14 32.65 -9.22 -9.10
C THR B 14 33.70 -8.65 -10.05
N LEU B 15 34.87 -8.35 -9.44
CA LEU B 15 36.06 -7.82 -10.04
C LEU B 15 36.00 -6.30 -10.22
N SER B 16 34.93 -5.59 -9.84
CA SER B 16 34.83 -4.17 -10.13
C SER B 16 35.60 -3.32 -9.11
N TYR B 17 36.11 -3.89 -7.98
CA TYR B 17 37.01 -3.18 -7.05
C TYR B 17 38.49 -3.25 -7.45
N LEU B 18 38.84 -4.06 -8.49
CA LEU B 18 40.19 -4.21 -9.01
C LEU B 18 40.42 -3.10 -10.03
N PRO B 19 41.69 -2.83 -10.46
CA PRO B 19 41.95 -1.96 -11.60
C PRO B 19 41.26 -2.53 -12.83
N PRO B 20 40.81 -1.71 -13.82
CA PRO B 20 40.20 -2.24 -15.05
C PRO B 20 41.06 -3.33 -15.71
N LEU B 21 40.40 -4.40 -16.16
CA LEU B 21 41.11 -5.53 -16.69
C LEU B 21 41.69 -5.14 -18.04
N THR B 22 43.00 -5.38 -18.20
CA THR B 22 43.64 -5.35 -19.52
C THR B 22 43.04 -6.45 -20.41
N THR B 23 43.30 -6.32 -21.72
CA THR B 23 42.91 -7.29 -22.73
C THR B 23 43.38 -8.69 -22.36
N ASP B 24 44.62 -8.81 -21.87
CA ASP B 24 45.21 -10.08 -21.45
C ASP B 24 44.53 -10.65 -20.19
N GLN B 25 44.29 -9.82 -19.19
CA GLN B 25 43.56 -10.19 -17.98
C GLN B 25 42.14 -10.70 -18.32
N LEU B 26 41.43 -9.97 -19.19
CA LEU B 26 40.12 -10.36 -19.73
C LEU B 26 40.19 -11.72 -20.39
N ALA B 27 41.22 -11.96 -21.21
CA ALA B 27 41.38 -13.22 -21.91
C ALA B 27 41.57 -14.37 -20.93
N ARG B 28 42.31 -14.15 -19.82
CA ARG B 28 42.46 -15.18 -18.79
C ARG B 28 41.15 -15.49 -18.03
N GLN B 29 40.30 -14.47 -17.80
CA GLN B 29 38.98 -14.67 -17.17
C GLN B 29 38.05 -15.43 -18.10
N VAL B 30 38.12 -15.18 -19.42
CA VAL B 30 37.36 -15.94 -20.40
C VAL B 30 37.90 -17.36 -20.50
N ASP B 31 39.23 -17.56 -20.42
CA ASP B 31 39.83 -18.89 -20.43
C ASP B 31 39.32 -19.77 -19.27
N TYR B 32 39.15 -19.18 -18.06
CA TYR B 32 38.54 -19.84 -16.91
C TYR B 32 37.13 -20.36 -17.20
N LEU B 33 36.28 -19.55 -17.83
CA LEU B 33 34.97 -19.95 -18.32
C LEU B 33 35.07 -21.19 -19.23
N LEU B 34 35.87 -21.07 -20.31
CA LEU B 34 36.03 -22.14 -21.30
C LEU B 34 36.59 -23.42 -20.69
N ASN B 35 37.59 -23.32 -19.78
CA ASN B 35 38.14 -24.49 -19.11
C ASN B 35 37.13 -25.21 -18.23
N ASN B 36 36.14 -24.50 -17.64
CA ASN B 36 35.04 -25.09 -16.88
C ASN B 36 33.82 -25.49 -17.74
N LYS B 37 33.87 -25.37 -19.07
CA LYS B 37 32.77 -25.64 -19.99
C LYS B 37 31.55 -24.73 -19.74
N TRP B 38 31.80 -23.48 -19.30
CA TRP B 38 30.78 -22.45 -19.15
C TRP B 38 30.69 -21.71 -20.49
N VAL B 39 29.48 -21.25 -20.83
CA VAL B 39 29.18 -20.63 -22.10
C VAL B 39 29.30 -19.14 -21.82
N PRO B 40 30.25 -18.40 -22.46
CA PRO B 40 30.33 -16.97 -22.29
C PRO B 40 29.22 -16.27 -23.08
N CYS B 41 28.82 -15.11 -22.59
CA CYS B 41 27.85 -14.27 -23.27
C CYS B 41 28.15 -12.84 -22.88
N LEU B 42 27.73 -11.90 -23.72
CA LEU B 42 27.85 -10.47 -23.44
C LEU B 42 26.46 -9.89 -23.24
N GLU B 43 26.45 -8.90 -22.37
CA GLU B 43 25.27 -8.18 -21.94
C GLU B 43 25.67 -6.70 -21.91
N PHE B 44 24.78 -5.81 -22.33
CA PHE B 44 25.09 -4.39 -22.29
C PHE B 44 23.87 -3.60 -21.83
N GLU B 45 24.14 -2.37 -21.39
CA GLU B 45 23.16 -1.45 -20.86
C GLU B 45 23.61 -0.02 -21.19
N THR B 46 22.73 0.77 -21.80
CA THR B 46 22.90 2.18 -22.17
C THR B 46 22.32 3.15 -21.14
N ASP B 47 21.23 2.80 -20.41
CA ASP B 47 20.51 3.75 -19.56
C ASP B 47 21.21 3.79 -18.20
N HIS B 48 20.83 2.93 -17.23
CA HIS B 48 21.16 3.17 -15.82
C HIS B 48 22.54 2.60 -15.45
N GLY B 49 22.68 1.27 -15.46
CA GLY B 49 23.93 0.61 -15.13
C GLY B 49 24.06 0.20 -13.66
N PHE B 50 23.11 0.61 -12.79
CA PHE B 50 23.06 0.23 -11.36
C PHE B 50 21.68 -0.34 -11.07
N VAL B 51 21.49 -0.82 -9.85
CA VAL B 51 20.18 -1.35 -9.44
C VAL B 51 19.40 -0.18 -8.80
N TYR B 52 18.08 -0.20 -9.01
CA TYR B 52 17.13 0.78 -8.51
C TYR B 52 15.79 0.06 -8.37
N ARG B 53 14.77 0.80 -7.95
CA ARG B 53 13.42 0.30 -7.75
C ARG B 53 12.39 1.30 -8.28
N GLU B 54 11.83 0.99 -9.45
CA GLU B 54 10.79 1.80 -10.06
C GLU B 54 9.45 1.07 -10.03
N HIS B 55 9.38 -0.19 -10.50
CA HIS B 55 8.09 -0.82 -10.83
C HIS B 55 7.53 -1.53 -9.60
N HIS B 56 8.36 -1.94 -8.61
CA HIS B 56 7.88 -2.64 -7.42
C HIS B 56 8.91 -2.49 -6.29
N ASN B 57 8.47 -2.77 -5.06
CA ASN B 57 9.14 -2.47 -3.81
C ASN B 57 9.31 -3.69 -2.86
N SER B 58 8.81 -4.88 -3.24
CA SER B 58 8.64 -5.97 -2.30
C SER B 58 9.98 -6.71 -2.18
N PRO B 59 10.21 -7.51 -1.12
CA PRO B 59 11.49 -8.22 -0.93
C PRO B 59 12.00 -9.02 -2.14
N GLY B 60 13.29 -8.80 -2.45
CA GLY B 60 13.98 -9.43 -3.57
C GLY B 60 13.58 -8.89 -4.94
N TYR B 61 12.79 -7.83 -5.07
CA TYR B 61 12.42 -7.25 -6.36
C TYR B 61 13.35 -6.05 -6.51
N TYR B 62 14.11 -6.04 -7.62
CA TYR B 62 14.85 -4.85 -8.06
C TYR B 62 14.76 -4.75 -9.58
N ASP B 63 14.68 -3.50 -10.07
CA ASP B 63 14.93 -3.22 -11.48
C ASP B 63 16.42 -3.00 -11.70
N GLY B 64 16.82 -3.14 -12.98
CA GLY B 64 18.19 -2.88 -13.39
C GLY B 64 19.12 -4.10 -13.27
N ARG B 65 18.64 -5.30 -12.90
CA ARG B 65 19.46 -6.50 -12.83
C ARG B 65 19.67 -7.13 -14.20
N TYR B 66 18.61 -7.30 -15.01
CA TYR B 66 18.73 -7.66 -16.42
C TYR B 66 19.29 -6.47 -17.20
N TRP B 67 20.40 -6.72 -17.89
CA TRP B 67 20.82 -5.96 -19.07
C TRP B 67 20.36 -6.68 -20.35
N THR B 68 20.76 -6.12 -21.52
CA THR B 68 20.40 -6.62 -22.85
C THR B 68 21.50 -7.56 -23.37
N MET B 69 21.09 -8.63 -24.02
CA MET B 69 21.98 -9.62 -24.58
C MET B 69 22.58 -9.07 -25.85
N TRP B 70 23.92 -9.17 -25.97
CA TRP B 70 24.61 -8.93 -27.23
C TRP B 70 24.62 -10.26 -27.97
N LYS B 71 23.83 -10.37 -29.05
CA LYS B 71 23.74 -11.58 -29.84
C LYS B 71 23.21 -12.71 -28.94
N LEU B 72 23.94 -13.83 -28.89
CA LEU B 72 23.52 -15.08 -28.27
C LEU B 72 24.69 -15.57 -27.42
N PRO B 73 24.48 -16.50 -26.46
CA PRO B 73 25.61 -17.14 -25.79
C PRO B 73 26.43 -17.89 -26.84
N MET B 74 27.74 -17.94 -26.58
CA MET B 74 28.73 -18.35 -27.57
C MET B 74 29.00 -19.84 -27.34
N PHE B 75 28.02 -20.67 -27.70
CA PHE B 75 28.12 -22.13 -27.54
C PHE B 75 29.23 -22.66 -28.44
N GLY B 76 29.99 -23.66 -27.97
CA GLY B 76 31.16 -24.18 -28.70
C GLY B 76 32.21 -23.12 -29.08
N CYS B 77 32.39 -22.11 -28.22
CA CYS B 77 33.53 -21.21 -28.26
C CYS B 77 34.73 -21.97 -27.70
N THR B 78 35.85 -21.97 -28.45
CA THR B 78 37.10 -22.64 -28.07
C THR B 78 38.22 -21.68 -27.72
N ASP B 79 38.08 -20.38 -28.03
CA ASP B 79 39.15 -19.42 -28.06
C ASP B 79 38.67 -18.13 -27.41
N PRO B 80 39.34 -17.61 -26.34
CA PRO B 80 39.02 -16.29 -25.76
C PRO B 80 38.95 -15.12 -26.73
N ALA B 81 39.76 -15.17 -27.80
CA ALA B 81 39.82 -14.11 -28.80
C ALA B 81 38.46 -13.87 -29.47
N GLN B 82 37.64 -14.91 -29.66
CA GLN B 82 36.31 -14.78 -30.24
C GLN B 82 35.39 -13.94 -29.34
N VAL B 83 35.55 -14.05 -28.01
CA VAL B 83 34.79 -13.27 -27.04
C VAL B 83 35.28 -11.82 -27.10
N LEU B 84 36.61 -11.63 -27.03
CA LEU B 84 37.21 -10.30 -27.14
C LEU B 84 36.84 -9.59 -28.44
N ASN B 85 36.68 -10.32 -29.56
CA ASN B 85 36.22 -9.75 -30.83
C ASN B 85 34.78 -9.23 -30.73
N GLU B 86 33.89 -9.98 -30.06
CA GLU B 86 32.52 -9.54 -29.83
C GLU B 86 32.48 -8.32 -28.92
N LEU B 87 33.33 -8.35 -27.86
CA LEU B 87 33.50 -7.20 -26.98
C LEU B 87 33.81 -5.96 -27.78
N GLU B 88 34.75 -6.04 -28.76
CA GLU B 88 35.14 -4.92 -29.59
C GLU B 88 33.98 -4.48 -30.49
N GLU B 89 33.26 -5.43 -31.11
CA GLU B 89 32.11 -5.10 -31.93
C GLU B 89 31.01 -4.38 -31.11
N CYS B 90 30.78 -4.83 -29.86
CA CYS B 90 29.82 -4.22 -28.96
C CYS B 90 30.21 -2.79 -28.58
N LYS B 91 31.48 -2.57 -28.19
CA LYS B 91 32.01 -1.25 -27.87
C LYS B 91 31.90 -0.30 -29.06
N LYS B 92 32.08 -0.82 -30.28
CA LYS B 92 31.96 -0.06 -31.52
C LYS B 92 30.52 0.40 -31.72
N GLU B 93 29.52 -0.50 -31.56
CA GLU B 93 28.14 -0.09 -31.70
C GLU B 93 27.60 0.71 -30.52
N TYR B 94 28.05 0.44 -29.27
CA TYR B 94 27.57 1.11 -28.06
C TYR B 94 28.76 1.61 -27.26
N PRO B 95 29.46 2.68 -27.69
CA PRO B 95 30.57 3.25 -26.87
C PRO B 95 30.13 3.86 -25.52
N ASN B 96 28.86 4.31 -25.47
CA ASN B 96 28.14 4.80 -24.30
C ASN B 96 27.57 3.70 -23.37
N ALA B 97 27.75 2.40 -23.64
CA ALA B 97 27.17 1.30 -22.85
C ALA B 97 28.16 0.79 -21.81
N PHE B 98 27.59 0.30 -20.69
CA PHE B 98 28.27 -0.66 -19.82
C PHE B 98 28.17 -2.04 -20.46
N ILE B 99 29.25 -2.82 -20.40
CA ILE B 99 29.34 -4.14 -21.03
C ILE B 99 29.96 -5.07 -19.99
N ARG B 100 29.27 -6.20 -19.74
CA ARG B 100 29.81 -7.25 -18.89
C ARG B 100 29.81 -8.55 -19.67
N ILE B 101 30.72 -9.42 -19.24
CA ILE B 101 30.78 -10.79 -19.69
C ILE B 101 30.06 -11.59 -18.60
N ILE B 102 29.12 -12.44 -19.02
CA ILE B 102 28.42 -13.38 -18.15
C ILE B 102 28.73 -14.79 -18.63
N GLY B 103 28.39 -15.76 -17.76
CA GLY B 103 28.64 -17.16 -18.05
C GLY B 103 27.47 -18.01 -17.61
N PHE B 104 27.20 -19.06 -18.43
CA PHE B 104 26.15 -20.01 -18.16
C PHE B 104 26.78 -21.38 -17.96
N ASP B 105 26.41 -21.99 -16.83
CA ASP B 105 26.70 -23.39 -16.55
C ASP B 105 25.43 -24.17 -16.87
N SER B 106 25.45 -24.95 -17.95
CA SER B 106 24.33 -25.77 -18.40
C SER B 106 24.11 -26.99 -17.51
N ASN B 107 25.10 -27.37 -16.70
CA ASN B 107 25.05 -28.52 -15.81
C ASN B 107 24.35 -28.16 -14.48
N ARG B 108 24.79 -27.06 -13.84
CA ARG B 108 24.11 -26.47 -12.70
C ARG B 108 22.84 -25.73 -13.12
N GLN B 109 22.69 -25.38 -14.41
CA GLN B 109 21.50 -24.83 -15.06
C GLN B 109 21.24 -23.38 -14.64
N VAL B 110 22.32 -22.62 -14.41
CA VAL B 110 22.23 -21.26 -13.90
C VAL B 110 23.25 -20.39 -14.62
N GLN B 111 22.98 -19.07 -14.58
CA GLN B 111 24.04 -18.08 -14.73
C GLN B 111 25.02 -18.22 -13.57
N CYS B 112 26.33 -18.20 -13.85
CA CYS B 112 27.37 -18.49 -12.86
C CYS B 112 28.47 -17.44 -12.80
N VAL B 113 28.60 -16.56 -13.81
CA VAL B 113 29.62 -15.54 -13.90
C VAL B 113 28.97 -14.22 -14.32
N SER B 114 29.55 -13.11 -13.86
CA SER B 114 29.16 -11.78 -14.27
C SER B 114 30.26 -10.81 -13.78
N PHE B 115 31.02 -10.24 -14.74
CA PHE B 115 32.02 -9.21 -14.45
C PHE B 115 32.07 -8.20 -15.59
N ILE B 116 32.30 -6.95 -15.17
CA ILE B 116 32.37 -5.78 -16.03
C ILE B 116 33.62 -5.86 -16.93
N ALA B 117 33.44 -5.64 -18.25
CA ALA B 117 34.52 -5.65 -19.23
C ALA B 117 34.82 -4.26 -19.74
N TYR B 118 33.80 -3.39 -19.86
CA TYR B 118 33.98 -2.02 -20.30
C TYR B 118 32.98 -1.11 -19.59
N LYS B 119 33.47 0.06 -19.18
CA LYS B 119 32.68 1.19 -18.69
C LYS B 119 32.93 2.36 -19.63
N PRO B 120 31.95 3.24 -19.97
CA PRO B 120 32.25 4.51 -20.63
C PRO B 120 33.15 5.43 -19.78
N ALA B 121 33.77 6.43 -20.43
CA ALA B 121 34.65 7.40 -19.75
C ALA B 121 33.86 8.20 -18.70
N GLY B 122 34.51 8.46 -17.54
CA GLY B 122 33.90 9.11 -16.39
C GLY B 122 33.34 8.16 -15.32
N TYR B 123 33.51 6.83 -15.47
CA TYR B 123 32.96 5.80 -14.59
C TYR B 123 34.06 4.78 -14.21
N MET C 1 24.68 -11.50 -37.77
CA MET C 1 23.84 -11.30 -36.55
C MET C 1 23.79 -9.81 -36.27
N LYS C 2 22.62 -9.17 -36.47
CA LYS C 2 22.35 -7.82 -36.01
C LYS C 2 21.65 -7.90 -34.64
N VAL C 3 21.97 -6.95 -33.77
CA VAL C 3 21.46 -6.87 -32.42
C VAL C 3 20.37 -5.80 -32.45
N TRP C 4 19.16 -6.14 -31.95
CA TRP C 4 18.07 -5.18 -31.99
C TRP C 4 18.39 -4.05 -31.01
N PRO C 5 18.35 -2.74 -31.42
CA PRO C 5 18.69 -1.65 -30.51
C PRO C 5 17.75 -1.45 -29.32
N THR C 6 18.29 -0.87 -28.24
CA THR C 6 17.59 -0.50 -27.02
C THR C 6 17.19 0.95 -26.94
N GLN C 7 17.90 1.83 -27.65
CA GLN C 7 17.88 3.27 -27.37
C GLN C 7 17.07 3.94 -28.50
N ASN C 8 16.13 4.85 -28.14
CA ASN C 8 15.37 5.63 -29.12
C ASN C 8 14.60 4.70 -30.07
N MET C 9 13.93 3.69 -29.49
CA MET C 9 13.28 2.61 -30.21
C MET C 9 11.83 2.44 -29.73
N LYS C 10 11.20 3.55 -29.30
CA LYS C 10 9.82 3.53 -28.87
C LYS C 10 8.93 3.23 -30.08
N ARG C 11 7.84 2.49 -29.83
CA ARG C 11 6.88 2.09 -30.87
C ARG C 11 5.49 2.52 -30.46
N TYR C 12 4.58 2.48 -31.42
CA TYR C 12 3.27 3.12 -31.35
C TYR C 12 2.18 2.14 -31.77
N GLU C 13 2.32 0.84 -31.48
CA GLU C 13 1.34 -0.17 -31.85
C GLU C 13 1.23 -0.33 -33.38
N THR C 14 0.02 -0.60 -33.89
CA THR C 14 -0.18 -1.24 -35.16
C THR C 14 0.40 -0.34 -36.25
N LEU C 15 1.23 -0.98 -37.07
CA LEU C 15 1.94 -0.42 -38.22
C LEU C 15 3.27 0.25 -37.86
N SER C 16 3.63 0.40 -36.58
CA SER C 16 4.82 1.15 -36.22
C SER C 16 6.14 0.38 -36.41
N TYR C 17 6.13 -0.93 -36.71
CA TYR C 17 7.36 -1.68 -37.09
C TYR C 17 7.67 -1.62 -38.60
N LEU C 18 6.77 -1.05 -39.42
CA LEU C 18 6.93 -0.94 -40.87
C LEU C 18 7.69 0.36 -41.12
N PRO C 19 8.26 0.57 -42.36
CA PRO C 19 8.75 1.88 -42.77
C PRO C 19 7.61 2.89 -42.68
N PRO C 20 7.89 4.19 -42.39
CA PRO C 20 6.83 5.21 -42.36
C PRO C 20 5.97 5.20 -43.63
N LEU C 21 4.68 5.40 -43.43
CA LEU C 21 3.71 5.29 -44.50
C LEU C 21 3.92 6.49 -45.41
N THR C 22 4.07 6.22 -46.71
CA THR C 22 3.94 7.26 -47.74
C THR C 22 2.51 7.82 -47.71
N THR C 23 2.35 9.00 -48.33
CA THR C 23 1.05 9.65 -48.46
C THR C 23 0.03 8.72 -49.15
N ASP C 24 0.46 7.96 -50.17
CA ASP C 24 -0.39 6.97 -50.85
C ASP C 24 -0.81 5.81 -49.92
N GLN C 25 0.16 5.24 -49.20
CA GLN C 25 -0.09 4.19 -48.21
C GLN C 25 -1.09 4.64 -47.15
N LEU C 26 -0.89 5.85 -46.59
CA LEU C 26 -1.77 6.50 -45.64
C LEU C 26 -3.21 6.58 -46.18
N ALA C 27 -3.34 7.03 -47.44
CA ALA C 27 -4.63 7.17 -48.08
C ALA C 27 -5.35 5.83 -48.22
N ARG C 28 -4.61 4.74 -48.52
CA ARG C 28 -5.19 3.41 -48.62
C ARG C 28 -5.63 2.86 -47.25
N GLN C 29 -4.92 3.16 -46.15
CA GLN C 29 -5.31 2.76 -44.81
C GLN C 29 -6.59 3.50 -44.39
N VAL C 30 -6.74 4.78 -44.74
CA VAL C 30 -7.98 5.51 -44.50
C VAL C 30 -9.12 4.97 -45.37
N ASP C 31 -8.85 4.61 -46.63
CA ASP C 31 -9.86 4.00 -47.48
C ASP C 31 -10.45 2.69 -46.89
N TYR C 32 -9.59 1.86 -46.26
CA TYR C 32 -10.02 0.67 -45.53
C TYR C 32 -11.04 0.98 -44.41
N LEU C 33 -10.77 2.02 -43.59
CA LEU C 33 -11.73 2.52 -42.59
C LEU C 33 -13.08 2.85 -43.24
N LEU C 34 -13.06 3.72 -44.28
CA LEU C 34 -14.25 4.21 -44.97
C LEU C 34 -15.03 3.08 -45.65
N ASN C 35 -14.35 2.12 -46.29
CA ASN C 35 -15.02 0.98 -46.90
C ASN C 35 -15.71 0.09 -45.87
N ASN C 36 -15.22 0.00 -44.62
CA ASN C 36 -15.87 -0.71 -43.52
C ASN C 36 -16.88 0.12 -42.73
N LYS C 37 -17.21 1.36 -43.13
CA LYS C 37 -18.08 2.30 -42.43
C LYS C 37 -17.57 2.64 -41.02
N TRP C 38 -16.24 2.68 -40.82
CA TRP C 38 -15.64 3.13 -39.57
C TRP C 38 -15.41 4.63 -39.68
N VAL C 39 -15.50 5.33 -38.54
CA VAL C 39 -15.43 6.77 -38.46
C VAL C 39 -13.98 7.09 -38.14
N PRO C 40 -13.22 7.78 -39.04
CA PRO C 40 -11.85 8.16 -38.73
C PRO C 40 -11.86 9.34 -37.76
N CYS C 41 -10.81 9.38 -36.94
CA CYS C 41 -10.57 10.49 -36.04
C CYS C 41 -9.07 10.61 -35.88
N LEU C 42 -8.62 11.82 -35.57
CA LEU C 42 -7.21 12.05 -35.25
C LEU C 42 -7.07 12.36 -33.75
N GLU C 43 -5.92 11.95 -33.23
CA GLU C 43 -5.56 12.00 -31.83
C GLU C 43 -4.09 12.44 -31.81
N PHE C 44 -3.71 13.34 -30.88
CA PHE C 44 -2.35 13.82 -30.83
C PHE C 44 -1.92 13.92 -29.37
N GLU C 45 -0.59 13.91 -29.18
CA GLU C 45 0.08 13.99 -27.89
C GLU C 45 1.42 14.71 -28.04
N THR C 46 1.72 15.70 -27.19
CA THR C 46 2.98 16.47 -27.13
C THR C 46 3.93 15.95 -26.04
N ASP C 47 3.44 15.45 -24.89
CA ASP C 47 4.28 15.19 -23.71
C ASP C 47 4.96 13.80 -23.88
N HIS C 48 4.33 12.73 -23.40
CA HIS C 48 4.91 11.40 -23.37
C HIS C 48 4.11 10.67 -24.45
N GLY C 49 4.74 10.17 -25.52
CA GLY C 49 4.03 9.40 -26.55
C GLY C 49 4.00 7.89 -26.30
N PHE C 50 4.30 7.40 -25.08
CA PHE C 50 4.35 5.99 -24.72
C PHE C 50 3.48 5.81 -23.45
N VAL C 51 3.32 4.56 -23.05
CA VAL C 51 2.63 4.18 -21.83
C VAL C 51 3.60 4.21 -20.65
N TYR C 52 3.09 4.62 -19.48
CA TYR C 52 3.82 4.70 -18.22
C TYR C 52 2.80 4.56 -17.08
N ARG C 53 3.24 4.68 -15.83
CA ARG C 53 2.41 4.58 -14.64
C ARG C 53 2.82 5.62 -13.62
N GLU C 54 1.99 6.66 -13.49
CA GLU C 54 2.18 7.72 -12.50
C GLU C 54 1.11 7.61 -11.41
N HIS C 55 -0.19 7.57 -11.78
CA HIS C 55 -1.27 7.86 -10.84
C HIS C 55 -1.75 6.60 -10.12
N HIS C 56 -1.49 5.38 -10.64
CA HIS C 56 -1.94 4.13 -10.05
C HIS C 56 -1.15 2.95 -10.65
N ASN C 57 -1.14 1.81 -9.94
CA ASN C 57 -0.31 0.64 -10.28
C ASN C 57 -1.08 -0.68 -10.34
N SER C 58 -2.42 -0.66 -10.27
CA SER C 58 -3.19 -1.89 -10.17
C SER C 58 -3.35 -2.52 -11.56
N PRO C 59 -3.69 -3.82 -11.70
CA PRO C 59 -3.81 -4.46 -13.00
C PRO C 59 -4.70 -3.73 -14.01
N GLY C 60 -4.17 -3.64 -15.25
CA GLY C 60 -4.82 -3.00 -16.36
C GLY C 60 -4.88 -1.46 -16.25
N TYR C 61 -4.22 -0.79 -15.28
CA TYR C 61 -4.22 0.64 -15.14
C TYR C 61 -2.89 1.04 -15.76
N TYR C 62 -2.94 1.94 -16.76
CA TYR C 62 -1.79 2.64 -17.28
C TYR C 62 -2.19 4.07 -17.60
N ASP C 63 -1.24 5.00 -17.40
CA ASP C 63 -1.30 6.32 -17.98
C ASP C 63 -0.73 6.30 -19.38
N GLY C 64 -1.09 7.32 -20.16
CA GLY C 64 -0.53 7.53 -21.49
C GLY C 64 -1.29 6.82 -22.61
N ARG C 65 -2.44 6.16 -22.32
CA ARG C 65 -3.25 5.51 -23.33
C ARG C 65 -4.16 6.51 -24.04
N TYR C 66 -4.84 7.40 -23.32
CA TYR C 66 -5.54 8.54 -23.88
C TYR C 66 -4.52 9.55 -24.39
N TRP C 67 -4.58 9.87 -25.68
CA TRP C 67 -4.13 11.12 -26.23
C TRP C 67 -5.34 12.06 -26.41
N THR C 68 -5.11 13.25 -27.04
CA THR C 68 -6.09 14.30 -27.20
C THR C 68 -6.70 14.20 -28.60
N MET C 69 -8.01 14.38 -28.69
CA MET C 69 -8.76 14.35 -29.93
C MET C 69 -8.44 15.63 -30.71
N TRP C 70 -8.15 15.50 -32.01
CA TRP C 70 -8.09 16.64 -32.92
C TRP C 70 -9.51 16.83 -33.46
N LYS C 71 -10.17 17.92 -33.04
CA LYS C 71 -11.52 18.20 -33.48
C LYS C 71 -12.46 17.08 -32.99
N LEU C 72 -13.19 16.44 -33.90
CA LEU C 72 -14.22 15.47 -33.63
C LEU C 72 -14.01 14.33 -34.61
N PRO C 73 -14.64 13.13 -34.38
CA PRO C 73 -14.65 12.09 -35.40
C PRO C 73 -15.37 12.65 -36.63
N MET C 74 -14.91 12.18 -37.80
CA MET C 74 -15.29 12.74 -39.09
C MET C 74 -16.44 11.87 -39.60
N PHE C 75 -17.62 12.08 -39.00
CA PHE C 75 -18.84 11.40 -39.40
C PHE C 75 -19.23 11.89 -40.80
N GLY C 76 -19.77 10.99 -41.62
CA GLY C 76 -20.03 11.27 -43.03
C GLY C 76 -18.82 11.69 -43.85
N CYS C 77 -17.62 11.21 -43.52
CA CYS C 77 -16.45 11.32 -44.39
C CYS C 77 -16.58 10.26 -45.48
N THR C 78 -16.47 10.65 -46.76
CA THR C 78 -16.49 9.73 -47.91
C THR C 78 -15.15 9.67 -48.64
N ASP C 79 -14.19 10.57 -48.36
CA ASP C 79 -13.00 10.76 -49.17
C ASP C 79 -11.76 10.77 -48.25
N PRO C 80 -10.75 9.89 -48.46
CA PRO C 80 -9.51 9.90 -47.69
C PRO C 80 -8.78 11.24 -47.60
N ALA C 81 -8.88 12.03 -48.67
CA ALA C 81 -8.19 13.31 -48.76
C ALA C 81 -8.62 14.28 -47.65
N GLN C 82 -9.88 14.23 -47.21
CA GLN C 82 -10.37 15.05 -46.10
C GLN C 82 -9.61 14.73 -44.80
N VAL C 83 -9.26 13.45 -44.58
CA VAL C 83 -8.52 13.01 -43.40
C VAL C 83 -7.08 13.51 -43.51
N LEU C 84 -6.45 13.26 -44.69
CA LEU C 84 -5.09 13.73 -44.95
C LEU C 84 -4.96 15.24 -44.80
N ASN C 85 -6.00 16.02 -45.17
CA ASN C 85 -6.03 17.48 -44.96
C ASN C 85 -6.02 17.84 -43.48
N GLU C 86 -6.81 17.14 -42.64
CA GLU C 86 -6.79 17.35 -41.19
C GLU C 86 -5.44 16.96 -40.59
N LEU C 87 -4.85 15.85 -41.08
CA LEU C 87 -3.52 15.46 -40.67
C LEU C 87 -2.54 16.61 -40.89
N GLU C 88 -2.60 17.28 -42.07
CA GLU C 88 -1.71 18.40 -42.39
C GLU C 88 -1.98 19.59 -41.47
N GLU C 89 -3.27 19.90 -41.23
CA GLU C 89 -3.62 21.00 -40.33
C GLU C 89 -3.10 20.74 -38.90
N CYS C 90 -3.22 19.48 -38.42
CA CYS C 90 -2.72 19.08 -37.11
C CYS C 90 -1.20 19.19 -36.99
N LYS C 91 -0.46 18.67 -37.99
CA LYS C 91 1.00 18.79 -38.06
C LYS C 91 1.45 20.25 -38.07
N LYS C 92 0.66 21.14 -38.71
CA LYS C 92 0.94 22.57 -38.76
C LYS C 92 0.78 23.17 -37.36
N GLU C 93 -0.32 22.86 -36.65
CA GLU C 93 -0.49 23.39 -35.30
C GLU C 93 0.44 22.72 -34.27
N TYR C 94 0.74 21.42 -34.40
CA TYR C 94 1.57 20.67 -33.44
C TYR C 94 2.67 19.92 -34.19
N PRO C 95 3.73 20.61 -34.70
CA PRO C 95 4.85 19.90 -35.37
C PRO C 95 5.68 18.98 -34.44
N ASN C 96 5.69 19.32 -33.15
CA ASN C 96 6.25 18.58 -32.03
C ASN C 96 5.37 17.41 -31.51
N ALA C 97 4.18 17.12 -32.07
CA ALA C 97 3.29 16.10 -31.55
C ALA C 97 3.45 14.78 -32.27
N PHE C 98 3.12 13.70 -31.56
CA PHE C 98 2.75 12.42 -32.18
C PHE C 98 1.30 12.50 -32.59
N ILE C 99 0.99 11.93 -33.76
CA ILE C 99 -0.36 11.96 -34.32
C ILE C 99 -0.65 10.54 -34.82
N ARG C 100 -1.80 10.00 -34.41
CA ARG C 100 -2.30 8.73 -34.88
C ARG C 100 -3.71 8.95 -35.42
N ILE C 101 -4.05 8.07 -36.34
CA ILE C 101 -5.39 7.95 -36.88
C ILE C 101 -6.02 6.82 -36.09
N ILE C 102 -7.24 7.07 -35.58
CA ILE C 102 -8.04 6.05 -34.91
C ILE C 102 -9.33 5.88 -35.72
N GLY C 103 -10.00 4.75 -35.42
CA GLY C 103 -11.27 4.45 -36.05
C GLY C 103 -12.29 4.00 -35.01
N PHE C 104 -13.57 4.37 -35.21
CA PHE C 104 -14.69 3.97 -34.38
C PHE C 104 -15.64 3.16 -35.25
N ASP C 105 -15.95 1.95 -34.75
CA ASP C 105 -16.99 1.11 -35.27
C ASP C 105 -18.22 1.35 -34.39
N SER C 106 -19.23 2.09 -34.92
CA SER C 106 -20.44 2.43 -34.20
C SER C 106 -21.37 1.21 -34.03
N ASN C 107 -21.14 0.14 -34.79
CA ASN C 107 -21.92 -1.09 -34.76
C ASN C 107 -21.41 -2.04 -33.66
N ARG C 108 -20.10 -2.30 -33.62
CA ARG C 108 -19.45 -3.02 -32.51
C ARG C 108 -19.34 -2.16 -31.24
N GLN C 109 -19.46 -0.80 -31.41
CA GLN C 109 -19.58 0.19 -30.34
C GLN C 109 -18.24 0.39 -29.63
N VAL C 110 -17.13 0.26 -30.37
CA VAL C 110 -15.79 0.41 -29.81
C VAL C 110 -14.92 1.18 -30.78
N GLN C 111 -13.82 1.73 -30.25
CA GLN C 111 -12.66 2.02 -31.07
C GLN C 111 -12.10 0.73 -31.67
N CYS C 112 -11.74 0.74 -32.96
CA CYS C 112 -11.36 -0.46 -33.71
C CYS C 112 -10.02 -0.34 -34.44
N VAL C 113 -9.43 0.87 -34.55
CA VAL C 113 -8.22 1.15 -35.31
C VAL C 113 -7.42 2.14 -34.47
N SER C 114 -6.09 2.04 -34.55
CA SER C 114 -5.16 3.01 -34.00
C SER C 114 -3.78 2.78 -34.65
N PHE C 115 -3.35 3.70 -35.55
CA PHE C 115 -2.03 3.64 -36.17
C PHE C 115 -1.41 5.01 -36.28
N ILE C 116 -0.08 5.03 -36.09
CA ILE C 116 0.73 6.24 -36.13
C ILE C 116 0.77 6.82 -37.56
N ALA C 117 0.50 8.13 -37.72
CA ALA C 117 0.54 8.83 -38.99
C ALA C 117 1.75 9.76 -39.07
N TYR C 118 2.14 10.39 -37.95
CA TYR C 118 3.28 11.28 -37.91
C TYR C 118 3.98 11.17 -36.56
N LYS C 119 5.31 11.13 -36.62
CA LYS C 119 6.22 11.28 -35.49
C LYS C 119 7.07 12.53 -35.74
N PRO C 120 7.43 13.37 -34.74
CA PRO C 120 8.47 14.39 -34.93
C PRO C 120 9.84 13.77 -35.29
N ALA C 121 10.75 14.61 -35.80
CA ALA C 121 12.12 14.22 -36.10
C ALA C 121 12.84 13.76 -34.81
N GLY C 122 13.67 12.72 -34.95
CA GLY C 122 14.36 12.07 -33.83
C GLY C 122 13.66 10.80 -33.30
N TYR C 123 12.52 10.38 -33.88
CA TYR C 123 11.69 9.28 -33.35
C TYR C 123 11.28 8.30 -34.48
N MET D 1 -13.60 25.63 -36.70
CA MET D 1 -13.52 24.63 -35.60
C MET D 1 -12.11 24.68 -34.99
N LYS D 2 -11.98 25.21 -33.76
CA LYS D 2 -10.72 25.27 -33.05
C LYS D 2 -10.60 24.06 -32.09
N VAL D 3 -9.36 23.59 -31.93
CA VAL D 3 -8.98 22.60 -30.95
C VAL D 3 -8.42 23.35 -29.74
N TRP D 4 -8.92 23.06 -28.55
CA TRP D 4 -8.41 23.65 -27.34
C TRP D 4 -6.97 23.14 -27.10
N PRO D 5 -5.95 24.03 -26.87
CA PRO D 5 -4.58 23.57 -26.68
C PRO D 5 -4.31 22.72 -25.43
N THR D 6 -3.27 21.87 -25.48
CA THR D 6 -2.85 20.99 -24.38
C THR D 6 -1.66 21.52 -23.60
N GLN D 7 -0.84 22.37 -24.22
CA GLN D 7 0.52 22.66 -23.77
C GLN D 7 0.51 24.09 -23.20
N ASN D 8 1.09 24.29 -22.01
CA ASN D 8 1.23 25.58 -21.37
C ASN D 8 -0.15 26.24 -21.16
N MET D 9 -1.10 25.45 -20.64
CA MET D 9 -2.51 25.80 -20.50
C MET D 9 -2.98 25.59 -19.07
N LYS D 10 -2.09 25.79 -18.09
CA LYS D 10 -2.41 25.62 -16.69
C LYS D 10 -3.34 26.77 -16.29
N ARG D 11 -4.27 26.47 -15.38
CA ARG D 11 -5.26 27.43 -14.88
C ARG D 11 -5.18 27.49 -13.36
N TYR D 12 -5.84 28.51 -12.81
CA TYR D 12 -5.65 28.96 -11.44
C TYR D 12 -7.03 29.18 -10.80
N GLU D 13 -8.06 28.41 -11.18
CA GLU D 13 -9.39 28.55 -10.60
C GLU D 13 -10.02 29.90 -10.98
N THR D 14 -10.80 30.48 -10.07
CA THR D 14 -11.86 31.40 -10.45
C THR D 14 -11.23 32.64 -11.10
N LEU D 15 -11.76 32.97 -12.28
CA LEU D 15 -11.42 34.06 -13.17
C LEU D 15 -10.24 33.76 -14.08
N SER D 16 -9.56 32.62 -13.98
CA SER D 16 -8.39 32.36 -14.81
C SER D 16 -8.76 31.96 -16.26
N TYR D 17 -10.04 31.72 -16.63
CA TYR D 17 -10.41 31.55 -18.06
C TYR D 17 -10.72 32.88 -18.77
N LEU D 18 -10.78 34.02 -18.05
CA LEU D 18 -10.98 35.35 -18.61
C LEU D 18 -9.62 35.91 -19.04
N PRO D 19 -9.56 37.03 -19.85
CA PRO D 19 -8.31 37.75 -20.09
C PRO D 19 -7.72 38.21 -18.76
N PRO D 20 -6.37 38.33 -18.61
CA PRO D 20 -5.79 38.84 -17.36
C PRO D 20 -6.44 40.16 -16.91
N LEU D 21 -6.67 40.28 -15.60
CA LEU D 21 -7.37 41.42 -15.08
C LEU D 21 -6.47 42.63 -15.24
N THR D 22 -7.02 43.71 -15.86
CA THR D 22 -6.42 45.04 -15.80
C THR D 22 -6.40 45.50 -14.33
N THR D 23 -5.58 46.51 -14.08
CA THR D 23 -5.43 47.11 -12.76
C THR D 23 -6.80 47.62 -12.25
N ASP D 24 -7.65 48.19 -13.14
CA ASP D 24 -9.01 48.62 -12.81
C ASP D 24 -9.94 47.46 -12.46
N GLN D 25 -9.93 46.41 -13.29
CA GLN D 25 -10.71 45.19 -13.06
C GLN D 25 -10.34 44.53 -11.72
N LEU D 26 -9.04 44.47 -11.41
CA LEU D 26 -8.49 43.98 -10.15
C LEU D 26 -9.05 44.79 -8.98
N ALA D 27 -9.03 46.13 -9.11
CA ALA D 27 -9.53 47.01 -8.08
C ALA D 27 -11.03 46.79 -7.84
N ARG D 28 -11.83 46.51 -8.87
CA ARG D 28 -13.27 46.22 -8.74
C ARG D 28 -13.51 44.87 -8.03
N GLN D 29 -12.67 43.85 -8.27
CA GLN D 29 -12.79 42.57 -7.57
C GLN D 29 -12.42 42.73 -6.11
N VAL D 30 -11.42 43.58 -5.78
CA VAL D 30 -11.08 43.88 -4.40
C VAL D 30 -12.20 44.66 -3.73
N ASP D 31 -12.85 45.59 -4.45
CA ASP D 31 -13.98 46.35 -3.93
C ASP D 31 -15.15 45.43 -3.50
N TYR D 32 -15.44 44.37 -4.28
CA TYR D 32 -16.42 43.33 -3.95
C TYR D 32 -16.11 42.65 -2.61
N LEU D 33 -14.85 42.29 -2.35
CA LEU D 33 -14.39 41.79 -1.05
C LEU D 33 -14.73 42.78 0.06
N LEU D 34 -14.25 44.03 -0.07
CA LEU D 34 -14.44 45.06 0.94
C LEU D 34 -15.92 45.39 1.20
N ASN D 35 -16.75 45.45 0.14
CA ASN D 35 -18.18 45.69 0.29
C ASN D 35 -18.90 44.56 1.03
N ASN D 36 -18.41 43.32 0.96
CA ASN D 36 -18.98 42.18 1.70
C ASN D 36 -18.33 42.00 3.08
N LYS D 37 -17.43 42.90 3.53
CA LYS D 37 -16.66 42.81 4.77
C LYS D 37 -15.78 41.56 4.81
N TRP D 38 -15.24 41.14 3.65
CA TRP D 38 -14.25 40.07 3.55
C TRP D 38 -12.87 40.71 3.69
N VAL D 39 -11.92 39.96 4.28
CA VAL D 39 -10.60 40.44 4.58
C VAL D 39 -9.74 39.96 3.42
N PRO D 40 -9.16 40.86 2.58
CA PRO D 40 -8.27 40.44 1.51
C PRO D 40 -6.91 40.01 2.07
N CYS D 41 -6.30 39.08 1.36
CA CYS D 41 -4.96 38.65 1.68
C CYS D 41 -4.31 38.26 0.37
N LEU D 42 -2.99 38.33 0.35
CA LEU D 42 -2.21 37.83 -0.79
C LEU D 42 -1.46 36.57 -0.38
N GLU D 43 -1.29 35.75 -1.41
CA GLU D 43 -0.63 34.45 -1.32
C GLU D 43 0.25 34.35 -2.55
N PHE D 44 1.45 33.78 -2.41
CA PHE D 44 2.33 33.61 -3.57
C PHE D 44 3.01 32.24 -3.51
N GLU D 45 3.49 31.81 -4.70
CA GLU D 45 4.18 30.53 -4.89
C GLU D 45 5.23 30.70 -5.98
N THR D 46 6.48 30.25 -5.74
CA THR D 46 7.62 30.26 -6.66
C THR D 46 7.81 28.91 -7.36
N ASP D 47 7.51 27.76 -6.71
CA ASP D 47 7.88 26.44 -7.24
C ASP D 47 6.80 25.97 -8.22
N HIS D 48 5.81 25.20 -7.75
CA HIS D 48 4.80 24.59 -8.60
C HIS D 48 3.55 25.42 -8.37
N GLY D 49 2.99 26.06 -9.40
CA GLY D 49 1.74 26.81 -9.25
C GLY D 49 0.44 26.00 -9.51
N PHE D 50 0.53 24.66 -9.56
CA PHE D 50 -0.55 23.73 -9.86
C PHE D 50 -0.60 22.71 -8.72
N VAL D 51 -1.64 21.89 -8.76
CA VAL D 51 -1.84 20.80 -7.81
C VAL D 51 -1.11 19.56 -8.34
N TYR D 52 -0.59 18.78 -7.38
CA TYR D 52 0.12 17.53 -7.64
C TYR D 52 -0.05 16.67 -6.39
N ARG D 53 0.56 15.48 -6.42
CA ARG D 53 0.50 14.52 -5.33
C ARG D 53 1.87 13.90 -5.14
N GLU D 54 2.57 14.36 -4.09
CA GLU D 54 3.88 13.85 -3.74
C GLU D 54 3.84 13.08 -2.44
N HIS D 55 3.27 13.67 -1.37
CA HIS D 55 3.45 13.15 -0.01
C HIS D 55 2.40 12.08 0.33
N HIS D 56 1.22 12.07 -0.32
CA HIS D 56 0.15 11.11 -0.01
C HIS D 56 -0.81 11.03 -1.22
N ASN D 57 -1.66 10.01 -1.23
CA ASN D 57 -2.46 9.59 -2.37
C ASN D 57 -3.96 9.41 -2.09
N SER D 58 -4.40 9.58 -0.84
CA SER D 58 -5.73 9.13 -0.39
C SER D 58 -6.77 10.17 -0.81
N PRO D 59 -8.08 9.84 -0.84
CA PRO D 59 -9.11 10.80 -1.30
C PRO D 59 -9.12 12.18 -0.63
N GLY D 60 -9.16 13.23 -1.47
CA GLY D 60 -9.13 14.61 -1.04
C GLY D 60 -7.78 15.11 -0.56
N TYR D 61 -6.68 14.33 -0.64
CA TYR D 61 -5.32 14.81 -0.33
C TYR D 61 -4.71 15.25 -1.65
N TYR D 62 -4.27 16.51 -1.70
CA TYR D 62 -3.42 17.04 -2.75
C TYR D 62 -2.37 17.96 -2.11
N ASP D 63 -1.16 17.95 -2.68
CA ASP D 63 -0.17 18.98 -2.45
C ASP D 63 -0.40 20.13 -3.42
N GLY D 64 0.16 21.29 -3.05
CA GLY D 64 0.12 22.47 -3.90
C GLY D 64 -1.13 23.34 -3.73
N ARG D 65 -2.01 23.07 -2.76
CA ARG D 65 -3.18 23.90 -2.46
C ARG D 65 -2.79 25.12 -1.62
N TYR D 66 -2.04 24.92 -0.53
CA TYR D 66 -1.43 26.03 0.21
C TYR D 66 -0.31 26.65 -0.60
N TRP D 67 -0.45 27.96 -0.85
CA TRP D 67 0.67 28.84 -1.17
C TRP D 67 1.15 29.55 0.10
N THR D 68 2.11 30.50 -0.05
CA THR D 68 2.70 31.23 1.07
C THR D 68 1.99 32.57 1.23
N MET D 69 1.72 32.96 2.47
CA MET D 69 1.05 34.20 2.80
C MET D 69 2.02 35.35 2.61
N TRP D 70 1.58 36.40 1.90
CA TRP D 70 2.35 37.66 1.85
C TRP D 70 1.91 38.51 3.04
N LYS D 71 2.79 38.67 4.04
CA LYS D 71 2.45 39.46 5.22
C LYS D 71 1.28 38.80 5.95
N LEU D 72 0.22 39.58 6.23
CA LEU D 72 -0.93 39.18 7.01
C LEU D 72 -2.18 39.54 6.21
N PRO D 73 -3.37 38.95 6.53
CA PRO D 73 -4.62 39.48 5.99
C PRO D 73 -4.77 40.94 6.44
N MET D 74 -5.42 41.70 5.55
CA MET D 74 -5.45 43.17 5.63
C MET D 74 -6.72 43.55 6.34
N PHE D 75 -6.75 43.32 7.64
CA PHE D 75 -7.89 43.65 8.49
C PHE D 75 -8.10 45.16 8.52
N GLY D 76 -9.37 45.61 8.51
CA GLY D 76 -9.69 47.04 8.45
C GLY D 76 -9.09 47.81 7.25
N CYS D 77 -8.96 47.12 6.10
CA CYS D 77 -8.64 47.73 4.83
C CYS D 77 -9.93 48.40 4.33
N THR D 78 -9.84 49.67 3.93
CA THR D 78 -10.99 50.45 3.43
C THR D 78 -10.92 50.77 1.93
N ASP D 79 -9.75 50.54 1.30
CA ASP D 79 -9.40 51.12 0.02
C ASP D 79 -8.75 50.02 -0.82
N PRO D 80 -9.25 49.70 -2.05
CA PRO D 80 -8.59 48.76 -2.95
C PRO D 80 -7.11 49.02 -3.24
N ALA D 81 -6.74 50.32 -3.28
CA ALA D 81 -5.36 50.74 -3.56
C ALA D 81 -4.35 50.13 -2.60
N GLN D 82 -4.71 49.89 -1.33
CA GLN D 82 -3.80 49.31 -0.34
C GLN D 82 -3.44 47.88 -0.73
N VAL D 83 -4.41 47.14 -1.34
CA VAL D 83 -4.19 45.77 -1.80
C VAL D 83 -3.29 45.80 -3.01
N LEU D 84 -3.64 46.65 -3.99
CA LEU D 84 -2.87 46.79 -5.23
C LEU D 84 -1.45 47.24 -4.96
N ASN D 85 -1.20 48.05 -3.88
CA ASN D 85 0.14 48.41 -3.44
C ASN D 85 0.94 47.22 -2.95
N GLU D 86 0.29 46.33 -2.15
CA GLU D 86 0.94 45.11 -1.68
C GLU D 86 1.23 44.18 -2.85
N LEU D 87 0.28 44.08 -3.79
CA LEU D 87 0.50 43.33 -5.03
C LEU D 87 1.78 43.78 -5.72
N GLU D 88 2.00 45.11 -5.85
CA GLU D 88 3.19 45.63 -6.49
C GLU D 88 4.45 45.32 -5.67
N GLU D 89 4.38 45.46 -4.34
CA GLU D 89 5.51 45.10 -3.49
C GLU D 89 5.88 43.61 -3.63
N CYS D 90 4.86 42.73 -3.69
CA CYS D 90 5.06 41.30 -3.86
C CYS D 90 5.71 40.95 -5.21
N LYS D 91 5.19 41.53 -6.30
CA LYS D 91 5.76 41.39 -7.65
C LYS D 91 7.22 41.85 -7.70
N LYS D 92 7.55 42.92 -6.97
CA LYS D 92 8.91 43.44 -6.87
C LYS D 92 9.82 42.42 -6.17
N GLU D 93 9.41 41.84 -5.04
CA GLU D 93 10.24 40.86 -4.36
C GLU D 93 10.25 39.50 -5.09
N TYR D 94 9.14 39.07 -5.71
CA TYR D 94 9.03 37.76 -6.36
C TYR D 94 8.47 37.94 -7.77
N PRO D 95 9.25 38.45 -8.74
CA PRO D 95 8.76 38.56 -10.14
C PRO D 95 8.51 37.22 -10.84
N ASN D 96 9.21 36.17 -10.37
CA ASN D 96 9.07 34.77 -10.75
C ASN D 96 7.92 34.01 -10.03
N ALA D 97 7.11 34.65 -9.16
CA ALA D 97 6.05 33.98 -8.41
C ALA D 97 4.71 34.13 -9.11
N PHE D 98 3.84 33.13 -8.89
CA PHE D 98 2.39 33.29 -9.05
C PHE D 98 1.86 33.99 -7.81
N ILE D 99 0.90 34.91 -7.99
CA ILE D 99 0.32 35.67 -6.89
C ILE D 99 -1.21 35.66 -7.10
N ARG D 100 -1.95 35.30 -6.03
CA ARG D 100 -3.40 35.37 -6.02
C ARG D 100 -3.86 36.20 -4.84
N ILE D 101 -5.03 36.77 -5.01
CA ILE D 101 -5.75 37.46 -3.95
C ILE D 101 -6.74 36.42 -3.42
N ILE D 102 -6.76 36.27 -2.09
CA ILE D 102 -7.71 35.43 -1.38
C ILE D 102 -8.52 36.33 -0.46
N GLY D 103 -9.64 35.79 0.02
CA GLY D 103 -10.51 36.51 0.95
C GLY D 103 -10.96 35.60 2.07
N PHE D 104 -11.08 36.19 3.27
CA PHE D 104 -11.56 35.48 4.45
C PHE D 104 -12.86 36.15 4.85
N ASP D 105 -13.89 35.31 5.01
CA ASP D 105 -15.16 35.66 5.63
C ASP D 105 -15.09 35.20 7.08
N SER D 106 -14.94 36.15 8.02
CA SER D 106 -14.85 35.86 9.45
C SER D 106 -16.20 35.42 10.04
N ASN D 107 -17.32 35.66 9.35
CA ASN D 107 -18.66 35.32 9.79
C ASN D 107 -19.02 33.86 9.45
N ARG D 108 -18.80 33.48 8.17
CA ARG D 108 -18.89 32.08 7.75
C ARG D 108 -17.69 31.26 8.23
N GLN D 109 -16.57 31.93 8.62
CA GLN D 109 -15.37 31.36 9.25
C GLN D 109 -14.55 30.52 8.26
N VAL D 110 -14.50 30.94 7.00
CA VAL D 110 -13.82 30.22 5.95
C VAL D 110 -13.08 31.21 5.06
N GLN D 111 -12.08 30.69 4.34
CA GLN D 111 -11.64 31.32 3.11
C GLN D 111 -12.78 31.26 2.09
N CYS D 112 -13.04 32.36 1.37
CA CYS D 112 -14.21 32.49 0.51
C CYS D 112 -13.90 32.96 -0.90
N VAL D 113 -12.68 33.47 -1.17
CA VAL D 113 -12.27 33.97 -2.47
C VAL D 113 -10.86 33.45 -2.74
N SER D 114 -10.54 33.27 -4.01
CA SER D 114 -9.21 32.94 -4.51
C SER D 114 -9.21 33.17 -6.03
N PHE D 115 -8.45 34.19 -6.50
CA PHE D 115 -8.26 34.45 -7.92
C PHE D 115 -6.86 34.98 -8.18
N ILE D 116 -6.33 34.58 -9.34
CA ILE D 116 -4.98 34.93 -9.79
C ILE D 116 -4.90 36.43 -10.12
N ALA D 117 -3.89 37.13 -9.59
CA ALA D 117 -3.62 38.53 -9.82
C ALA D 117 -2.41 38.71 -10.75
N TYR D 118 -1.38 37.86 -10.66
CA TYR D 118 -0.20 37.93 -11.51
C TYR D 118 0.34 36.52 -11.76
N LYS D 119 0.75 36.27 -13.01
CA LYS D 119 1.52 35.12 -13.45
C LYS D 119 2.85 35.64 -14.01
N PRO D 120 4.01 34.95 -13.84
CA PRO D 120 5.22 35.30 -14.61
C PRO D 120 5.02 35.13 -16.12
N ALA D 121 5.92 35.75 -16.91
CA ALA D 121 5.90 35.66 -18.37
C ALA D 121 6.11 34.19 -18.81
N GLY D 122 5.39 33.81 -19.89
CA GLY D 122 5.34 32.46 -20.41
C GLY D 122 4.18 31.61 -19.90
N TYR D 123 3.25 32.18 -19.10
CA TYR D 123 2.13 31.45 -18.48
C TYR D 123 0.81 32.19 -18.72
N TYR E 20 -6.62 -1.61 64.74
CA TYR E 20 -5.93 -0.83 63.67
C TYR E 20 -4.48 -0.50 64.08
N LYS E 21 -4.24 0.01 65.31
CA LYS E 21 -2.93 0.49 65.75
C LYS E 21 -1.85 -0.60 65.64
N LEU E 22 -2.06 -1.77 66.27
CA LEU E 22 -1.00 -2.78 66.44
C LEU E 22 -0.69 -3.56 65.14
N THR E 23 -1.68 -3.75 64.25
CA THR E 23 -1.50 -4.47 62.98
C THR E 23 -0.76 -3.60 61.94
N TYR E 24 -1.11 -2.29 61.79
CA TYR E 24 -0.78 -1.50 60.61
C TYR E 24 0.31 -0.45 60.81
N TYR E 25 0.64 -0.05 62.05
CA TYR E 25 1.75 0.82 62.33
C TYR E 25 2.92 -0.06 62.75
N THR E 26 3.94 -0.18 61.91
CA THR E 26 5.04 -1.13 62.09
C THR E 26 6.34 -0.36 61.95
N PRO E 27 6.73 0.51 62.94
CA PRO E 27 7.97 1.29 62.86
C PRO E 27 9.29 0.53 62.71
N GLU E 28 9.31 -0.73 63.12
CA GLU E 28 10.45 -1.63 62.99
C GLU E 28 10.58 -2.26 61.59
N TYR E 29 9.58 -2.10 60.68
CA TYR E 29 9.57 -2.79 59.39
C TYR E 29 10.71 -2.28 58.49
N GLU E 30 11.50 -3.22 57.96
CA GLU E 30 12.52 -2.95 56.95
C GLU E 30 11.86 -3.10 55.57
N THR E 31 11.86 -2.05 54.75
CA THR E 31 11.24 -2.09 53.43
C THR E 31 11.98 -3.10 52.53
N LEU E 32 11.24 -3.88 51.74
CA LEU E 32 11.83 -4.77 50.74
C LEU E 32 12.05 -3.98 49.45
N ASP E 33 12.96 -4.47 48.61
CA ASP E 33 13.23 -3.91 47.30
C ASP E 33 12.07 -4.08 46.32
N THR E 34 11.16 -5.04 46.56
CA THR E 34 9.96 -5.25 45.76
C THR E 34 8.75 -4.41 46.23
N ASP E 35 8.82 -3.68 47.37
CA ASP E 35 7.67 -2.99 47.94
C ASP E 35 7.44 -1.72 47.15
N ILE E 36 6.18 -1.37 46.96
CA ILE E 36 5.76 -0.03 46.57
C ILE E 36 5.73 0.78 47.88
N LEU E 37 6.43 1.92 47.89
CA LEU E 37 6.44 2.82 49.05
C LEU E 37 5.62 4.04 48.65
N ALA E 38 4.74 4.50 49.55
CA ALA E 38 3.99 5.73 49.37
C ALA E 38 4.35 6.72 50.49
N ALA E 39 4.55 8.00 50.13
CA ALA E 39 4.60 9.10 51.09
C ALA E 39 3.28 9.87 51.03
N PHE E 40 2.48 9.78 52.11
CA PHE E 40 1.22 10.51 52.22
C PHE E 40 1.39 11.70 53.17
N ARG E 41 0.87 12.87 52.76
CA ARG E 41 0.72 14.00 53.62
C ARG E 41 -0.65 13.88 54.28
N VAL E 42 -0.65 13.64 55.59
CA VAL E 42 -1.79 13.23 56.38
C VAL E 42 -2.13 14.38 57.31
N SER E 43 -3.42 14.81 57.25
CA SER E 43 -3.99 15.89 58.05
C SER E 43 -5.08 15.22 58.90
N PRO E 44 -4.78 14.68 60.11
CA PRO E 44 -5.78 13.96 60.89
C PRO E 44 -6.89 14.88 61.41
N GLN E 45 -8.04 14.28 61.74
CA GLN E 45 -9.11 14.96 62.46
C GLN E 45 -8.58 15.36 63.85
N PRO E 46 -8.97 16.52 64.47
CA PRO E 46 -8.47 16.91 65.81
C PRO E 46 -8.59 15.81 66.86
N GLY E 47 -7.51 15.55 67.60
CA GLY E 47 -7.46 14.48 68.59
C GLY E 47 -7.25 13.06 68.04
N VAL E 48 -7.02 12.87 66.71
CA VAL E 48 -6.58 11.59 66.18
C VAL E 48 -5.07 11.67 66.21
N PRO E 49 -4.34 10.86 67.03
CA PRO E 49 -2.88 10.95 67.08
C PRO E 49 -2.28 10.40 65.78
N PRO E 50 -1.02 10.80 65.46
CA PRO E 50 -0.40 10.42 64.19
C PRO E 50 -0.36 8.91 63.91
N GLU E 51 0.02 8.13 64.94
CA GLU E 51 0.21 6.69 64.85
C GLU E 51 -1.09 6.03 64.39
N GLU E 52 -2.24 6.46 64.93
CA GLU E 52 -3.54 6.00 64.48
C GLU E 52 -3.86 6.45 63.05
N ALA E 53 -3.57 7.71 62.71
CA ALA E 53 -3.77 8.24 61.36
C ALA E 53 -3.02 7.39 60.33
N GLY E 54 -1.75 7.11 60.65
CA GLY E 54 -0.84 6.34 59.82
C GLY E 54 -1.28 4.91 59.64
N ALA E 55 -1.67 4.29 60.73
CA ALA E 55 -2.25 2.95 60.65
C ALA E 55 -3.54 2.95 59.81
N ALA E 56 -4.40 3.95 60.01
CA ALA E 56 -5.65 4.04 59.27
C ALA E 56 -5.41 4.19 57.77
N VAL E 57 -4.37 4.95 57.39
CA VAL E 57 -4.08 5.16 55.99
C VAL E 57 -3.65 3.83 55.33
N ALA E 58 -2.74 3.10 56.01
CA ALA E 58 -2.28 1.79 55.62
C ALA E 58 -3.42 0.79 55.48
N ALA E 59 -4.21 0.68 56.57
CA ALA E 59 -5.33 -0.22 56.64
C ALA E 59 -6.34 0.05 55.52
N GLU E 60 -6.77 1.32 55.41
CA GLU E 60 -7.82 1.70 54.46
C GLU E 60 -7.36 1.69 53.01
N SER E 61 -6.05 1.75 52.73
CA SER E 61 -5.49 1.49 51.41
C SER E 61 -5.07 0.03 51.13
N SER E 62 -5.49 -0.95 51.94
CA SER E 62 -5.14 -2.36 51.76
C SER E 62 -6.26 -3.23 52.34
N THR E 63 -6.05 -3.92 53.46
CA THR E 63 -6.87 -5.05 53.88
C THR E 63 -7.74 -4.76 55.10
N GLY E 64 -7.93 -3.50 55.48
CA GLY E 64 -8.64 -3.15 56.70
C GLY E 64 -10.15 -3.39 56.54
N THR E 65 -10.75 -4.15 57.48
CA THR E 65 -12.18 -4.45 57.48
C THR E 65 -12.78 -3.92 58.79
N TRP E 66 -14.04 -3.46 58.70
CA TRP E 66 -14.71 -2.75 59.80
C TRP E 66 -15.15 -3.73 60.91
N THR E 67 -15.56 -4.97 60.54
CA THR E 67 -15.78 -6.10 61.44
C THR E 67 -14.89 -7.26 60.95
N THR E 68 -14.37 -8.09 61.88
CA THR E 68 -13.53 -9.22 61.48
C THR E 68 -14.42 -10.34 60.90
N VAL E 69 -13.84 -11.13 59.98
CA VAL E 69 -14.56 -12.07 59.10
C VAL E 69 -13.78 -13.37 59.07
N TRP E 70 -14.51 -14.50 58.99
CA TRP E 70 -13.91 -15.82 59.08
C TRP E 70 -12.97 -16.16 57.90
N THR E 71 -13.23 -15.62 56.71
CA THR E 71 -12.44 -15.83 55.49
C THR E 71 -10.99 -15.37 55.63
N ASP E 72 -10.72 -14.36 56.47
CA ASP E 72 -9.39 -13.92 56.85
C ASP E 72 -8.52 -15.06 57.36
N GLY E 73 -9.11 -16.05 58.07
CA GLY E 73 -8.41 -17.24 58.51
C GLY E 73 -8.00 -18.24 57.40
N LEU E 74 -8.50 -18.09 56.15
CA LEU E 74 -8.10 -18.94 55.01
C LEU E 74 -6.82 -18.47 54.31
N THR E 75 -6.23 -17.33 54.74
CA THR E 75 -5.01 -16.79 54.16
C THR E 75 -4.17 -16.16 55.27
N ASN E 76 -3.07 -15.54 54.87
CA ASN E 76 -2.14 -14.86 55.75
C ASN E 76 -2.18 -13.38 55.36
N LEU E 77 -2.96 -12.58 56.08
CA LEU E 77 -3.13 -11.17 55.76
C LEU E 77 -1.88 -10.34 56.05
N ASP E 78 -0.93 -10.82 56.87
CA ASP E 78 0.37 -10.15 57.01
C ASP E 78 1.12 -10.05 55.68
N ARG E 79 0.94 -11.02 54.76
CA ARG E 79 1.50 -10.95 53.41
C ARG E 79 0.90 -9.82 52.56
N TYR E 80 -0.35 -9.40 52.80
CA TYR E 80 -1.10 -8.48 51.93
C TYR E 80 -1.39 -7.14 52.59
N LYS E 81 -0.96 -6.92 53.84
CA LYS E 81 -1.28 -5.66 54.51
C LYS E 81 -0.31 -4.58 54.01
N GLY E 82 -0.85 -3.37 53.89
CA GLY E 82 -0.05 -2.14 53.85
C GLY E 82 0.44 -1.87 55.27
N ARG E 83 1.66 -1.36 55.38
CA ARG E 83 2.32 -1.10 56.67
C ARG E 83 2.77 0.36 56.69
N CYS E 84 2.26 1.14 57.65
CA CYS E 84 2.85 2.41 57.99
C CYS E 84 4.12 2.16 58.80
N TYR E 85 5.28 2.43 58.22
CA TYR E 85 6.58 2.12 58.81
C TYR E 85 7.35 3.36 59.32
N HIS E 86 6.95 4.60 58.96
CA HIS E 86 7.56 5.82 59.44
C HIS E 86 6.56 6.98 59.37
N ILE E 87 6.66 7.86 60.37
CA ILE E 87 5.87 9.07 60.48
C ILE E 87 6.82 10.19 60.87
N GLU E 88 6.71 11.33 60.19
CA GLU E 88 7.45 12.51 60.53
C GLU E 88 6.53 13.71 60.46
N PRO E 89 6.63 14.67 61.41
CA PRO E 89 5.82 15.89 61.33
C PRO E 89 6.27 16.75 60.15
N VAL E 90 5.34 17.59 59.69
CA VAL E 90 5.63 18.59 58.69
C VAL E 90 5.99 19.87 59.44
N ALA E 91 7.14 20.46 59.08
CA ALA E 91 7.61 21.71 59.66
C ALA E 91 6.64 22.82 59.28
N GLY E 92 6.19 23.59 60.27
CA GLY E 92 5.40 24.79 60.03
C GLY E 92 3.93 24.51 60.22
N GLU E 93 3.41 23.40 59.64
CA GLU E 93 2.00 23.06 59.75
C GLU E 93 1.67 22.55 61.16
N GLU E 94 0.49 22.94 61.64
CA GLU E 94 -0.17 22.33 62.79
C GLU E 94 -0.85 21.07 62.26
N ASN E 95 -0.58 19.95 62.96
CA ASN E 95 -1.33 18.70 62.85
C ASN E 95 -1.29 18.13 61.43
N GLN E 96 -0.09 18.05 60.85
CA GLN E 96 0.16 17.46 59.56
C GLN E 96 1.44 16.63 59.59
N TYR E 97 1.39 15.42 58.99
CA TYR E 97 2.46 14.44 59.06
C TYR E 97 2.67 13.81 57.68
N ILE E 98 3.92 13.41 57.41
CA ILE E 98 4.23 12.52 56.30
C ILE E 98 4.22 11.13 56.89
N CYS E 99 3.27 10.29 56.41
CA CYS E 99 3.19 8.87 56.68
C CYS E 99 3.75 8.08 55.48
N TYR E 100 4.68 7.17 55.77
CA TYR E 100 5.30 6.31 54.77
C TYR E 100 4.68 4.92 54.88
N VAL E 101 4.20 4.39 53.75
CA VAL E 101 3.48 3.13 53.71
C VAL E 101 4.14 2.19 52.70
N ALA E 102 4.34 0.94 53.08
CA ALA E 102 4.87 -0.10 52.22
C ALA E 102 3.72 -0.99 51.76
N TYR E 103 3.57 -1.23 50.45
CA TYR E 103 2.62 -2.17 49.85
C TYR E 103 3.41 -3.30 49.21
N PRO E 104 3.13 -4.58 49.51
CA PRO E 104 3.77 -5.69 48.80
C PRO E 104 3.50 -5.72 47.30
N LEU E 105 4.49 -6.22 46.54
CA LEU E 105 4.41 -6.36 45.08
C LEU E 105 3.18 -7.12 44.62
N ASP E 106 2.78 -8.13 45.41
CA ASP E 106 1.71 -9.04 45.10
C ASP E 106 0.32 -8.41 45.03
N LEU E 107 0.16 -7.19 45.56
CA LEU E 107 -1.07 -6.45 45.44
C LEU E 107 -1.42 -6.04 44.01
N PHE E 108 -0.44 -5.92 43.10
CA PHE E 108 -0.58 -5.11 41.91
C PHE E 108 -0.63 -6.00 40.66
N GLU E 109 -1.57 -5.72 39.74
CA GLU E 109 -1.51 -6.25 38.42
C GLU E 109 -0.28 -5.70 37.66
N GLU E 110 0.40 -6.62 36.97
CA GLU E 110 1.57 -6.31 36.16
C GLU E 110 1.14 -5.35 35.04
N GLY E 111 1.91 -4.30 34.79
CA GLY E 111 1.74 -3.37 33.67
C GLY E 111 0.48 -2.51 33.71
N SER E 112 -0.26 -2.44 34.83
CA SER E 112 -1.54 -1.74 34.95
C SER E 112 -1.39 -0.57 35.95
N VAL E 113 -1.13 0.63 35.43
CA VAL E 113 -1.20 1.85 36.23
C VAL E 113 -2.60 2.03 36.81
N THR E 114 -3.64 1.65 36.05
CA THR E 114 -5.02 1.66 36.52
C THR E 114 -5.12 0.93 37.86
N ASN E 115 -4.58 -0.29 37.94
CA ASN E 115 -4.60 -1.06 39.18
C ASN E 115 -3.73 -0.45 40.28
N MET E 116 -2.59 0.11 39.94
CA MET E 116 -1.70 0.73 40.92
C MET E 116 -2.40 1.88 41.65
N PHE E 117 -3.06 2.75 40.90
CA PHE E 117 -3.79 3.87 41.46
C PHE E 117 -5.01 3.40 42.20
N THR E 118 -5.79 2.48 41.64
CA THR E 118 -6.93 1.95 42.34
C THR E 118 -6.51 1.39 43.69
N SER E 119 -5.45 0.57 43.74
CA SER E 119 -5.02 -0.07 44.98
C SER E 119 -4.61 0.94 46.05
N ILE E 120 -3.89 1.99 45.69
CA ILE E 120 -3.25 2.88 46.64
C ILE E 120 -4.19 4.04 46.97
N VAL E 121 -4.84 4.67 45.97
CA VAL E 121 -5.64 5.86 46.20
C VAL E 121 -7.12 5.61 46.01
N GLY E 122 -7.60 4.38 45.80
CA GLY E 122 -8.98 4.18 45.40
C GLY E 122 -9.97 4.42 46.53
N ASN E 123 -9.53 4.21 47.78
CA ASN E 123 -10.42 4.13 48.92
C ASN E 123 -10.11 5.14 50.02
N VAL E 124 -8.83 5.33 50.37
CA VAL E 124 -8.41 5.94 51.61
C VAL E 124 -8.75 7.44 51.70
N PHE E 125 -8.88 8.18 50.58
CA PHE E 125 -9.00 9.64 50.61
C PHE E 125 -10.35 10.06 51.21
N GLY E 126 -11.35 9.16 51.28
CA GLY E 126 -12.62 9.47 51.91
C GLY E 126 -12.69 9.11 53.41
N PHE E 127 -11.59 8.71 54.06
CA PHE E 127 -11.70 8.15 55.38
C PHE E 127 -11.95 9.27 56.39
N LYS E 128 -12.97 9.05 57.26
CA LYS E 128 -13.52 10.12 58.09
C LYS E 128 -12.57 10.59 59.19
N ALA E 129 -11.61 9.77 59.67
CA ALA E 129 -10.63 10.21 60.67
C ALA E 129 -9.59 11.18 60.11
N LEU E 130 -9.55 11.35 58.78
CA LEU E 130 -8.68 12.31 58.14
C LEU E 130 -9.52 13.51 57.72
N ARG E 131 -9.01 14.72 57.93
CA ARG E 131 -9.60 15.94 57.37
C ARG E 131 -9.11 16.07 55.92
N ALA E 132 -7.86 15.70 55.64
CA ALA E 132 -7.32 15.73 54.30
C ALA E 132 -6.19 14.73 54.15
N LEU E 133 -5.88 14.49 52.86
CA LEU E 133 -4.90 13.50 52.47
C LEU E 133 -4.37 13.86 51.09
N ARG E 134 -3.05 13.92 50.98
CA ARG E 134 -2.35 14.09 49.74
C ARG E 134 -1.30 13.01 49.55
N LEU E 135 -1.27 12.37 48.37
CA LEU E 135 -0.14 11.51 47.97
C LEU E 135 0.98 12.36 47.37
N GLU E 136 2.17 12.38 47.99
CA GLU E 136 3.29 13.18 47.53
C GLU E 136 4.18 12.41 46.58
N ASP E 137 4.46 11.13 46.89
CA ASP E 137 5.43 10.37 46.11
C ASP E 137 5.17 8.86 46.24
N LEU E 138 5.69 8.13 45.25
CA LEU E 138 5.69 6.66 45.22
C LEU E 138 7.09 6.21 44.83
N ARG E 139 7.64 5.21 45.54
CA ARG E 139 8.80 4.45 45.10
C ARG E 139 8.24 3.27 44.30
N ILE E 140 8.45 3.28 43.00
CA ILE E 140 8.04 2.17 42.16
C ILE E 140 9.21 1.20 42.14
N PRO E 141 9.11 -0.03 42.68
CA PRO E 141 10.25 -0.95 42.70
C PRO E 141 10.58 -1.43 41.29
N VAL E 142 11.84 -1.86 41.12
CA VAL E 142 12.36 -2.15 39.80
C VAL E 142 11.66 -3.37 39.20
N ALA E 143 11.23 -4.33 40.03
CA ALA E 143 10.50 -5.48 39.51
C ALA E 143 9.12 -5.12 38.95
N TYR E 144 8.48 -4.09 39.49
CA TYR E 144 7.23 -3.59 38.95
C TYR E 144 7.52 -2.72 37.72
N VAL E 145 8.56 -1.90 37.73
CA VAL E 145 8.96 -1.11 36.58
C VAL E 145 9.06 -1.96 35.31
N LYS E 146 9.74 -3.12 35.39
CA LYS E 146 9.94 -4.02 34.28
C LYS E 146 8.66 -4.67 33.76
N THR E 147 7.50 -4.57 34.41
CA THR E 147 6.25 -5.06 33.84
C THR E 147 5.65 -4.06 32.86
N PHE E 148 6.16 -2.81 32.74
CA PHE E 148 5.52 -1.79 31.87
C PHE E 148 6.38 -1.59 30.63
N GLN E 149 5.77 -1.17 29.52
CA GLN E 149 6.52 -0.86 28.31
C GLN E 149 7.30 0.41 28.57
N GLY E 150 6.65 1.41 29.18
CA GLY E 150 7.25 2.70 29.36
C GLY E 150 7.07 3.53 28.10
N PRO E 151 7.83 4.62 27.91
CA PRO E 151 7.69 5.46 26.72
C PRO E 151 7.79 4.65 25.43
N PRO E 152 6.93 4.91 24.41
CA PRO E 152 7.07 4.25 23.11
C PRO E 152 8.49 4.40 22.53
N HIS E 153 9.12 5.57 22.65
CA HIS E 153 10.46 5.87 22.13
C HIS E 153 11.38 6.46 23.20
N GLY E 154 10.96 7.58 23.82
CA GLY E 154 11.77 8.29 24.79
C GLY E 154 12.83 9.19 24.13
N ILE E 155 13.54 9.94 24.97
CA ILE E 155 14.28 11.15 24.61
C ILE E 155 15.32 10.85 23.54
N GLN E 156 16.17 9.86 23.75
CA GLN E 156 17.32 9.59 22.89
C GLN E 156 16.87 9.18 21.49
N VAL E 157 15.89 8.24 21.46
CA VAL E 157 15.34 7.73 20.22
C VAL E 157 14.65 8.85 19.46
N GLU E 158 13.86 9.67 20.13
CA GLU E 158 13.17 10.81 19.50
C GLU E 158 14.18 11.75 18.81
N ARG E 159 15.21 12.18 19.52
CA ARG E 159 16.28 12.98 18.93
C ARG E 159 16.92 12.31 17.70
N ASP E 160 17.20 11.01 17.77
CA ASP E 160 17.76 10.27 16.63
C ASP E 160 16.79 10.17 15.46
N LYS E 161 15.49 9.95 15.71
CA LYS E 161 14.51 9.90 14.63
C LYS E 161 14.33 11.24 13.91
N LEU E 162 14.28 12.32 14.71
CA LEU E 162 14.02 13.66 14.23
C LEU E 162 15.29 14.36 13.76
N ASN E 163 16.47 13.82 14.13
CA ASN E 163 17.77 14.33 13.74
C ASN E 163 17.98 15.71 14.34
N LYS E 164 17.65 15.88 15.63
CA LYS E 164 17.61 17.17 16.28
C LYS E 164 18.42 17.06 17.54
N TYR E 165 19.57 17.72 17.56
CA TYR E 165 20.52 17.59 18.66
C TYR E 165 20.85 18.94 19.23
N GLY E 166 21.15 18.97 20.54
CA GLY E 166 21.95 20.02 21.16
C GLY E 166 21.19 21.31 21.42
N ARG E 167 19.85 21.29 21.43
CA ARG E 167 19.04 22.42 21.84
C ARG E 167 17.68 21.89 22.31
N PRO E 168 16.90 22.69 23.10
CA PRO E 168 15.46 22.49 23.24
C PRO E 168 14.75 22.39 21.89
N LEU E 169 13.68 21.58 21.84
CA LEU E 169 12.74 21.62 20.72
C LEU E 169 11.71 22.71 20.92
N LEU E 170 11.07 23.11 19.83
CA LEU E 170 10.22 24.30 19.80
C LEU E 170 8.91 23.94 19.18
N GLY E 171 7.82 24.35 19.87
CA GLY E 171 6.50 24.14 19.37
C GLY E 171 5.61 25.35 19.59
N CYS E 172 4.45 25.24 18.93
CA CYS E 172 3.41 26.25 18.97
C CYS E 172 2.03 25.58 19.00
N THR E 173 1.17 25.95 19.94
CA THR E 173 -0.23 25.56 19.94
C THR E 173 -0.97 26.46 18.97
N ILE E 174 -1.79 25.90 18.08
CA ILE E 174 -2.59 26.69 17.15
C ILE E 174 -3.77 27.28 17.93
N LYS E 175 -3.95 28.61 17.79
CA LYS E 175 -5.04 29.37 18.37
C LYS E 175 -5.72 30.12 17.21
N PRO E 176 -7.05 30.41 17.24
CA PRO E 176 -7.94 29.88 18.29
C PRO E 176 -8.15 28.36 18.17
N LYS E 177 -8.32 27.73 19.31
CA LYS E 177 -8.54 26.30 19.45
C LYS E 177 -9.80 25.86 18.70
N LEU E 178 -10.90 26.60 18.87
CA LEU E 178 -12.10 26.38 18.09
C LEU E 178 -12.48 27.64 17.33
N GLY E 179 -13.00 27.41 16.13
CA GLY E 179 -13.48 28.45 15.24
C GLY E 179 -12.84 28.44 13.86
N LEU E 180 -11.65 27.87 13.71
CA LEU E 180 -11.01 27.86 12.42
C LEU E 180 -11.59 26.70 11.63
N SER E 181 -11.72 26.88 10.32
CA SER E 181 -11.88 25.74 9.43
C SER E 181 -10.60 24.89 9.41
N ALA E 182 -10.70 23.65 8.95
CA ALA E 182 -9.59 22.71 8.91
C ALA E 182 -8.51 23.24 7.98
N LYS E 183 -8.88 23.81 6.82
CA LYS E 183 -7.90 24.42 5.92
C LYS E 183 -7.20 25.64 6.55
N ASN E 184 -7.96 26.57 7.14
CA ASN E 184 -7.32 27.73 7.75
C ASN E 184 -6.41 27.35 8.92
N TYR E 185 -6.79 26.33 9.68
CA TYR E 185 -5.97 25.80 10.74
C TYR E 185 -4.65 25.29 10.16
N GLY E 186 -4.73 24.53 9.03
CA GLY E 186 -3.54 24.03 8.38
C GLY E 186 -2.64 25.13 7.83
N ARG E 187 -3.24 26.25 7.38
CA ARG E 187 -2.52 27.42 6.90
C ARG E 187 -1.64 27.92 8.04
N ALA E 188 -2.20 28.08 9.24
CA ALA E 188 -1.41 28.53 10.38
C ALA E 188 -0.26 27.58 10.69
N VAL E 189 -0.48 26.25 10.51
CA VAL E 189 0.52 25.22 10.79
C VAL E 189 1.67 25.40 9.82
N TYR E 190 1.39 25.51 8.51
CA TYR E 190 2.43 25.71 7.53
C TYR E 190 3.29 26.93 7.84
N GLU E 191 2.67 28.07 8.08
CA GLU E 191 3.35 29.33 8.36
C GLU E 191 4.17 29.27 9.67
N CYS E 192 3.68 28.55 10.69
CA CYS E 192 4.46 28.29 11.90
C CYS E 192 5.70 27.43 11.63
N LEU E 193 5.50 26.30 10.97
CA LEU E 193 6.56 25.31 10.84
C LEU E 193 7.69 25.84 9.96
N ARG E 194 7.33 26.62 8.93
CA ARG E 194 8.30 27.02 7.91
C ARG E 194 9.28 28.02 8.46
N GLY E 195 8.93 28.76 9.53
CA GLY E 195 9.82 29.72 10.14
C GLY E 195 10.80 29.14 11.15
N GLY E 196 10.82 27.83 11.37
CA GLY E 196 11.86 27.17 12.17
C GLY E 196 11.37 26.50 13.44
N LEU E 197 10.05 26.53 13.75
CA LEU E 197 9.51 25.66 14.78
C LEU E 197 9.59 24.20 14.34
N ASP E 198 9.86 23.31 15.30
CA ASP E 198 9.88 21.87 15.04
C ASP E 198 8.46 21.30 14.99
N PHE E 199 7.58 21.81 15.86
CA PHE E 199 6.25 21.25 16.11
C PHE E 199 5.20 22.34 16.16
N THR E 200 4.01 22.03 15.64
CA THR E 200 2.77 22.70 16.01
C THR E 200 1.92 21.67 16.71
N KCX E 201 0.77 22.09 17.24
CA KCX E 201 0.01 21.27 18.16
CB KCX E 201 0.66 21.68 19.48
CG KCX E 201 -0.11 21.36 20.68
CD KCX E 201 0.62 21.49 22.01
CE KCX E 201 -0.34 20.82 22.98
NZ KCX E 201 -1.63 21.50 23.16
C KCX E 201 -1.48 21.61 18.12
O KCX E 201 -1.87 22.79 18.05
CX KCX E 201 -1.63 22.47 24.20
OQ1 KCX E 201 -0.89 22.79 25.11
OQ2 KCX E 201 -2.96 22.77 24.18
H KCX E 201 0.46 22.94 17.06
HA KCX E 201 0.16 20.32 17.98
HB2 KCX E 201 1.53 21.25 19.55
HB3 KCX E 201 0.82 22.65 19.49
HG2 KCX E 201 -0.87 21.97 20.71
HG3 KCX E 201 -0.44 20.44 20.56
HD2 KCX E 201 1.48 21.03 22.01
HD3 KCX E 201 0.74 22.43 22.26
HE2 KCX E 201 -0.52 19.89 22.73
HE3 KCX E 201 0.12 20.74 23.82
N ASP E 202 -2.27 20.54 18.28
CA ASP E 202 -3.68 20.61 18.63
C ASP E 202 -3.76 20.99 20.11
N ASP E 203 -4.67 21.89 20.41
CA ASP E 203 -5.09 22.15 21.74
C ASP E 203 -5.73 20.88 22.31
N GLU E 204 -5.57 20.66 23.64
CA GLU E 204 -6.18 19.57 24.34
C GLU E 204 -7.67 19.42 24.06
N ASN E 205 -8.40 20.52 23.85
CA ASN E 205 -9.83 20.52 23.58
C ASN E 205 -10.19 20.05 22.14
N VAL E 206 -9.26 20.14 21.18
CA VAL E 206 -9.55 19.90 19.78
C VAL E 206 -9.48 18.39 19.54
N ASN E 207 -10.66 17.75 19.42
CA ASN E 207 -10.77 16.34 19.17
C ASN E 207 -11.50 16.23 17.84
N SER E 208 -12.83 16.11 17.82
CA SER E 208 -13.62 16.23 16.59
C SER E 208 -14.87 17.01 16.95
N GLN E 209 -15.15 18.12 16.25
CA GLN E 209 -16.22 19.02 16.65
C GLN E 209 -16.94 19.47 15.40
N PRO E 210 -18.17 20.05 15.48
CA PRO E 210 -18.92 20.40 14.28
C PRO E 210 -18.20 21.16 13.17
N PHE E 211 -17.44 22.20 13.51
CA PHE E 211 -16.77 22.98 12.47
C PHE E 211 -15.39 22.44 12.06
N MET E 212 -14.88 21.43 12.73
CA MET E 212 -13.59 20.89 12.41
C MET E 212 -13.60 19.42 12.82
N ARG E 213 -13.95 18.55 11.86
CA ARG E 213 -13.97 17.11 12.10
C ARG E 213 -12.54 16.66 12.02
N TRP E 214 -12.21 15.65 12.82
CA TRP E 214 -10.81 15.26 13.07
C TRP E 214 -10.07 14.89 11.78
N ARG E 215 -10.72 14.14 10.88
CA ARG E 215 -10.03 13.59 9.71
C ARG E 215 -9.69 14.71 8.72
N ASP E 216 -10.57 15.72 8.60
CA ASP E 216 -10.29 16.94 7.87
C ASP E 216 -9.06 17.65 8.38
N ARG E 217 -9.00 17.83 9.70
CA ARG E 217 -7.88 18.50 10.32
C ARG E 217 -6.58 17.73 10.06
N PHE E 218 -6.63 16.40 10.25
CA PHE E 218 -5.48 15.53 10.05
C PHE E 218 -4.90 15.71 8.64
N LEU E 219 -5.80 15.73 7.66
CA LEU E 219 -5.42 15.77 6.26
C LEU E 219 -4.76 17.09 5.91
N PHE E 220 -5.37 18.21 6.30
CA PHE E 220 -4.83 19.55 6.03
C PHE E 220 -3.53 19.80 6.81
N CYS E 221 -3.45 19.38 8.09
CA CYS E 221 -2.22 19.39 8.86
C CYS E 221 -1.10 18.60 8.21
N ALA E 222 -1.43 17.46 7.58
CA ALA E 222 -0.42 16.69 6.84
C ALA E 222 0.14 17.48 5.65
N GLU E 223 -0.74 18.07 4.83
CA GLU E 223 -0.32 18.84 3.68
C GLU E 223 0.62 19.99 4.12
N ALA E 224 0.20 20.76 5.14
CA ALA E 224 0.96 21.88 5.69
C ALA E 224 2.34 21.47 6.23
N LEU E 225 2.36 20.44 7.06
CA LEU E 225 3.57 19.87 7.66
C LEU E 225 4.57 19.44 6.58
N TYR E 226 4.09 18.74 5.54
CA TYR E 226 4.97 18.29 4.46
C TYR E 226 5.45 19.45 3.58
N LYS E 227 4.59 20.44 3.28
CA LYS E 227 5.02 21.66 2.63
C LYS E 227 6.16 22.32 3.44
N ALA E 228 6.02 22.45 4.77
CA ALA E 228 7.01 23.16 5.58
C ALA E 228 8.35 22.37 5.64
N GLN E 229 8.27 21.03 5.69
CA GLN E 229 9.45 20.17 5.67
C GLN E 229 10.19 20.24 4.33
N ALA E 230 9.48 20.21 3.19
CA ALA E 230 10.07 20.36 1.86
C ALA E 230 10.72 21.73 1.70
N GLU E 231 10.11 22.78 2.23
CA GLU E 231 10.64 24.14 2.16
C GLU E 231 11.92 24.27 2.98
N THR E 232 11.91 23.82 4.25
CA THR E 232 13.00 24.04 5.20
C THR E 232 14.10 22.96 5.15
N GLY E 233 13.78 21.72 4.75
CA GLY E 233 14.69 20.58 4.87
C GLY E 233 14.90 19.98 6.27
N GLU E 234 14.23 20.51 7.30
CA GLU E 234 14.21 20.00 8.65
C GLU E 234 12.94 19.15 8.80
N ILE E 235 13.00 18.11 9.64
CA ILE E 235 11.86 17.30 9.98
C ILE E 235 10.87 18.08 10.84
N LYS E 236 9.60 17.99 10.47
CA LYS E 236 8.51 18.69 11.12
C LYS E 236 7.47 17.71 11.66
N GLY E 237 6.75 18.18 12.68
CA GLY E 237 5.69 17.40 13.29
C GLY E 237 4.54 18.29 13.72
N HIS E 238 3.35 17.73 13.75
CA HIS E 238 2.16 18.36 14.30
C HIS E 238 1.52 17.37 15.25
N TYR E 239 1.35 17.76 16.53
CA TYR E 239 0.72 16.88 17.50
C TYR E 239 -0.77 16.69 17.19
N LEU E 240 -1.10 15.58 16.50
CA LEU E 240 -2.46 15.26 16.11
C LEU E 240 -3.18 14.64 17.30
N ASN E 241 -4.24 15.30 17.80
CA ASN E 241 -4.88 14.92 19.03
C ASN E 241 -5.83 13.76 18.75
N ALA E 242 -5.50 12.58 19.27
CA ALA E 242 -6.27 11.36 19.01
C ALA E 242 -7.23 11.07 20.16
N THR E 243 -7.29 11.95 21.18
CA THR E 243 -8.19 11.79 22.29
C THR E 243 -9.63 11.69 21.76
N ALA E 244 -10.40 10.75 22.31
CA ALA E 244 -11.72 10.42 21.84
C ALA E 244 -12.55 9.83 22.99
N GLY E 245 -13.85 9.70 22.67
CA GLY E 245 -14.86 9.21 23.57
C GLY E 245 -14.72 7.75 23.88
N THR E 246 -14.33 6.90 22.89
CA THR E 246 -14.23 5.45 22.99
C THR E 246 -12.82 4.99 22.55
N CYS E 247 -12.40 3.79 22.92
CA CYS E 247 -11.10 3.28 22.44
C CYS E 247 -11.07 3.10 20.92
N GLU E 248 -12.21 2.62 20.35
CA GLU E 248 -12.37 2.43 18.93
C GLU E 248 -12.12 3.75 18.19
N ASP E 249 -12.71 4.85 18.68
CA ASP E 249 -12.53 6.18 18.08
C ASP E 249 -11.08 6.65 18.19
N MET E 250 -10.46 6.50 19.36
CA MET E 250 -9.08 6.89 19.55
C MET E 250 -8.16 6.18 18.55
N MET E 251 -8.36 4.87 18.39
CA MET E 251 -7.55 4.04 17.50
C MET E 251 -7.75 4.40 16.02
N LYS E 252 -8.97 4.74 15.59
CA LYS E 252 -9.20 5.12 14.20
C LYS E 252 -8.37 6.37 13.89
N ARG E 253 -8.22 7.27 14.86
CA ARG E 253 -7.47 8.50 14.70
C ARG E 253 -5.98 8.22 14.63
N ALA E 254 -5.45 7.38 15.56
CA ALA E 254 -4.02 7.04 15.51
C ALA E 254 -3.66 6.28 14.22
N VAL E 255 -4.57 5.40 13.77
CA VAL E 255 -4.41 4.68 12.51
C VAL E 255 -4.25 5.59 11.29
N PHE E 256 -5.09 6.59 11.15
CA PHE E 256 -4.97 7.51 10.03
C PHE E 256 -3.65 8.28 10.09
N ALA E 257 -3.16 8.63 11.29
CA ALA E 257 -1.86 9.28 11.47
C ALA E 257 -0.76 8.36 10.94
N ARG E 258 -0.79 7.08 11.33
CA ARG E 258 0.09 6.05 10.76
C ARG E 258 0.02 6.02 9.23
N GLU E 259 -1.18 6.01 8.64
CA GLU E 259 -1.37 5.99 7.19
C GLU E 259 -0.78 7.25 6.48
N LEU E 260 -0.96 8.45 7.06
CA LEU E 260 -0.38 9.70 6.57
C LEU E 260 1.15 9.72 6.68
N GLY E 261 1.79 8.84 7.50
CA GLY E 261 3.25 8.77 7.61
C GLY E 261 3.84 9.83 8.54
N VAL E 262 2.98 10.46 9.37
CA VAL E 262 3.37 11.63 10.17
C VAL E 262 3.99 11.12 11.45
N PRO E 263 4.90 11.87 12.10
CA PRO E 263 5.66 11.34 13.22
C PRO E 263 5.05 11.29 14.63
N ILE E 264 3.99 12.07 14.91
CA ILE E 264 3.63 12.38 16.28
C ILE E 264 2.10 12.55 16.42
N VAL E 265 1.51 11.81 17.40
CA VAL E 265 0.13 11.99 17.86
C VAL E 265 0.12 12.49 19.31
N MET E 266 -1.06 12.89 19.78
CA MET E 266 -1.24 13.29 21.17
C MET E 266 -2.45 12.69 21.84
N HIS E 267 -2.38 12.64 23.20
CA HIS E 267 -3.44 12.14 24.05
C HIS E 267 -3.54 12.98 25.30
N ASP E 268 -4.80 13.21 25.78
CA ASP E 268 -5.10 13.85 27.04
C ASP E 268 -5.23 12.69 28.02
N TYR E 269 -4.10 12.31 28.64
CA TYR E 269 -4.00 11.07 29.35
C TYR E 269 -4.90 11.01 30.60
N LEU E 270 -5.15 12.14 31.27
CA LEU E 270 -6.01 12.14 32.44
C LEU E 270 -7.49 12.06 32.08
N THR E 271 -7.94 12.73 31.03
CA THR E 271 -9.36 12.74 30.70
C THR E 271 -9.74 11.52 29.86
N GLY E 272 -8.84 11.09 28.95
CA GLY E 272 -8.96 9.78 28.30
C GLY E 272 -8.86 8.63 29.32
N GLY E 273 -7.85 8.71 30.20
CA GLY E 273 -7.60 7.77 31.27
C GLY E 273 -6.48 6.81 30.93
N PHE E 274 -5.98 6.14 31.98
CA PHE E 274 -4.82 5.24 31.89
C PHE E 274 -5.01 4.01 31.02
N THR E 275 -6.22 3.43 31.00
CA THR E 275 -6.50 2.22 30.21
C THR E 275 -6.34 2.54 28.71
N ALA E 276 -7.03 3.60 28.22
CA ALA E 276 -6.88 4.07 26.84
C ALA E 276 -5.45 4.56 26.57
N ASN E 277 -4.81 5.27 27.50
CA ASN E 277 -3.45 5.75 27.34
C ASN E 277 -2.47 4.62 27.06
N THR E 278 -2.52 3.54 27.88
CA THR E 278 -1.57 2.42 27.76
C THR E 278 -1.81 1.69 26.42
N THR E 279 -3.08 1.56 25.95
CA THR E 279 -3.39 1.04 24.61
C THR E 279 -2.70 1.86 23.52
N LEU E 280 -2.79 3.17 23.60
CA LEU E 280 -2.22 4.04 22.59
C LEU E 280 -0.71 4.00 22.66
N SER E 281 -0.13 4.02 23.87
CA SER E 281 1.32 3.86 24.06
C SER E 281 1.88 2.58 23.39
N HIS E 282 1.20 1.46 23.53
CA HIS E 282 1.59 0.19 22.89
C HIS E 282 1.45 0.26 21.37
N TYR E 283 0.34 0.85 20.87
CA TYR E 283 0.17 1.05 19.43
C TYR E 283 1.31 1.92 18.87
N CYS E 284 1.63 3.00 19.60
CA CYS E 284 2.70 3.91 19.16
C CYS E 284 4.08 3.21 19.07
N ARG E 285 4.44 2.37 20.03
CA ARG E 285 5.67 1.56 19.96
C ARG E 285 5.64 0.61 18.74
N ASP E 286 4.51 -0.05 18.50
CA ASP E 286 4.36 -0.98 17.38
C ASP E 286 4.33 -0.33 15.99
N ASN E 287 4.01 1.00 15.88
CA ASN E 287 3.89 1.69 14.60
C ASN E 287 4.84 2.89 14.44
N GLY E 288 5.81 3.07 15.36
CA GLY E 288 6.82 4.10 15.22
C GLY E 288 6.31 5.54 15.44
N LEU E 289 5.21 5.77 16.14
CA LEU E 289 4.62 7.07 16.39
C LEU E 289 5.13 7.60 17.73
N LEU E 290 5.58 8.85 17.72
CA LEU E 290 5.81 9.58 18.95
C LEU E 290 4.47 9.95 19.56
N LEU E 291 4.49 10.09 20.87
CA LEU E 291 3.30 10.33 21.63
C LEU E 291 3.53 11.54 22.54
N HIS E 292 2.86 12.64 22.21
CA HIS E 292 2.79 13.80 23.06
C HIS E 292 1.64 13.69 24.05
N ILE E 293 1.91 13.93 25.34
CA ILE E 293 0.94 13.74 26.40
C ILE E 293 0.64 15.11 27.01
N HIS E 294 -0.64 15.47 26.99
CA HIS E 294 -1.16 16.66 27.64
C HIS E 294 -1.77 16.23 28.96
N ARG E 295 -1.59 17.10 29.96
CA ARG E 295 -1.97 16.85 31.33
C ARG E 295 -3.25 17.61 31.71
N ALA E 296 -4.16 17.88 30.75
CA ALA E 296 -5.43 18.53 31.03
C ALA E 296 -6.14 17.84 32.19
N MET E 297 -6.60 18.64 33.17
CA MET E 297 -7.33 18.25 34.37
C MET E 297 -6.39 18.02 35.55
N HIS E 298 -5.05 18.05 35.40
CA HIS E 298 -4.12 17.82 36.49
C HIS E 298 -4.43 18.73 37.68
N ALA E 299 -4.77 20.00 37.46
CA ALA E 299 -4.96 20.96 38.54
C ALA E 299 -6.18 20.68 39.40
N VAL E 300 -7.15 19.86 38.93
CA VAL E 300 -8.26 19.42 39.79
C VAL E 300 -7.71 18.60 40.96
N ILE E 301 -6.62 17.83 40.70
CA ILE E 301 -6.01 16.80 41.55
C ILE E 301 -4.82 17.38 42.34
N ASP E 302 -3.98 18.19 41.67
CA ASP E 302 -2.60 18.39 42.11
C ASP E 302 -2.32 19.78 42.69
N ARG E 303 -3.34 20.66 42.74
CA ARG E 303 -3.15 22.07 43.02
C ARG E 303 -2.98 22.24 44.53
N GLN E 304 -3.94 21.73 45.34
CA GLN E 304 -3.98 22.05 46.76
C GLN E 304 -2.92 21.25 47.51
N LYS E 305 -2.20 21.88 48.45
CA LYS E 305 -1.17 21.23 49.25
C LYS E 305 -1.73 20.19 50.24
N ASN E 306 -2.96 20.37 50.74
CA ASN E 306 -3.57 19.56 51.78
C ASN E 306 -4.20 18.28 51.21
N HIS E 307 -4.67 18.27 49.96
CA HIS E 307 -5.54 17.23 49.45
C HIS E 307 -5.30 17.00 47.95
N GLY E 308 -5.05 15.72 47.59
CA GLY E 308 -5.06 15.22 46.24
C GLY E 308 -3.79 14.43 45.99
N MET E 309 -3.16 14.58 44.81
CA MET E 309 -1.94 13.86 44.47
C MET E 309 -0.99 14.87 43.85
N HIS E 310 0.26 14.89 44.25
CA HIS E 310 1.23 15.77 43.63
C HIS E 310 1.45 15.30 42.20
N PHE E 311 1.73 16.27 41.31
CA PHE E 311 1.99 16.00 39.90
C PHE E 311 3.08 14.94 39.69
N ARG E 312 4.09 14.89 40.55
CA ARG E 312 5.19 13.95 40.41
C ARG E 312 4.71 12.52 40.34
N VAL E 313 3.64 12.23 41.07
CA VAL E 313 3.01 10.93 41.06
C VAL E 313 2.35 10.70 39.69
N LEU E 314 1.69 11.74 39.15
CA LEU E 314 1.03 11.64 37.84
C LEU E 314 2.07 11.47 36.74
N ALA E 315 3.22 12.15 36.90
CA ALA E 315 4.34 12.07 35.98
C ALA E 315 4.97 10.69 35.95
N LYS E 316 5.21 10.12 37.14
CA LYS E 316 5.80 8.79 37.24
C LYS E 316 4.89 7.77 36.57
N ALA E 317 3.59 7.90 36.84
CA ALA E 317 2.56 7.06 36.23
C ALA E 317 2.54 7.12 34.71
N LEU E 318 2.68 8.33 34.17
CA LEU E 318 2.77 8.51 32.75
C LEU E 318 4.02 7.85 32.21
N ARG E 319 5.17 8.02 32.87
CA ARG E 319 6.39 7.36 32.40
C ARG E 319 6.25 5.82 32.34
N LEU E 320 5.41 5.21 33.21
CA LEU E 320 5.14 3.76 33.15
C LEU E 320 4.15 3.40 32.04
N SER E 321 3.01 4.10 31.99
CA SER E 321 1.98 3.84 30.99
C SER E 321 2.52 4.08 29.57
N GLY E 322 3.13 5.26 29.42
CA GLY E 322 4.06 5.58 28.37
C GLY E 322 3.61 6.85 27.64
N GLY E 323 4.56 7.73 27.40
CA GLY E 323 4.51 8.80 26.44
C GLY E 323 5.92 9.32 26.19
N ASP E 324 6.10 10.05 25.08
CA ASP E 324 7.39 10.61 24.71
C ASP E 324 7.58 12.01 25.26
N HIS E 325 6.50 12.81 25.30
CA HIS E 325 6.51 14.15 25.85
C HIS E 325 5.46 14.20 26.94
N ILE E 326 5.65 15.06 27.97
CA ILE E 326 4.62 15.38 28.96
C ILE E 326 4.72 16.83 29.34
N HIS E 327 3.57 17.53 29.32
CA HIS E 327 3.47 18.89 29.83
C HIS E 327 3.89 18.93 31.30
N SER E 328 4.90 19.76 31.63
CA SER E 328 5.50 19.88 32.94
C SER E 328 5.34 21.28 33.54
N GLY E 329 4.65 22.18 32.84
CA GLY E 329 4.26 23.49 33.33
C GLY E 329 5.24 24.58 32.93
N THR E 330 4.81 25.83 33.13
CA THR E 330 5.68 27.01 33.18
C THR E 330 6.58 26.97 34.42
N VAL E 331 7.69 27.76 34.38
CA VAL E 331 8.54 28.02 35.53
C VAL E 331 8.67 29.53 35.85
N VAL E 332 7.68 30.38 35.50
CA VAL E 332 7.51 31.72 36.09
C VAL E 332 6.77 31.58 37.45
N GLU E 338 7.45 26.32 43.33
CA GLU E 338 8.92 26.47 43.46
C GLU E 338 9.61 25.78 42.26
N ARG E 339 10.71 26.39 41.81
CA ARG E 339 11.63 25.88 40.79
C ARG E 339 12.16 24.50 41.16
N ASP E 340 12.63 24.34 42.42
CA ASP E 340 13.30 23.13 42.89
C ASP E 340 12.41 21.89 42.78
N ILE E 341 11.13 22.05 43.09
CA ILE E 341 10.11 21.01 43.01
C ILE E 341 9.89 20.57 41.55
N THR E 342 9.77 21.55 40.63
CA THR E 342 9.71 21.30 39.20
C THR E 342 10.94 20.57 38.71
N LEU E 343 12.15 21.09 39.04
CA LEU E 343 13.39 20.43 38.68
C LEU E 343 13.45 19.01 39.24
N GLY E 344 12.92 18.79 40.45
CA GLY E 344 12.72 17.48 41.05
C GLY E 344 12.02 16.50 40.12
N PHE E 345 10.80 16.82 39.67
CA PHE E 345 10.02 15.88 38.87
C PHE E 345 10.49 15.80 37.41
N VAL E 346 11.13 16.85 36.89
CA VAL E 346 11.79 16.81 35.60
C VAL E 346 12.87 15.74 35.64
N ASP E 347 13.70 15.69 36.69
CA ASP E 347 14.68 14.61 36.80
C ASP E 347 14.04 13.23 36.90
N LEU E 348 12.95 13.12 37.67
CA LEU E 348 12.14 11.91 37.72
C LEU E 348 11.63 11.45 36.33
N LEU E 349 11.37 12.37 35.41
CA LEU E 349 10.89 12.02 34.09
C LEU E 349 12.00 11.62 33.14
N ARG E 350 13.20 12.23 33.27
CA ARG E 350 14.26 12.12 32.29
C ARG E 350 15.34 11.09 32.63
N ASP E 351 15.72 10.98 33.90
CA ASP E 351 16.93 10.25 34.29
C ASP E 351 16.60 8.81 34.62
N ASP E 352 17.64 8.00 34.66
CA ASP E 352 17.60 6.61 35.02
C ASP E 352 17.55 6.41 36.54
N TYR E 353 18.08 7.37 37.32
CA TYR E 353 18.25 7.19 38.75
C TYR E 353 18.17 8.55 39.39
N THR E 354 17.32 8.70 40.43
CA THR E 354 17.20 9.95 41.18
C THR E 354 17.25 9.61 42.65
N GLU E 355 18.18 10.19 43.38
CA GLU E 355 18.36 9.97 44.81
C GLU E 355 17.34 10.82 45.54
N LYS E 356 16.80 10.31 46.65
CA LYS E 356 16.03 11.05 47.65
C LYS E 356 16.62 12.45 47.88
N ASP E 357 15.74 13.46 47.86
CA ASP E 357 16.10 14.84 48.07
C ASP E 357 14.87 15.62 48.50
N ARG E 358 14.78 15.80 49.82
CA ARG E 358 13.67 16.49 50.44
C ARG E 358 13.56 17.96 50.04
N SER E 359 14.67 18.64 49.74
CA SER E 359 14.64 20.00 49.23
C SER E 359 13.95 20.13 47.85
N ARG E 360 13.89 19.04 47.04
CA ARG E 360 13.20 19.01 45.76
C ARG E 360 11.92 18.15 45.78
N GLY E 361 11.37 17.81 46.95
CA GLY E 361 10.19 16.97 47.05
C GLY E 361 10.31 15.54 46.47
N ILE E 362 11.54 14.99 46.47
CA ILE E 362 11.81 13.64 46.07
C ILE E 362 11.91 12.85 47.38
N TYR E 363 10.82 12.17 47.76
CA TYR E 363 10.76 11.46 49.03
C TYR E 363 11.45 10.10 48.98
N PHE E 364 11.64 9.53 47.78
CA PHE E 364 12.26 8.24 47.62
C PHE E 364 13.31 8.29 46.52
N THR E 365 14.37 7.51 46.72
CA THR E 365 15.27 7.14 45.63
C THR E 365 14.48 6.32 44.62
N GLN E 366 14.56 6.69 43.33
CA GLN E 366 13.83 6.03 42.27
C GLN E 366 14.81 5.55 41.22
N SER E 367 14.79 4.26 40.84
CA SER E 367 15.51 3.72 39.69
C SER E 367 14.49 3.38 38.60
N TRP E 368 14.93 3.46 37.35
CA TRP E 368 14.10 3.14 36.21
C TRP E 368 14.63 1.99 35.38
N VAL E 369 15.79 1.38 35.75
CA VAL E 369 16.40 0.25 35.06
C VAL E 369 16.21 0.35 33.54
N SER E 370 16.71 1.47 33.00
CA SER E 370 16.79 1.74 31.57
C SER E 370 15.44 1.92 30.86
N THR E 371 14.34 2.16 31.59
CA THR E 371 13.12 2.66 31.00
C THR E 371 13.46 4.05 30.42
N PRO E 372 13.15 4.34 29.14
CA PRO E 372 13.49 5.66 28.59
C PRO E 372 12.89 6.85 29.32
N GLY E 373 13.56 8.00 29.21
CA GLY E 373 13.12 9.26 29.73
C GLY E 373 12.04 9.85 28.84
N VAL E 374 11.31 10.81 29.41
CA VAL E 374 10.20 11.53 28.76
C VAL E 374 10.64 12.99 28.66
N LEU E 375 10.46 13.62 27.48
CA LEU E 375 10.75 15.02 27.30
C LEU E 375 9.75 15.88 28.07
N PRO E 376 10.16 16.75 29.04
CA PRO E 376 9.25 17.74 29.64
C PRO E 376 8.98 18.87 28.62
N VAL E 377 7.75 19.37 28.65
CA VAL E 377 7.25 20.41 27.78
C VAL E 377 6.88 21.59 28.68
N ALA E 378 7.51 22.74 28.42
CA ALA E 378 7.18 23.99 29.13
C ALA E 378 6.24 24.80 28.24
N SER E 379 5.18 25.38 28.82
CA SER E 379 4.23 26.20 28.07
C SER E 379 3.68 27.34 28.93
N GLY E 380 2.64 28.04 28.46
CA GLY E 380 2.02 29.15 29.15
C GLY E 380 2.45 30.42 28.43
N GLY E 381 2.50 31.53 29.18
CA GLY E 381 2.63 32.86 28.61
C GLY E 381 4.10 33.21 28.35
N ILE E 382 4.79 32.48 27.46
CA ILE E 382 6.22 32.63 27.25
C ILE E 382 6.45 33.24 25.89
N HIS E 383 7.60 33.89 25.77
CA HIS E 383 7.96 34.78 24.67
C HIS E 383 9.47 34.88 24.71
N VAL E 384 10.05 35.57 23.73
CA VAL E 384 11.48 35.50 23.41
C VAL E 384 12.34 35.83 24.64
N TRP E 385 11.89 36.77 25.49
CA TRP E 385 12.66 37.16 26.66
C TRP E 385 12.75 36.06 27.72
N HIS E 386 11.81 35.08 27.71
CA HIS E 386 11.88 33.90 28.57
C HIS E 386 12.96 32.88 28.14
N MET E 387 13.51 32.98 26.93
CA MET E 387 14.31 31.92 26.35
C MET E 387 15.58 31.61 27.14
N PRO E 388 16.36 32.61 27.65
CA PRO E 388 17.54 32.32 28.45
C PRO E 388 17.19 31.54 29.72
N ALA E 389 16.15 31.97 30.46
CA ALA E 389 15.73 31.31 31.68
C ALA E 389 15.31 29.87 31.41
N LEU E 390 14.49 29.67 30.38
CA LEU E 390 13.96 28.35 30.06
C LEU E 390 15.10 27.40 29.68
N THR E 391 16.06 27.88 28.88
CA THR E 391 17.19 27.08 28.42
C THR E 391 18.09 26.72 29.61
N GLU E 392 18.35 27.69 30.51
CA GLU E 392 19.13 27.49 31.72
C GLU E 392 18.49 26.41 32.59
N ILE E 393 17.18 26.50 32.86
CA ILE E 393 16.49 25.69 33.84
C ILE E 393 16.31 24.26 33.32
N PHE E 394 15.71 24.11 32.13
CA PHE E 394 15.39 22.81 31.56
C PHE E 394 16.61 22.16 30.92
N GLY E 395 17.52 22.94 30.30
CA GLY E 395 18.56 22.38 29.46
C GLY E 395 18.00 21.90 28.12
N ASP E 396 18.80 21.10 27.42
CA ASP E 396 18.52 20.75 26.04
C ASP E 396 17.32 19.85 25.92
N ASP E 397 17.10 18.93 26.86
CA ASP E 397 16.11 17.90 26.73
C ASP E 397 14.81 18.47 27.26
N SER E 398 14.18 19.29 26.43
CA SER E 398 12.90 19.91 26.75
C SER E 398 12.24 20.36 25.46
N VAL E 399 10.93 20.59 25.52
CA VAL E 399 10.19 21.22 24.43
C VAL E 399 9.66 22.54 24.97
N LEU E 400 9.93 23.64 24.28
CA LEU E 400 9.40 24.94 24.68
C LEU E 400 8.25 25.29 23.74
N GLN E 401 7.05 25.47 24.30
CA GLN E 401 5.82 25.58 23.51
C GLN E 401 5.32 27.03 23.63
N PHE E 402 5.27 27.78 22.52
CA PHE E 402 4.81 29.16 22.40
C PHE E 402 3.37 28.98 21.92
N GLY E 403 2.45 29.87 22.21
CA GLY E 403 1.20 29.93 21.47
C GLY E 403 1.12 31.39 21.04
N GLY E 404 0.77 32.22 22.00
CA GLY E 404 0.75 33.68 21.86
C GLY E 404 2.08 34.25 21.32
N GLY E 405 3.20 33.74 21.85
CA GLY E 405 4.55 34.17 21.54
C GLY E 405 5.03 33.90 20.12
N THR E 406 4.32 33.06 19.34
CA THR E 406 4.57 32.93 17.91
C THR E 406 3.48 33.65 17.12
N LEU E 407 2.20 33.32 17.42
CA LEU E 407 1.06 33.79 16.62
C LEU E 407 0.85 35.31 16.78
N GLY E 408 1.30 35.89 17.89
CA GLY E 408 1.17 37.29 18.24
C GLY E 408 2.29 38.17 17.70
N HIS E 409 3.27 37.63 16.98
CA HIS E 409 4.31 38.42 16.34
C HIS E 409 3.65 39.35 15.33
N PRO E 410 4.06 40.64 15.25
CA PRO E 410 3.38 41.60 14.38
C PRO E 410 3.45 41.29 12.89
N TRP E 411 4.46 40.52 12.47
CA TRP E 411 4.68 40.14 11.09
C TRP E 411 4.09 38.75 10.72
N GLY E 412 3.40 38.06 11.64
CA GLY E 412 2.74 36.77 11.37
C GLY E 412 3.57 35.61 11.89
N ASN E 413 3.16 34.42 11.51
CA ASN E 413 3.57 33.16 12.11
C ASN E 413 5.01 32.84 11.75
N ALA E 414 5.37 32.94 10.46
CA ALA E 414 6.73 32.56 10.07
C ALA E 414 7.76 33.46 10.75
N PRO E 415 7.64 34.80 10.75
CA PRO E 415 8.53 35.67 11.54
C PRO E 415 8.48 35.44 13.05
N GLY E 416 7.30 35.15 13.57
CA GLY E 416 7.13 34.69 14.93
C GLY E 416 8.09 33.53 15.24
N ALA E 417 8.04 32.53 14.36
CA ALA E 417 8.79 31.31 14.46
C ALA E 417 10.29 31.58 14.37
N VAL E 418 10.69 32.41 13.39
CA VAL E 418 12.08 32.77 13.19
C VAL E 418 12.61 33.47 14.45
N ALA E 419 11.84 34.38 15.03
CA ALA E 419 12.24 35.11 16.23
C ALA E 419 12.57 34.12 17.35
N ASN E 420 11.65 33.16 17.59
CA ASN E 420 11.82 32.14 18.60
C ASN E 420 13.03 31.23 18.31
N ARG E 421 13.22 30.81 17.05
CA ARG E 421 14.31 29.91 16.71
C ARG E 421 15.65 30.63 16.87
N VAL E 422 15.76 31.88 16.41
CA VAL E 422 16.95 32.71 16.55
C VAL E 422 17.26 32.94 18.04
N ALA E 423 16.27 33.34 18.83
CA ALA E 423 16.47 33.57 20.25
C ALA E 423 17.05 32.32 20.92
N LEU E 424 16.51 31.16 20.55
CA LEU E 424 16.94 29.90 21.13
C LEU E 424 18.36 29.57 20.71
N GLU E 425 18.65 29.64 19.42
CA GLU E 425 19.98 29.31 18.93
C GLU E 425 21.02 30.29 19.51
N ALA E 426 20.66 31.58 19.64
CA ALA E 426 21.50 32.63 20.22
C ALA E 426 21.86 32.25 21.66
N CYS E 427 20.86 31.81 22.42
CA CYS E 427 21.08 31.36 23.78
C CYS E 427 21.96 30.11 23.85
N VAL E 428 21.69 29.14 22.95
CA VAL E 428 22.43 27.89 22.94
C VAL E 428 23.89 28.22 22.65
N GLN E 429 24.14 29.02 21.59
CA GLN E 429 25.47 29.44 21.22
C GLN E 429 26.20 30.11 22.39
N ALA E 430 25.57 31.12 23.01
CA ALA E 430 26.10 31.84 24.16
C ALA E 430 26.45 30.89 25.32
N ARG E 431 25.53 29.95 25.66
CA ARG E 431 25.76 28.96 26.71
C ARG E 431 26.99 28.10 26.38
N ASN E 432 27.10 27.62 25.14
CA ASN E 432 28.18 26.77 24.70
C ASN E 432 29.52 27.50 24.79
N GLU E 433 29.54 28.81 24.46
CA GLU E 433 30.73 29.65 24.63
C GLU E 433 31.14 29.96 26.09
N GLY E 434 30.36 29.59 27.11
CA GLY E 434 30.67 29.82 28.51
C GLY E 434 29.98 31.07 29.12
N ARG E 435 29.04 31.71 28.40
CA ARG E 435 28.32 32.86 28.93
C ARG E 435 27.28 32.36 29.93
N ASP E 436 26.99 33.17 30.96
CA ASP E 436 26.03 32.83 31.99
C ASP E 436 24.66 33.31 31.50
N LEU E 437 23.76 32.36 31.17
CA LEU E 437 22.40 32.68 30.76
C LEU E 437 21.60 33.37 31.86
N ALA E 438 21.89 33.09 33.13
CA ALA E 438 21.21 33.71 34.26
C ALA E 438 21.54 35.21 34.34
N ARG E 439 22.82 35.58 34.18
CA ARG E 439 23.28 36.96 34.29
C ARG E 439 23.14 37.71 32.95
N GLU E 440 23.58 37.13 31.82
CA GLU E 440 23.67 37.83 30.53
C GLU E 440 22.50 37.57 29.56
N GLY E 441 21.41 36.92 29.98
CA GLY E 441 20.30 36.51 29.11
C GLY E 441 19.70 37.63 28.27
N ASN E 442 19.26 38.71 28.93
CA ASN E 442 18.84 39.99 28.31
C ASN E 442 19.82 40.53 27.25
N THR E 443 21.10 40.51 27.56
CA THR E 443 22.15 41.02 26.69
C THR E 443 22.32 40.12 25.46
N ILE E 444 22.20 38.79 25.63
CA ILE E 444 22.29 37.81 24.55
C ILE E 444 21.20 38.08 23.52
N ILE E 445 19.97 38.27 24.00
CA ILE E 445 18.85 38.60 23.11
C ILE E 445 19.09 39.93 22.36
N ARG E 446 19.52 40.99 23.10
CA ARG E 446 19.72 42.33 22.54
C ARG E 446 20.74 42.26 21.41
N GLU E 447 21.88 41.59 21.64
CA GLU E 447 22.89 41.36 20.62
C GLU E 447 22.32 40.76 19.33
N ALA E 448 21.44 39.74 19.45
CA ALA E 448 20.87 39.06 18.29
C ALA E 448 19.90 39.98 17.53
N THR E 449 19.26 40.96 18.20
CA THR E 449 18.40 41.93 17.54
C THR E 449 19.15 42.77 16.50
N LYS E 450 20.48 42.94 16.66
CA LYS E 450 21.31 43.71 15.75
C LYS E 450 21.31 43.12 14.33
N TRP E 451 21.25 41.78 14.18
CA TRP E 451 21.27 41.13 12.86
C TRP E 451 19.96 40.41 12.50
N SER E 452 19.02 40.13 13.43
CA SER E 452 17.72 39.54 13.14
C SER E 452 16.61 40.59 13.25
N PRO E 453 16.08 41.12 12.11
CA PRO E 453 14.93 42.02 12.15
C PRO E 453 13.67 41.36 12.71
N GLU E 454 13.52 40.05 12.47
CA GLU E 454 12.40 39.26 12.99
C GLU E 454 12.40 39.27 14.51
N LEU E 455 13.56 39.02 15.12
CA LEU E 455 13.71 39.06 16.57
C LEU E 455 13.58 40.49 17.12
N ALA E 456 14.12 41.50 16.40
CA ALA E 456 14.00 42.91 16.81
C ALA E 456 12.54 43.33 16.91
N ALA E 457 11.73 42.92 15.90
CA ALA E 457 10.28 43.18 15.93
C ALA E 457 9.57 42.55 17.12
N ALA E 458 9.93 41.31 17.48
CA ALA E 458 9.37 40.62 18.66
C ALA E 458 9.73 41.33 19.98
N CYS E 459 11.00 41.74 20.11
CA CYS E 459 11.53 42.38 21.30
C CYS E 459 10.89 43.72 21.61
N GLU E 460 10.45 44.47 20.58
CA GLU E 460 9.63 45.67 20.78
C GLU E 460 8.25 45.37 21.39
N VAL E 461 7.62 44.24 21.02
CA VAL E 461 6.22 43.95 21.37
C VAL E 461 6.07 43.45 22.81
N TRP E 462 6.97 42.58 23.31
CA TRP E 462 6.91 41.98 24.67
C TRP E 462 8.05 42.56 25.53
N LYS E 463 7.87 42.51 26.87
CA LYS E 463 8.65 43.23 27.88
C LYS E 463 8.32 44.72 27.76
N TYR F 20 15.73 -58.06 24.81
CA TYR F 20 16.31 -56.95 24.01
C TYR F 20 17.23 -57.47 22.90
N LYS F 21 18.13 -58.44 23.17
CA LYS F 21 19.13 -58.91 22.20
C LYS F 21 18.45 -59.44 20.92
N LEU F 22 17.51 -60.40 21.02
CA LEU F 22 17.02 -61.14 19.86
C LEU F 22 16.06 -60.33 18.96
N THR F 23 15.28 -59.40 19.55
CA THR F 23 14.35 -58.56 18.79
C THR F 23 15.09 -57.44 18.05
N TYR F 24 16.10 -56.75 18.66
CA TYR F 24 16.56 -55.42 18.22
C TYR F 24 17.94 -55.40 17.54
N TYR F 25 18.76 -56.44 17.69
CA TYR F 25 20.01 -56.59 16.98
C TYR F 25 19.75 -57.53 15.81
N THR F 26 19.74 -57.02 14.58
CA THR F 26 19.34 -57.76 13.38
C THR F 26 20.43 -57.57 12.33
N PRO F 27 21.62 -58.24 12.48
CA PRO F 27 22.74 -58.08 11.54
C PRO F 27 22.48 -58.43 10.07
N GLU F 28 21.48 -59.27 9.82
CA GLU F 28 21.07 -59.69 8.47
C GLU F 28 20.09 -58.71 7.80
N TYR F 29 19.62 -57.65 8.50
CA TYR F 29 18.59 -56.74 8.01
C TYR F 29 19.13 -55.94 6.83
N GLU F 30 18.41 -55.95 5.70
CA GLU F 30 18.68 -55.13 4.54
C GLU F 30 17.88 -53.83 4.70
N THR F 31 18.59 -52.68 4.74
CA THR F 31 17.92 -51.38 4.89
C THR F 31 17.04 -51.09 3.67
N LEU F 32 15.84 -50.56 3.92
CA LEU F 32 14.95 -50.11 2.85
C LEU F 32 15.31 -48.69 2.45
N ASP F 33 14.93 -48.32 1.23
CA ASP F 33 15.11 -46.98 0.69
C ASP F 33 14.28 -45.92 1.43
N THR F 34 13.17 -46.32 2.10
CA THR F 34 12.35 -45.47 2.93
C THR F 34 12.83 -45.32 4.38
N ASP F 35 13.85 -46.08 4.85
CA ASP F 35 14.24 -46.10 6.27
C ASP F 35 15.03 -44.84 6.54
N ILE F 36 14.86 -44.31 7.75
CA ILE F 36 15.80 -43.37 8.33
C ILE F 36 16.92 -44.21 8.95
N LEU F 37 18.17 -43.94 8.59
CA LEU F 37 19.33 -44.65 9.17
C LEU F 37 20.06 -43.71 10.13
N ALA F 38 20.46 -44.20 11.31
CA ALA F 38 21.22 -43.44 12.29
C ALA F 38 22.55 -44.14 12.55
N ALA F 39 23.64 -43.38 12.58
CA ALA F 39 24.93 -43.86 13.08
C ALA F 39 25.16 -43.25 14.46
N PHE F 40 25.10 -44.10 15.51
CA PHE F 40 25.42 -43.70 16.88
C PHE F 40 26.84 -44.12 17.25
N ARG F 41 27.59 -43.22 17.88
CA ARG F 41 28.82 -43.55 18.57
C ARG F 41 28.43 -43.92 20.00
N VAL F 42 28.62 -45.20 20.34
CA VAL F 42 28.09 -45.83 21.53
C VAL F 42 29.28 -46.19 22.40
N SER F 43 29.24 -45.71 23.66
CA SER F 43 30.25 -45.95 24.69
C SER F 43 29.53 -46.73 25.78
N PRO F 44 29.48 -48.09 25.74
CA PRO F 44 28.76 -48.87 26.74
C PRO F 44 29.37 -48.74 28.14
N GLN F 45 28.57 -49.05 29.15
CA GLN F 45 29.03 -49.23 30.52
C GLN F 45 29.95 -50.47 30.55
N PRO F 46 31.02 -50.53 31.40
CA PRO F 46 31.91 -51.70 31.48
C PRO F 46 31.20 -53.05 31.58
N GLY F 47 31.55 -54.00 30.70
CA GLY F 47 30.93 -55.32 30.67
C GLY F 47 29.53 -55.38 30.05
N VAL F 48 29.07 -54.31 29.37
CA VAL F 48 27.93 -54.39 28.46
C VAL F 48 28.55 -54.70 27.11
N PRO F 49 28.34 -55.89 26.49
CA PRO F 49 28.92 -56.18 25.19
C PRO F 49 28.24 -55.33 24.11
N PRO F 50 28.92 -55.13 22.95
CA PRO F 50 28.43 -54.24 21.90
C PRO F 50 27.00 -54.53 21.42
N GLU F 51 26.72 -55.82 21.18
CA GLU F 51 25.48 -56.32 20.61
C GLU F 51 24.32 -55.89 21.50
N GLU F 52 24.47 -56.00 22.83
CA GLU F 52 23.48 -55.55 23.78
C GLU F 52 23.35 -54.02 23.78
N ALA F 53 24.48 -53.30 23.73
CA ALA F 53 24.48 -51.85 23.70
C ALA F 53 23.66 -51.35 22.49
N GLY F 54 23.95 -51.97 21.33
CA GLY F 54 23.33 -51.66 20.05
C GLY F 54 21.84 -51.93 20.06
N ALA F 55 21.48 -53.11 20.56
CA ALA F 55 20.08 -53.46 20.70
C ALA F 55 19.38 -52.48 21.63
N ALA F 56 20.03 -52.13 22.75
CA ALA F 56 19.46 -51.19 23.71
C ALA F 56 19.20 -49.82 23.06
N VAL F 57 20.14 -49.35 22.23
CA VAL F 57 19.96 -48.07 21.57
C VAL F 57 18.73 -48.08 20.64
N ALA F 58 18.60 -49.14 19.82
CA ALA F 58 17.49 -49.37 18.92
C ALA F 58 16.17 -49.45 19.69
N ALA F 59 16.14 -50.31 20.71
CA ALA F 59 14.97 -50.51 21.54
C ALA F 59 14.54 -49.20 22.21
N GLU F 60 15.48 -48.55 22.91
CA GLU F 60 15.17 -47.34 23.68
C GLU F 60 14.88 -46.10 22.82
N SER F 61 15.24 -46.12 21.51
CA SER F 61 14.81 -45.11 20.56
C SER F 61 13.56 -45.47 19.75
N SER F 62 12.79 -46.52 20.13
CA SER F 62 11.63 -47.00 19.39
C SER F 62 10.65 -47.69 20.35
N THR F 63 10.48 -49.02 20.34
CA THR F 63 9.33 -49.72 20.93
C THR F 63 9.64 -50.38 22.28
N GLY F 64 10.85 -50.21 22.85
CA GLY F 64 11.28 -51.02 23.98
C GLY F 64 10.57 -50.60 25.25
N THR F 65 9.98 -51.57 25.96
CA THR F 65 9.32 -51.38 27.25
C THR F 65 10.01 -52.29 28.26
N TRP F 66 10.02 -51.81 29.52
CA TRP F 66 10.73 -52.45 30.63
C TRP F 66 10.01 -53.72 31.11
N THR F 67 8.66 -53.77 31.05
CA THR F 67 7.82 -54.96 31.22
C THR F 67 6.97 -55.15 29.96
N THR F 68 6.60 -56.41 29.62
CA THR F 68 5.75 -56.67 28.47
C THR F 68 4.30 -56.23 28.75
N VAL F 69 3.59 -55.79 27.70
CA VAL F 69 2.26 -55.20 27.80
C VAL F 69 1.36 -55.85 26.75
N TRP F 70 0.10 -56.12 27.15
CA TRP F 70 -0.85 -56.84 26.30
C TRP F 70 -1.23 -56.08 25.03
N THR F 71 -1.23 -54.73 25.06
CA THR F 71 -1.57 -53.88 23.92
C THR F 71 -0.64 -54.09 22.72
N ASP F 72 0.61 -54.52 22.93
CA ASP F 72 1.53 -54.97 21.88
C ASP F 72 0.92 -56.02 20.95
N GLY F 73 0.06 -56.90 21.48
CA GLY F 73 -0.65 -57.88 20.68
C GLY F 73 -1.76 -57.31 19.78
N LEU F 74 -2.15 -56.02 19.90
CA LEU F 74 -3.09 -55.38 18.98
C LEU F 74 -2.47 -54.86 17.68
N THR F 75 -1.15 -54.95 17.52
CA THR F 75 -0.44 -54.46 16.34
C THR F 75 0.72 -55.40 16.06
N ASN F 76 1.52 -55.04 15.06
CA ASN F 76 2.72 -55.77 14.66
C ASN F 76 3.91 -54.87 14.97
N LEU F 77 4.57 -55.08 16.11
CA LEU F 77 5.69 -54.23 16.52
C LEU F 77 6.93 -54.38 15.65
N ASP F 78 7.08 -55.48 14.91
CA ASP F 78 8.17 -55.64 13.95
C ASP F 78 8.10 -54.57 12.85
N ARG F 79 6.90 -54.08 12.49
CA ARG F 79 6.72 -52.95 11.58
C ARG F 79 7.28 -51.62 12.12
N TYR F 80 7.30 -51.40 13.45
CA TYR F 80 7.60 -50.12 14.10
C TYR F 80 8.90 -50.15 14.92
N LYS F 81 9.63 -51.27 14.95
CA LYS F 81 10.83 -51.37 15.76
C LYS F 81 11.98 -50.70 15.00
N GLY F 82 12.84 -50.03 15.79
CA GLY F 82 14.19 -49.71 15.38
C GLY F 82 15.01 -50.98 15.41
N ARG F 83 15.95 -51.10 14.45
CA ARG F 83 16.78 -52.28 14.26
C ARG F 83 18.22 -51.84 14.24
N CYS F 84 19.03 -52.34 15.18
CA CYS F 84 20.48 -52.24 15.10
C CYS F 84 20.95 -53.31 14.13
N TYR F 85 21.42 -52.92 12.95
CA TYR F 85 21.74 -53.82 11.83
C TYR F 85 23.25 -53.94 11.58
N HIS F 86 24.11 -53.13 12.21
CA HIS F 86 25.55 -53.19 12.04
C HIS F 86 26.22 -52.49 13.23
N ILE F 87 27.37 -53.05 13.64
CA ILE F 87 28.22 -52.56 14.70
C ILE F 87 29.65 -52.66 14.20
N GLU F 88 30.45 -51.61 14.41
CA GLU F 88 31.88 -51.66 14.14
C GLU F 88 32.61 -50.96 15.27
N PRO F 89 33.79 -51.47 15.72
CA PRO F 89 34.60 -50.75 16.71
C PRO F 89 35.15 -49.46 16.14
N VAL F 90 35.43 -48.53 17.05
CA VAL F 90 36.13 -47.29 16.76
C VAL F 90 37.62 -47.58 16.99
N ALA F 91 38.46 -47.21 16.02
CA ALA F 91 39.91 -47.29 16.12
C ALA F 91 40.39 -46.36 17.24
N GLY F 92 41.17 -46.88 18.18
CA GLY F 92 41.95 -46.07 19.10
C GLY F 92 41.26 -45.95 20.46
N GLU F 93 39.92 -45.79 20.46
CA GLU F 93 39.14 -45.71 21.68
C GLU F 93 39.05 -47.09 22.35
N GLU F 94 39.07 -47.06 23.69
CA GLU F 94 38.66 -48.18 24.52
C GLU F 94 37.13 -48.18 24.53
N ASN F 95 36.54 -49.34 24.22
CA ASN F 95 35.14 -49.67 24.47
C ASN F 95 34.16 -48.66 23.83
N GLN F 96 34.34 -48.39 22.53
CA GLN F 96 33.51 -47.50 21.76
C GLN F 96 33.22 -48.09 20.38
N TYR F 97 31.96 -47.98 19.93
CA TYR F 97 31.47 -48.61 18.70
C TYR F 97 30.57 -47.62 17.95
N ILE F 98 30.57 -47.74 16.62
CA ILE F 98 29.54 -47.15 15.78
C ILE F 98 28.46 -48.22 15.62
N CYS F 99 27.25 -47.92 16.11
CA CYS F 99 26.02 -48.70 15.95
C CYS F 99 25.09 -48.03 14.92
N TYR F 100 24.61 -48.83 13.96
CA TYR F 100 23.79 -48.36 12.86
C TYR F 100 22.38 -48.86 13.12
N VAL F 101 21.40 -47.94 13.10
CA VAL F 101 20.04 -48.23 13.43
C VAL F 101 19.15 -47.78 12.27
N ALA F 102 18.21 -48.61 11.86
CA ALA F 102 17.21 -48.32 10.85
C ALA F 102 15.89 -48.02 11.58
N TYR F 103 15.22 -46.89 11.23
CA TYR F 103 13.90 -46.55 11.70
C TYR F 103 12.97 -46.58 10.51
N PRO F 104 11.80 -47.25 10.54
CA PRO F 104 10.85 -47.15 9.45
C PRO F 104 10.28 -45.75 9.24
N LEU F 105 9.95 -45.44 7.98
CA LEU F 105 9.33 -44.18 7.58
C LEU F 105 8.12 -43.80 8.42
N ASP F 106 7.31 -44.79 8.75
CA ASP F 106 6.00 -44.62 9.38
C ASP F 106 6.09 -44.06 10.80
N LEU F 107 7.27 -44.07 11.42
CA LEU F 107 7.50 -43.46 12.71
C LEU F 107 7.32 -41.95 12.72
N PHE F 108 7.47 -41.26 11.59
CA PHE F 108 7.79 -39.86 11.52
C PHE F 108 6.61 -39.08 10.99
N GLU F 109 6.33 -37.93 11.60
CA GLU F 109 5.42 -36.96 11.07
C GLU F 109 6.09 -36.28 9.88
N GLU F 110 5.28 -36.11 8.82
CA GLU F 110 5.71 -35.48 7.58
C GLU F 110 6.09 -34.03 7.88
N GLY F 111 7.24 -33.56 7.37
CA GLY F 111 7.64 -32.17 7.41
C GLY F 111 8.00 -31.64 8.80
N SER F 112 8.16 -32.51 9.82
CA SER F 112 8.37 -32.09 11.21
C SER F 112 9.76 -32.55 11.66
N VAL F 113 10.75 -31.65 11.57
CA VAL F 113 12.06 -31.90 12.19
C VAL F 113 11.92 -32.13 13.70
N THR F 114 11.01 -31.37 14.35
CA THR F 114 10.68 -31.57 15.76
C THR F 114 10.41 -33.04 16.05
N ASN F 115 9.54 -33.68 15.27
CA ASN F 115 9.17 -35.08 15.50
C ASN F 115 10.33 -36.03 15.21
N MET F 116 11.13 -35.73 14.15
CA MET F 116 12.26 -36.56 13.79
C MET F 116 13.28 -36.65 14.93
N PHE F 117 13.61 -35.50 15.52
CA PHE F 117 14.55 -35.43 16.63
C PHE F 117 13.95 -36.01 17.88
N THR F 118 12.71 -35.70 18.20
CA THR F 118 12.08 -36.33 19.35
C THR F 118 12.12 -37.86 19.23
N SER F 119 11.77 -38.44 18.09
CA SER F 119 11.76 -39.89 17.90
C SER F 119 13.14 -40.53 18.06
N ILE F 120 14.20 -39.92 17.54
CA ILE F 120 15.51 -40.53 17.44
C ILE F 120 16.33 -40.18 18.69
N VAL F 121 16.36 -38.91 19.12
CA VAL F 121 17.20 -38.48 20.23
C VAL F 121 16.39 -38.14 21.48
N GLY F 122 15.09 -38.40 21.56
CA GLY F 122 14.29 -37.91 22.68
C GLY F 122 14.54 -38.64 24.00
N ASN F 123 14.89 -39.92 23.95
CA ASN F 123 14.84 -40.81 25.10
C ASN F 123 16.19 -41.50 25.37
N VAL F 124 16.89 -41.97 24.32
CA VAL F 124 17.95 -42.95 24.46
C VAL F 124 19.19 -42.41 25.18
N PHE F 125 19.47 -41.11 25.18
CA PHE F 125 20.73 -40.53 25.62
C PHE F 125 20.87 -40.65 27.15
N GLY F 126 19.75 -40.87 27.88
CA GLY F 126 19.79 -41.12 29.31
C GLY F 126 19.93 -42.58 29.71
N PHE F 127 20.06 -43.55 28.78
CA PHE F 127 19.92 -44.95 29.15
C PHE F 127 21.14 -45.39 29.96
N LYS F 128 20.88 -46.06 31.10
CA LYS F 128 21.90 -46.27 32.14
C LYS F 128 22.98 -47.28 31.71
N ALA F 129 22.72 -48.22 30.76
CA ALA F 129 23.72 -49.12 30.23
C ALA F 129 24.76 -48.45 29.33
N LEU F 130 24.53 -47.19 28.94
CA LEU F 130 25.48 -46.42 28.18
C LEU F 130 26.14 -45.43 29.11
N ARG F 131 27.46 -45.27 28.98
CA ARG F 131 28.20 -44.21 29.65
C ARG F 131 28.05 -42.94 28.81
N ALA F 132 28.04 -43.08 27.46
CA ALA F 132 27.93 -41.95 26.58
C ALA F 132 27.34 -42.38 25.24
N LEU F 133 26.84 -41.38 24.52
CA LEU F 133 26.14 -41.58 23.28
C LEU F 133 26.22 -40.30 22.45
N ARG F 134 26.67 -40.44 21.20
CA ARG F 134 26.66 -39.36 20.24
C ARG F 134 26.02 -39.81 18.94
N LEU F 135 25.09 -39.00 18.40
CA LEU F 135 24.59 -39.18 17.04
C LEU F 135 25.53 -38.50 16.06
N GLU F 136 26.14 -39.29 15.16
CA GLU F 136 27.10 -38.78 14.20
C GLU F 136 26.40 -38.40 12.91
N ASP F 137 25.49 -39.23 12.42
CA ASP F 137 24.89 -39.01 11.11
C ASP F 137 23.49 -39.64 11.03
N LEU F 138 22.71 -39.14 10.08
CA LEU F 138 21.40 -39.64 9.68
C LEU F 138 21.33 -39.75 8.16
N ARG F 139 20.83 -40.87 7.62
CA ARG F 139 20.41 -40.99 6.24
C ARG F 139 18.94 -40.60 6.21
N ILE F 140 18.60 -39.45 5.65
CA ILE F 140 17.21 -39.03 5.51
C ILE F 140 16.76 -39.57 4.16
N PRO F 141 15.80 -40.51 4.10
CA PRO F 141 15.35 -41.07 2.82
C PRO F 141 14.62 -40.02 2.00
N VAL F 142 14.64 -40.24 0.67
CA VAL F 142 14.11 -39.25 -0.26
C VAL F 142 12.60 -39.07 -0.07
N ALA F 143 11.86 -40.11 0.32
CA ALA F 143 10.47 -39.95 0.59
C ALA F 143 10.15 -39.05 1.79
N TYR F 144 11.05 -38.99 2.79
CA TYR F 144 10.87 -38.06 3.89
C TYR F 144 11.34 -36.68 3.48
N VAL F 145 12.45 -36.56 2.75
CA VAL F 145 12.91 -35.30 2.23
C VAL F 145 11.78 -34.53 1.53
N LYS F 146 10.97 -35.19 0.68
CA LYS F 146 9.96 -34.56 -0.13
C LYS F 146 8.80 -34.05 0.70
N THR F 147 8.70 -34.38 2.00
CA THR F 147 7.68 -33.80 2.84
C THR F 147 8.07 -32.43 3.35
N PHE F 148 9.32 -31.95 3.15
CA PHE F 148 9.75 -30.66 3.72
C PHE F 148 9.77 -29.61 2.62
N GLN F 149 9.61 -28.33 3.00
CA GLN F 149 9.82 -27.23 2.05
C GLN F 149 11.30 -27.18 1.73
N GLY F 150 12.15 -27.27 2.76
CA GLY F 150 13.56 -27.04 2.55
C GLY F 150 13.89 -25.54 2.55
N PRO F 151 15.06 -25.11 2.07
CA PRO F 151 15.41 -23.69 2.04
C PRO F 151 14.34 -22.83 1.37
N PRO F 152 13.98 -21.65 1.93
CA PRO F 152 13.04 -20.74 1.27
C PRO F 152 13.45 -20.41 -0.16
N HIS F 153 14.76 -20.21 -0.43
CA HIS F 153 15.30 -19.88 -1.73
C HIS F 153 16.45 -20.80 -2.11
N GLY F 154 17.53 -20.79 -1.32
CA GLY F 154 18.69 -21.64 -1.61
C GLY F 154 19.64 -20.93 -2.58
N ILE F 155 20.80 -21.54 -2.82
CA ILE F 155 22.03 -20.89 -3.27
C ILE F 155 21.79 -20.21 -4.60
N GLN F 156 21.22 -20.93 -5.56
CA GLN F 156 21.15 -20.45 -6.93
C GLN F 156 20.21 -19.25 -7.04
N VAL F 157 19.03 -19.38 -6.41
CA VAL F 157 18.02 -18.33 -6.36
C VAL F 157 18.57 -17.10 -5.67
N GLU F 158 19.25 -17.26 -4.53
CA GLU F 158 19.80 -16.12 -3.80
C GLU F 158 20.79 -15.35 -4.71
N ARG F 159 21.76 -16.05 -5.35
CA ARG F 159 22.66 -15.41 -6.30
C ARG F 159 21.88 -14.65 -7.42
N ASP F 160 20.84 -15.28 -7.99
CA ASP F 160 20.00 -14.63 -9.01
C ASP F 160 19.27 -13.40 -8.49
N LYS F 161 18.73 -13.43 -7.28
CA LYS F 161 18.00 -12.29 -6.70
C LYS F 161 18.93 -11.12 -6.40
N LEU F 162 20.13 -11.39 -5.88
CA LEU F 162 21.09 -10.37 -5.49
C LEU F 162 21.99 -9.96 -6.64
N ASN F 163 22.01 -10.72 -7.75
CA ASN F 163 22.82 -10.45 -8.93
C ASN F 163 24.32 -10.55 -8.59
N LYS F 164 24.70 -11.58 -7.84
CA LYS F 164 26.05 -11.70 -7.29
C LYS F 164 26.58 -13.08 -7.69
N TYR F 165 27.55 -13.11 -8.57
CA TYR F 165 28.03 -14.35 -9.15
C TYR F 165 29.55 -14.41 -9.01
N GLY F 166 30.08 -15.62 -8.86
CA GLY F 166 31.47 -15.94 -9.17
C GLY F 166 32.45 -15.54 -8.06
N ARG F 167 31.94 -15.29 -6.84
CA ARG F 167 32.79 -15.08 -5.68
C ARG F 167 32.02 -15.45 -4.42
N PRO F 168 32.71 -15.68 -3.28
CA PRO F 168 32.10 -15.64 -1.95
C PRO F 168 31.37 -14.33 -1.73
N LEU F 169 30.30 -14.38 -0.91
CA LEU F 169 29.67 -13.18 -0.39
C LEU F 169 30.41 -12.77 0.88
N LEU F 170 30.27 -11.48 1.23
CA LEU F 170 31.02 -10.85 2.31
C LEU F 170 30.04 -10.16 3.26
N GLY F 171 30.24 -10.41 4.55
CA GLY F 171 29.43 -9.84 5.59
C GLY F 171 30.27 -9.43 6.78
N CYS F 172 29.59 -8.76 7.68
CA CYS F 172 30.18 -8.18 8.87
C CYS F 172 29.13 -8.15 9.97
N THR F 173 29.47 -8.70 11.15
CA THR F 173 28.67 -8.51 12.33
C THR F 173 28.95 -7.13 12.94
N ILE F 174 27.91 -6.38 13.29
CA ILE F 174 28.07 -5.09 13.97
C ILE F 174 28.41 -5.36 15.44
N LYS F 175 29.46 -4.69 15.90
CA LYS F 175 29.99 -4.76 17.26
C LYS F 175 30.17 -3.31 17.73
N PRO F 176 30.00 -2.97 19.03
CA PRO F 176 29.58 -3.93 20.05
C PRO F 176 28.11 -4.37 19.86
N LYS F 177 27.85 -5.64 20.18
CA LYS F 177 26.54 -6.25 20.06
C LYS F 177 25.51 -5.50 20.92
N LEU F 178 25.89 -5.15 22.14
CA LEU F 178 25.03 -4.33 22.99
C LEU F 178 25.74 -3.06 23.42
N GLY F 179 24.91 -1.99 23.48
CA GLY F 179 25.35 -0.68 23.95
C GLY F 179 25.29 0.45 22.93
N LEU F 180 25.17 0.17 21.65
CA LEU F 180 24.96 1.23 20.67
C LEU F 180 23.49 1.60 20.68
N SER F 181 23.21 2.90 20.44
CA SER F 181 21.88 3.32 20.05
C SER F 181 21.52 2.73 18.66
N ALA F 182 20.23 2.72 18.35
CA ALA F 182 19.75 2.23 17.05
C ALA F 182 20.29 3.10 15.92
N LYS F 183 20.35 4.42 16.08
CA LYS F 183 20.98 5.27 15.07
C LYS F 183 22.48 5.02 14.88
N ASN F 184 23.25 4.94 15.98
CA ASN F 184 24.69 4.70 15.86
C ASN F 184 24.97 3.34 15.22
N TYR F 185 24.12 2.33 15.54
CA TYR F 185 24.20 1.04 14.93
C TYR F 185 24.00 1.15 13.43
N GLY F 186 22.97 1.91 13.01
CA GLY F 186 22.75 2.07 11.59
C GLY F 186 23.89 2.82 10.88
N ARG F 187 24.53 3.77 11.56
CA ARG F 187 25.69 4.47 11.06
C ARG F 187 26.76 3.46 10.68
N ALA F 188 27.11 2.55 11.59
CA ALA F 188 28.12 1.55 11.31
C ALA F 188 27.71 0.66 10.14
N VAL F 189 26.39 0.36 9.97
CA VAL F 189 25.88 -0.44 8.89
C VAL F 189 26.14 0.26 7.57
N TYR F 190 25.76 1.53 7.47
CA TYR F 190 25.96 2.30 6.24
C TYR F 190 27.44 2.28 5.86
N GLU F 191 28.33 2.64 6.82
CA GLU F 191 29.76 2.71 6.56
C GLU F 191 30.37 1.36 6.19
N CYS F 192 29.88 0.25 6.74
CA CYS F 192 30.29 -1.10 6.34
C CYS F 192 29.85 -1.39 4.91
N LEU F 193 28.56 -1.20 4.63
CA LEU F 193 28.02 -1.60 3.33
C LEU F 193 28.58 -0.81 2.15
N ARG F 194 28.89 0.47 2.38
CA ARG F 194 29.29 1.36 1.31
C ARG F 194 30.70 1.04 0.82
N GLY F 195 31.52 0.38 1.65
CA GLY F 195 32.88 0.01 1.24
C GLY F 195 32.97 -1.29 0.44
N GLY F 196 31.84 -1.95 0.16
CA GLY F 196 31.78 -3.10 -0.74
C GLY F 196 31.44 -4.43 -0.06
N LEU F 197 31.08 -4.44 1.25
CA LEU F 197 30.46 -5.62 1.83
C LEU F 197 29.04 -5.78 1.28
N ASP F 198 28.64 -7.04 1.11
CA ASP F 198 27.30 -7.38 0.66
C ASP F 198 26.29 -7.26 1.80
N PHE F 199 26.69 -7.68 3.00
CA PHE F 199 25.81 -7.84 4.15
C PHE F 199 26.45 -7.30 5.43
N THR F 200 25.62 -6.70 6.26
CA THR F 200 25.93 -6.54 7.69
C THR F 200 24.92 -7.40 8.43
N KCX F 201 25.04 -7.50 9.72
CA KCX F 201 24.37 -8.52 10.50
CB KCX F 201 25.34 -9.71 10.39
CG KCX F 201 25.16 -10.75 11.38
CD KCX F 201 25.86 -12.08 11.17
CE KCX F 201 25.20 -13.02 12.14
NZ KCX F 201 25.46 -12.68 13.52
C KCX F 201 24.18 -8.07 11.95
O KCX F 201 25.08 -7.50 12.56
CX KCX F 201 26.67 -13.17 14.11
OQ1 KCX F 201 27.52 -13.95 13.70
OQ2 KCX F 201 26.55 -12.82 15.40
H KCX F 201 25.64 -6.95 10.17
HA KCX F 201 23.50 -8.75 10.09
HB2 KCX F 201 25.26 -10.10 9.51
HB3 KCX F 201 26.26 -9.38 10.49
HG2 KCX F 201 25.46 -10.40 12.23
HG3 KCX F 201 24.18 -10.91 11.44
HD2 KCX F 201 25.75 -12.41 10.26
HD3 KCX F 201 26.81 -12.00 11.35
HE2 KCX F 201 24.24 -13.08 12.00
HE3 KCX F 201 25.53 -13.92 11.96
N ASP F 202 23.00 -8.44 12.48
CA ASP F 202 22.74 -8.45 13.89
C ASP F 202 23.51 -9.63 14.49
N ASP F 203 24.14 -9.41 15.63
CA ASP F 203 24.58 -10.49 16.47
C ASP F 203 23.40 -11.35 16.91
N GLU F 204 23.66 -12.66 17.14
CA GLU F 204 22.67 -13.59 17.64
C GLU F 204 21.97 -13.09 18.91
N ASN F 205 22.65 -12.33 19.76
CA ASN F 205 22.12 -11.80 21.02
C ASN F 205 21.16 -10.61 20.81
N VAL F 206 21.30 -9.85 19.71
CA VAL F 206 20.55 -8.63 19.47
C VAL F 206 19.13 -8.99 18.99
N ASN F 207 18.13 -8.85 19.89
CA ASN F 207 16.76 -9.17 19.59
C ASN F 207 16.02 -7.86 19.81
N SER F 208 15.44 -7.59 20.99
CA SER F 208 14.95 -6.28 21.40
C SER F 208 15.31 -6.09 22.84
N GLN F 209 16.04 -5.01 23.15
CA GLN F 209 16.60 -4.83 24.50
C GLN F 209 16.41 -3.39 24.90
N PRO F 210 16.55 -3.03 26.19
CA PRO F 210 16.29 -1.65 26.63
C PRO F 210 16.87 -0.50 25.82
N PHE F 211 18.17 -0.59 25.49
CA PHE F 211 18.79 0.50 24.74
C PHE F 211 18.64 0.41 23.23
N MET F 212 18.09 -0.70 22.67
CA MET F 212 17.83 -0.77 21.25
C MET F 212 16.66 -1.69 21.03
N ARG F 213 15.45 -1.11 20.87
CA ARG F 213 14.25 -1.86 20.61
C ARG F 213 14.29 -2.22 19.13
N TRP F 214 13.76 -3.39 18.79
CA TRP F 214 13.95 -4.01 17.48
C TRP F 214 13.47 -3.12 16.35
N ARG F 215 12.32 -2.44 16.50
CA ARG F 215 11.70 -1.75 15.38
C ARG F 215 12.51 -0.50 15.03
N ASP F 216 13.05 0.18 16.07
CA ASP F 216 14.00 1.24 15.88
C ASP F 216 15.22 0.79 15.10
N ARG F 217 15.79 -0.36 15.48
CA ARG F 217 16.97 -0.89 14.78
C ARG F 217 16.65 -1.19 13.32
N PHE F 218 15.49 -1.83 13.07
CA PHE F 218 15.05 -2.19 11.72
C PHE F 218 14.95 -0.94 10.84
N LEU F 219 14.39 0.14 11.39
CA LEU F 219 14.13 1.37 10.67
C LEU F 219 15.44 2.03 10.31
N PHE F 220 16.34 2.22 11.29
CA PHE F 220 17.65 2.80 11.04
C PHE F 220 18.53 1.94 10.13
N CYS F 221 18.56 0.62 10.32
CA CYS F 221 19.23 -0.31 9.41
C CYS F 221 18.71 -0.21 7.99
N ALA F 222 17.39 0.00 7.81
CA ALA F 222 16.82 0.19 6.48
C ALA F 222 17.34 1.47 5.82
N GLU F 223 17.34 2.59 6.55
CA GLU F 223 17.85 3.84 6.01
C GLU F 223 19.31 3.71 5.54
N ALA F 224 20.15 3.13 6.40
CA ALA F 224 21.57 2.88 6.13
C ALA F 224 21.80 1.96 4.92
N LEU F 225 21.09 0.83 4.87
CA LEU F 225 21.15 -0.17 3.81
C LEU F 225 20.78 0.46 2.47
N TYR F 226 19.69 1.23 2.42
CA TYR F 226 19.28 1.89 1.20
C TYR F 226 20.25 3.02 0.78
N LYS F 227 20.76 3.80 1.73
CA LYS F 227 21.80 4.78 1.44
C LYS F 227 23.02 4.09 0.80
N ALA F 228 23.47 2.93 1.35
CA ALA F 228 24.67 2.27 0.84
C ALA F 228 24.46 1.68 -0.56
N GLN F 229 23.26 1.15 -0.80
CA GLN F 229 22.86 0.64 -2.12
C GLN F 229 22.79 1.75 -3.19
N ALA F 230 22.19 2.90 -2.85
CA ALA F 230 22.13 4.05 -3.79
C ALA F 230 23.53 4.60 -4.06
N GLU F 231 24.38 4.64 -3.05
CA GLU F 231 25.78 5.05 -3.23
C GLU F 231 26.57 4.13 -4.18
N THR F 232 26.54 2.81 -3.90
CA THR F 232 27.41 1.84 -4.58
C THR F 232 26.82 1.27 -5.89
N GLY F 233 25.48 1.21 -6.04
CA GLY F 233 24.84 0.51 -7.15
C GLY F 233 24.72 -1.03 -7.05
N GLU F 234 25.27 -1.63 -6.01
CA GLU F 234 25.24 -3.04 -5.72
C GLU F 234 24.14 -3.26 -4.65
N ILE F 235 23.45 -4.41 -4.73
CA ILE F 235 22.39 -4.78 -3.80
C ILE F 235 23.03 -5.08 -2.45
N LYS F 236 22.41 -4.54 -1.40
CA LYS F 236 22.86 -4.69 -0.03
C LYS F 236 21.81 -5.36 0.80
N GLY F 237 22.29 -5.97 1.90
CA GLY F 237 21.40 -6.58 2.88
C GLY F 237 21.93 -6.39 4.29
N HIS F 238 21.00 -6.40 5.25
CA HIS F 238 21.35 -6.45 6.67
C HIS F 238 20.54 -7.58 7.31
N TYR F 239 21.22 -8.56 7.93
CA TYR F 239 20.50 -9.68 8.56
C TYR F 239 19.76 -9.20 9.82
N LEU F 240 18.46 -8.91 9.66
CA LEU F 240 17.63 -8.42 10.74
C LEU F 240 17.17 -9.59 11.58
N ASN F 241 17.56 -9.58 12.88
CA ASN F 241 17.37 -10.71 13.77
C ASN F 241 15.92 -10.70 14.25
N ALA F 242 15.13 -11.67 13.80
CA ALA F 242 13.70 -11.77 14.10
C ALA F 242 13.48 -12.72 15.26
N THR F 243 14.55 -13.31 15.83
CA THR F 243 14.45 -14.20 16.96
C THR F 243 13.79 -13.43 18.12
N ALA F 244 12.88 -14.11 18.81
CA ALA F 244 11.94 -13.55 19.75
C ALA F 244 11.44 -14.61 20.74
N GLY F 245 10.71 -14.14 21.74
CA GLY F 245 10.31 -15.01 22.85
C GLY F 245 9.13 -15.92 22.46
N THR F 246 8.23 -15.46 21.57
CA THR F 246 7.01 -16.14 21.13
C THR F 246 6.98 -16.15 19.59
N CYS F 247 6.20 -17.05 18.98
CA CYS F 247 5.95 -17.02 17.54
C CYS F 247 5.33 -15.70 17.07
N GLU F 248 4.38 -15.15 17.81
CA GLU F 248 3.71 -13.92 17.53
C GLU F 248 4.72 -12.76 17.44
N ASP F 249 5.65 -12.66 18.41
CA ASP F 249 6.74 -11.69 18.37
C ASP F 249 7.68 -11.88 17.17
N MET F 250 8.08 -13.12 16.89
CA MET F 250 8.95 -13.40 15.76
C MET F 250 8.32 -12.92 14.44
N MET F 251 7.02 -13.23 14.28
CA MET F 251 6.28 -12.90 13.08
C MET F 251 6.09 -11.40 12.89
N LYS F 252 5.86 -10.66 13.98
CA LYS F 252 5.77 -9.21 13.89
C LYS F 252 7.04 -8.64 13.31
N ARG F 253 8.19 -9.20 13.69
CA ARG F 253 9.50 -8.72 13.26
C ARG F 253 9.76 -9.03 11.80
N ALA F 254 9.44 -10.26 11.35
CA ALA F 254 9.56 -10.61 9.93
C ALA F 254 8.63 -9.80 9.06
N VAL F 255 7.40 -9.54 9.54
CA VAL F 255 6.41 -8.73 8.82
C VAL F 255 6.91 -7.30 8.58
N PHE F 256 7.49 -6.65 9.59
CA PHE F 256 8.00 -5.30 9.37
C PHE F 256 9.19 -5.30 8.38
N ALA F 257 10.01 -6.35 8.40
CA ALA F 257 11.06 -6.51 7.38
C ALA F 257 10.45 -6.56 5.96
N ARG F 258 9.42 -7.40 5.79
CA ARG F 258 8.59 -7.46 4.58
C ARG F 258 8.10 -6.05 4.17
N GLU F 259 7.51 -5.29 5.11
CA GLU F 259 7.01 -3.94 4.84
C GLU F 259 8.10 -2.95 4.37
N LEU F 260 9.30 -3.02 4.97
CA LEU F 260 10.44 -2.21 4.55
C LEU F 260 11.01 -2.60 3.19
N GLY F 261 10.68 -3.78 2.63
CA GLY F 261 11.17 -4.22 1.34
C GLY F 261 12.58 -4.81 1.36
N VAL F 262 13.11 -5.12 2.55
CA VAL F 262 14.53 -5.46 2.72
C VAL F 262 14.69 -6.93 2.39
N PRO F 263 15.88 -7.40 1.94
CA PRO F 263 16.01 -8.75 1.40
C PRO F 263 16.14 -9.95 2.34
N ILE F 264 16.57 -9.70 3.61
CA ILE F 264 17.05 -10.81 4.44
C ILE F 264 16.71 -10.59 5.92
N VAL F 265 16.21 -11.66 6.55
CA VAL F 265 16.02 -11.75 8.00
C VAL F 265 16.90 -12.87 8.56
N MET F 266 16.95 -12.95 9.90
CA MET F 266 17.80 -13.90 10.61
C MET F 266 17.02 -14.56 11.73
N HIS F 267 17.36 -15.84 12.01
CA HIS F 267 16.83 -16.61 13.14
C HIS F 267 17.91 -17.44 13.82
N ASP F 268 17.85 -17.52 15.15
CA ASP F 268 18.70 -18.36 15.97
C ASP F 268 17.95 -19.70 16.11
N TYR F 269 18.18 -20.62 15.17
CA TYR F 269 17.30 -21.77 15.04
C TYR F 269 17.35 -22.73 16.23
N LEU F 270 18.51 -22.88 16.92
CA LEU F 270 18.55 -23.77 18.08
C LEU F 270 17.88 -23.13 19.31
N THR F 271 18.02 -21.82 19.54
CA THR F 271 17.44 -21.23 20.75
C THR F 271 15.98 -20.81 20.54
N GLY F 272 15.66 -20.35 19.30
CA GLY F 272 14.26 -20.21 18.91
C GLY F 272 13.53 -21.56 18.85
N GLY F 273 14.19 -22.55 18.22
CA GLY F 273 13.74 -23.93 18.13
C GLY F 273 13.13 -24.22 16.75
N PHE F 274 12.99 -25.53 16.42
CA PHE F 274 12.62 -26.00 15.10
C PHE F 274 11.16 -25.69 14.73
N THR F 275 10.23 -25.64 15.72
CA THR F 275 8.86 -25.33 15.45
C THR F 275 8.75 -23.89 14.92
N ALA F 276 9.32 -22.93 15.66
CA ALA F 276 9.38 -21.54 15.22
C ALA F 276 10.19 -21.38 13.94
N ASN F 277 11.33 -22.08 13.81
CA ASN F 277 12.15 -21.98 12.61
C ASN F 277 11.38 -22.36 11.34
N THR F 278 10.65 -23.50 11.38
CA THR F 278 9.89 -23.97 10.23
C THR F 278 8.76 -22.99 9.86
N THR F 279 8.08 -22.38 10.84
CA THR F 279 7.12 -21.29 10.60
C THR F 279 7.77 -20.11 9.86
N LEU F 280 8.96 -19.70 10.29
CA LEU F 280 9.64 -18.56 9.70
C LEU F 280 10.11 -18.92 8.29
N SER F 281 10.67 -20.12 8.09
CA SER F 281 11.06 -20.62 6.79
C SER F 281 9.90 -20.57 5.79
N HIS F 282 8.70 -21.00 6.17
CA HIS F 282 7.50 -20.95 5.30
C HIS F 282 7.12 -19.50 5.01
N TYR F 283 7.13 -18.62 6.03
CA TYR F 283 6.83 -17.21 5.81
C TYR F 283 7.80 -16.58 4.82
N CYS F 284 9.09 -16.91 4.97
CA CYS F 284 10.13 -16.42 4.06
C CYS F 284 9.92 -16.86 2.61
N ARG F 285 9.55 -18.12 2.39
CA ARG F 285 9.20 -18.59 1.04
C ARG F 285 8.00 -17.81 0.49
N ASP F 286 6.99 -17.60 1.29
CA ASP F 286 5.78 -16.92 0.85
C ASP F 286 5.93 -15.43 0.58
N ASN F 287 6.95 -14.77 1.17
CA ASN F 287 7.17 -13.33 1.06
C ASN F 287 8.50 -12.92 0.38
N GLY F 288 9.23 -13.88 -0.22
CA GLY F 288 10.46 -13.59 -0.90
C GLY F 288 11.63 -13.13 -0.02
N LEU F 289 11.69 -13.49 1.28
CA LEU F 289 12.76 -13.09 2.21
C LEU F 289 13.81 -14.19 2.22
N LEU F 290 15.08 -13.78 2.15
CA LEU F 290 16.16 -14.69 2.45
C LEU F 290 16.22 -14.90 3.98
N LEU F 291 16.60 -16.11 4.38
CA LEU F 291 16.76 -16.43 5.79
C LEU F 291 18.19 -16.82 6.14
N HIS F 292 18.85 -15.99 6.94
CA HIS F 292 20.12 -16.31 7.54
C HIS F 292 19.94 -17.04 8.86
N ILE F 293 20.60 -18.18 9.04
CA ILE F 293 20.44 -19.00 10.24
C ILE F 293 21.74 -19.01 11.02
N HIS F 294 21.62 -18.62 12.28
CA HIS F 294 22.69 -18.62 13.25
C HIS F 294 22.51 -19.85 14.12
N ARG F 295 23.65 -20.47 14.43
CA ARG F 295 23.72 -21.75 15.14
C ARG F 295 24.12 -21.53 16.60
N ALA F 296 23.75 -20.40 17.22
CA ALA F 296 23.97 -20.14 18.64
C ALA F 296 23.48 -21.34 19.44
N MET F 297 24.33 -21.80 20.37
CA MET F 297 24.11 -22.93 21.28
C MET F 297 24.60 -24.27 20.70
N HIS F 298 25.01 -24.38 19.41
CA HIS F 298 25.45 -25.64 18.82
C HIS F 298 26.52 -26.34 19.69
N ALA F 299 27.48 -25.58 20.26
CA ALA F 299 28.61 -26.17 20.98
C ALA F 299 28.20 -26.80 22.31
N VAL F 300 27.01 -26.53 22.84
CA VAL F 300 26.50 -27.21 24.00
C VAL F 300 26.28 -28.70 23.66
N ILE F 301 25.89 -28.96 22.40
CA ILE F 301 25.43 -30.23 21.86
C ILE F 301 26.58 -30.95 21.14
N ASP F 302 27.38 -30.21 20.34
CA ASP F 302 28.19 -30.80 19.30
C ASP F 302 29.70 -30.85 19.57
N ARG F 303 30.17 -30.36 20.72
CA ARG F 303 31.59 -30.12 20.95
C ARG F 303 32.27 -31.45 21.30
N GLN F 304 31.77 -32.21 22.28
CA GLN F 304 32.45 -33.39 22.78
C GLN F 304 32.29 -34.56 21.81
N LYS F 305 33.37 -35.31 21.58
CA LYS F 305 33.38 -36.50 20.72
C LYS F 305 32.51 -37.66 21.27
N ASN F 306 32.40 -37.81 22.59
CA ASN F 306 31.79 -38.95 23.26
C ASN F 306 30.27 -38.76 23.41
N HIS F 307 29.74 -37.53 23.43
CA HIS F 307 28.37 -37.28 23.82
C HIS F 307 27.78 -36.07 23.12
N GLY F 308 26.61 -36.26 22.47
CA GLY F 308 25.73 -35.22 21.97
C GLY F 308 25.37 -35.53 20.51
N MET F 309 25.36 -34.51 19.64
CA MET F 309 25.05 -34.71 18.24
C MET F 309 26.07 -33.94 17.43
N HIS F 310 26.65 -34.57 16.40
CA HIS F 310 27.56 -33.88 15.53
C HIS F 310 26.79 -32.81 14.78
N PHE F 311 27.49 -31.70 14.48
CA PHE F 311 26.90 -30.60 13.77
C PHE F 311 26.27 -31.01 12.44
N ARG F 312 26.84 -31.98 11.74
CA ARG F 312 26.29 -32.42 10.46
C ARG F 312 24.83 -32.80 10.54
N VAL F 313 24.43 -33.39 11.66
CA VAL F 313 23.05 -33.76 11.91
C VAL F 313 22.21 -32.49 12.08
N LEU F 314 22.74 -31.48 12.79
CA LEU F 314 22.04 -30.22 13.00
C LEU F 314 21.90 -29.47 11.68
N ALA F 315 22.95 -29.60 10.81
CA ALA F 315 22.97 -28.97 9.52
C ALA F 315 21.94 -29.58 8.58
N LYS F 316 21.91 -30.92 8.51
CA LYS F 316 20.92 -31.63 7.70
C LYS F 316 19.50 -31.23 8.09
N ALA F 317 19.26 -31.14 9.40
CA ALA F 317 17.98 -30.73 9.96
C ALA F 317 17.56 -29.34 9.54
N LEU F 318 18.52 -28.42 9.58
CA LEU F 318 18.27 -27.07 9.13
C LEU F 318 17.95 -27.05 7.65
N ARG F 319 18.67 -27.84 6.84
CA ARG F 319 18.36 -27.89 5.41
C ARG F 319 16.93 -28.38 5.16
N LEU F 320 16.35 -29.20 6.02
CA LEU F 320 14.95 -29.62 5.87
C LEU F 320 13.98 -28.56 6.37
N SER F 321 14.18 -28.07 7.61
CA SER F 321 13.30 -27.06 8.19
C SER F 321 13.29 -25.76 7.35
N GLY F 322 14.51 -25.29 7.05
CA GLY F 322 14.77 -24.42 5.93
C GLY F 322 15.56 -23.21 6.44
N GLY F 323 16.60 -22.83 5.68
CA GLY F 323 17.23 -21.52 5.72
C GLY F 323 18.11 -21.40 4.48
N ASP F 324 18.48 -20.15 4.17
CA ASP F 324 19.30 -19.87 3.00
C ASP F 324 20.78 -19.90 3.33
N HIS F 325 21.15 -19.43 4.54
CA HIS F 325 22.51 -19.42 5.02
C HIS F 325 22.54 -20.19 6.35
N ILE F 326 23.68 -20.83 6.69
CA ILE F 326 23.91 -21.42 8.00
C ILE F 326 25.36 -21.24 8.38
N HIS F 327 25.59 -20.76 9.59
CA HIS F 327 26.93 -20.68 10.18
C HIS F 327 27.56 -22.07 10.23
N SER F 328 28.73 -22.23 9.60
CA SER F 328 29.43 -23.50 9.45
C SER F 328 30.81 -23.50 10.12
N GLY F 329 31.19 -22.42 10.81
CA GLY F 329 32.36 -22.30 11.63
C GLY F 329 33.52 -21.66 10.88
N THR F 330 34.54 -21.24 11.64
CA THR F 330 35.90 -20.99 11.15
C THR F 330 36.56 -22.31 10.71
N VAL F 331 37.58 -22.19 9.85
CA VAL F 331 38.57 -23.26 9.64
C VAL F 331 40.00 -22.79 9.94
N VAL F 332 40.24 -21.54 10.45
CA VAL F 332 41.53 -21.14 10.99
C VAL F 332 41.27 -20.17 12.17
N GLU F 338 38.99 -30.76 12.32
CA GLU F 338 39.65 -31.16 11.05
C GLU F 338 38.90 -30.49 9.88
N ARG F 339 39.68 -30.07 8.86
CA ARG F 339 39.22 -29.53 7.60
C ARG F 339 38.25 -30.48 6.89
N ASP F 340 38.62 -31.76 6.80
CA ASP F 340 37.92 -32.78 6.03
C ASP F 340 36.49 -32.97 6.53
N ILE F 341 36.32 -32.98 7.86
CA ILE F 341 35.00 -33.06 8.50
C ILE F 341 34.10 -31.87 8.15
N THR F 342 34.65 -30.65 8.24
CA THR F 342 33.98 -29.42 7.79
C THR F 342 33.61 -29.48 6.32
N LEU F 343 34.56 -29.82 5.46
CA LEU F 343 34.28 -30.01 4.02
C LEU F 343 33.20 -31.08 3.79
N GLY F 344 33.20 -32.14 4.61
CA GLY F 344 32.15 -33.14 4.62
C GLY F 344 30.75 -32.54 4.76
N PHE F 345 30.50 -31.78 5.83
CA PHE F 345 29.15 -31.27 6.05
C PHE F 345 28.81 -30.04 5.18
N VAL F 346 29.81 -29.30 4.70
CA VAL F 346 29.62 -28.30 3.66
C VAL F 346 29.03 -28.96 2.43
N ASP F 347 29.57 -30.09 1.99
CA ASP F 347 28.98 -30.80 0.86
C ASP F 347 27.56 -31.27 1.13
N LEU F 348 27.31 -31.78 2.34
CA LEU F 348 25.99 -32.12 2.81
C LEU F 348 24.98 -30.97 2.74
N LEU F 349 25.45 -29.71 2.92
CA LEU F 349 24.56 -28.55 2.91
C LEU F 349 24.27 -28.08 1.50
N ARG F 350 25.25 -28.19 0.57
CA ARG F 350 25.21 -27.53 -0.72
C ARG F 350 24.76 -28.43 -1.87
N ASP F 351 25.20 -29.70 -1.87
CA ASP F 351 25.06 -30.56 -3.03
C ASP F 351 23.75 -31.33 -2.99
N ASP F 352 23.39 -31.86 -4.16
CA ASP F 352 22.23 -32.70 -4.36
C ASP F 352 22.46 -34.15 -3.91
N TYR F 353 23.74 -34.60 -3.91
CA TYR F 353 24.08 -35.99 -3.70
C TYR F 353 25.49 -36.06 -3.13
N THR F 354 25.68 -36.76 -2.00
CA THR F 354 26.97 -36.94 -1.39
C THR F 354 27.10 -38.41 -1.01
N GLU F 355 28.17 -39.04 -1.49
CA GLU F 355 28.43 -40.43 -1.28
C GLU F 355 29.08 -40.56 0.08
N LYS F 356 28.76 -41.65 0.79
CA LYS F 356 29.48 -42.18 1.95
C LYS F 356 31.01 -41.97 1.81
N ASP F 357 31.60 -41.42 2.86
CA ASP F 357 33.01 -41.17 2.94
C ASP F 357 33.40 -41.00 4.42
N ARG F 358 33.93 -42.09 4.97
CA ARG F 358 34.36 -42.16 6.35
C ARG F 358 35.52 -41.22 6.67
N SER F 359 36.38 -40.88 5.70
CA SER F 359 37.44 -39.90 5.92
C SER F 359 36.92 -38.47 6.19
N ARG F 360 35.69 -38.14 5.73
CA ARG F 360 35.01 -36.88 5.97
C ARG F 360 33.84 -36.98 6.95
N GLY F 361 33.74 -38.06 7.75
CA GLY F 361 32.62 -38.29 8.65
C GLY F 361 31.22 -38.34 8.01
N ILE F 362 31.13 -38.78 6.74
CA ILE F 362 29.89 -38.99 6.03
C ILE F 362 29.63 -40.49 6.10
N TYR F 363 28.78 -40.89 7.06
CA TYR F 363 28.50 -42.30 7.33
C TYR F 363 27.52 -42.89 6.33
N PHE F 364 26.70 -42.03 5.66
CA PHE F 364 25.69 -42.49 4.73
C PHE F 364 25.74 -41.67 3.46
N THR F 365 25.47 -42.34 2.34
CA THR F 365 25.12 -41.66 1.11
C THR F 365 23.79 -40.90 1.31
N GLN F 366 23.79 -39.62 0.98
CA GLN F 366 22.65 -38.75 1.17
C GLN F 366 22.27 -38.16 -0.18
N SER F 367 21.02 -38.36 -0.62
CA SER F 367 20.40 -37.60 -1.72
C SER F 367 19.39 -36.58 -1.19
N TRP F 368 19.18 -35.52 -1.98
CA TRP F 368 18.29 -34.44 -1.60
C TRP F 368 17.17 -34.21 -2.61
N VAL F 369 17.10 -34.97 -3.71
CA VAL F 369 16.10 -34.85 -4.76
C VAL F 369 15.70 -33.39 -5.04
N SER F 370 16.73 -32.58 -5.35
CA SER F 370 16.62 -31.21 -5.80
C SER F 370 16.08 -30.26 -4.71
N THR F 371 16.13 -30.64 -3.40
CA THR F 371 16.01 -29.68 -2.33
C THR F 371 17.17 -28.69 -2.52
N PRO F 372 16.97 -27.36 -2.55
CA PRO F 372 18.11 -26.43 -2.74
C PRO F 372 19.19 -26.54 -1.67
N GLY F 373 20.41 -26.15 -2.03
CA GLY F 373 21.55 -26.07 -1.14
C GLY F 373 21.44 -24.83 -0.28
N VAL F 374 22.23 -24.83 0.82
CA VAL F 374 22.29 -23.75 1.79
C VAL F 374 23.71 -23.17 1.72
N LEU F 375 23.85 -21.83 1.74
CA LEU F 375 25.16 -21.20 1.80
C LEU F 375 25.82 -21.39 3.17
N PRO F 376 27.01 -22.06 3.31
CA PRO F 376 27.77 -22.05 4.54
C PRO F 376 28.43 -20.69 4.77
N VAL F 377 28.46 -20.26 6.03
CA VAL F 377 28.93 -18.96 6.51
C VAL F 377 30.14 -19.25 7.41
N ALA F 378 31.28 -18.67 7.05
CA ALA F 378 32.51 -18.75 7.84
C ALA F 378 32.63 -17.46 8.63
N SER F 379 32.99 -17.57 9.91
CA SER F 379 32.98 -16.48 10.86
C SER F 379 34.14 -16.64 11.84
N GLY F 380 34.36 -15.63 12.71
CA GLY F 380 35.17 -15.76 13.92
C GLY F 380 36.69 -15.63 13.71
N GLY F 381 37.22 -14.43 13.97
CA GLY F 381 38.66 -14.24 14.16
C GLY F 381 39.46 -14.16 12.85
N ILE F 382 38.79 -13.78 11.75
CA ILE F 382 39.35 -13.85 10.42
C ILE F 382 39.55 -12.42 9.93
N HIS F 383 40.48 -12.30 8.99
CA HIS F 383 41.06 -11.04 8.54
C HIS F 383 41.64 -11.31 7.17
N VAL F 384 42.13 -10.25 6.52
CA VAL F 384 42.48 -10.24 5.12
C VAL F 384 43.41 -11.37 4.74
N TRP F 385 44.37 -11.74 5.62
CA TRP F 385 45.33 -12.78 5.32
C TRP F 385 44.71 -14.17 5.30
N HIS F 386 43.53 -14.36 5.92
CA HIS F 386 42.75 -15.60 5.80
C HIS F 386 42.07 -15.76 4.43
N MET F 387 42.01 -14.73 3.59
CA MET F 387 41.15 -14.73 2.41
C MET F 387 41.53 -15.80 1.39
N PRO F 388 42.84 -16.05 1.09
CA PRO F 388 43.21 -17.11 0.16
C PRO F 388 42.78 -18.49 0.66
N ALA F 389 43.01 -18.78 1.95
CA ALA F 389 42.64 -20.07 2.53
C ALA F 389 41.12 -20.26 2.49
N LEU F 390 40.36 -19.23 2.89
CA LEU F 390 38.91 -19.32 2.92
C LEU F 390 38.35 -19.55 1.53
N THR F 391 38.87 -18.83 0.52
CA THR F 391 38.42 -18.96 -0.85
C THR F 391 38.73 -20.35 -1.40
N GLU F 392 39.95 -20.86 -1.10
CA GLU F 392 40.38 -22.19 -1.50
C GLU F 392 39.47 -23.26 -0.91
N ILE F 393 39.16 -23.18 0.38
CA ILE F 393 38.47 -24.22 1.14
C ILE F 393 36.98 -24.25 0.75
N PHE F 394 36.29 -23.10 0.92
CA PHE F 394 34.86 -23.02 0.72
C PHE F 394 34.49 -22.92 -0.75
N GLY F 395 35.30 -22.28 -1.59
CA GLY F 395 34.92 -21.93 -2.95
C GLY F 395 33.96 -20.74 -2.96
N ASP F 396 33.31 -20.57 -4.10
CA ASP F 396 32.50 -19.40 -4.34
C ASP F 396 31.25 -19.41 -3.48
N ASP F 397 30.62 -20.57 -3.24
CA ASP F 397 29.31 -20.64 -2.65
C ASP F 397 29.51 -20.66 -1.17
N SER F 398 29.79 -19.47 -0.63
CA SER F 398 30.00 -19.29 0.79
C SER F 398 29.77 -17.85 1.17
N VAL F 399 29.53 -17.57 2.44
CA VAL F 399 29.56 -16.21 2.96
C VAL F 399 30.71 -16.11 3.94
N LEU F 400 31.58 -15.12 3.79
CA LEU F 400 32.68 -14.90 4.70
C LEU F 400 32.31 -13.67 5.54
N GLN F 401 32.28 -13.82 6.86
CA GLN F 401 31.82 -12.79 7.77
C GLN F 401 32.99 -12.29 8.62
N PHE F 402 33.28 -10.97 8.54
CA PHE F 402 34.40 -10.27 9.14
C PHE F 402 33.91 -9.18 10.11
N GLY F 403 33.67 -9.53 11.37
CA GLY F 403 33.35 -8.54 12.42
C GLY F 403 34.52 -7.60 12.78
N GLY F 404 35.40 -8.06 13.68
CA GLY F 404 36.66 -7.41 14.00
C GLY F 404 37.50 -7.01 12.78
N GLY F 405 37.57 -7.88 11.75
CA GLY F 405 38.34 -7.65 10.53
C GLY F 405 37.85 -6.50 9.63
N THR F 406 36.63 -5.98 9.83
CA THR F 406 36.19 -4.74 9.19
C THR F 406 36.23 -3.57 10.17
N LEU F 407 35.62 -3.73 11.35
CA LEU F 407 35.44 -2.64 12.32
C LEU F 407 36.76 -2.27 13.02
N GLY F 408 37.76 -3.18 13.02
CA GLY F 408 39.09 -2.98 13.55
C GLY F 408 40.07 -2.34 12.58
N HIS F 409 39.68 -2.06 11.32
CA HIS F 409 40.58 -1.40 10.38
C HIS F 409 40.89 0.00 10.92
N PRO F 410 42.15 0.48 10.84
CA PRO F 410 42.52 1.77 11.45
C PRO F 410 41.84 2.99 10.86
N TRP F 411 41.36 2.89 9.61
CA TRP F 411 40.69 3.97 8.90
C TRP F 411 39.16 3.93 9.01
N GLY F 412 38.57 2.96 9.73
CA GLY F 412 37.14 2.84 9.94
C GLY F 412 36.53 1.81 8.97
N ASN F 413 35.20 1.81 8.96
CA ASN F 413 34.39 0.73 8.45
C ASN F 413 34.50 0.66 6.93
N ALA F 414 34.33 1.80 6.23
CA ALA F 414 34.35 1.78 4.78
C ALA F 414 35.70 1.26 4.25
N PRO F 415 36.87 1.78 4.72
CA PRO F 415 38.17 1.22 4.32
C PRO F 415 38.37 -0.23 4.74
N GLY F 416 37.87 -0.60 5.93
CA GLY F 416 37.77 -1.97 6.38
C GLY F 416 37.15 -2.86 5.32
N ALA F 417 35.99 -2.42 4.84
CA ALA F 417 35.17 -3.12 3.87
C ALA F 417 35.89 -3.23 2.53
N VAL F 418 36.50 -2.10 2.08
CA VAL F 418 37.26 -2.06 0.84
C VAL F 418 38.41 -3.07 0.91
N ALA F 419 39.15 -3.10 2.02
CA ALA F 419 40.26 -4.03 2.19
C ALA F 419 39.81 -5.49 1.97
N ASN F 420 38.68 -5.88 2.62
CA ASN F 420 38.11 -7.21 2.51
C ASN F 420 37.62 -7.51 1.09
N ARG F 421 36.94 -6.56 0.44
CA ARG F 421 36.43 -6.76 -0.90
C ARG F 421 37.58 -6.89 -1.91
N VAL F 422 38.61 -6.04 -1.79
CA VAL F 422 39.78 -6.08 -2.68
C VAL F 422 40.53 -7.39 -2.48
N ALA F 423 40.81 -7.76 -1.25
CA ALA F 423 41.51 -9.01 -0.97
C ALA F 423 40.78 -10.21 -1.62
N LEU F 424 39.44 -10.20 -1.50
CA LEU F 424 38.63 -11.27 -2.07
C LEU F 424 38.68 -11.25 -3.60
N GLU F 425 38.49 -10.09 -4.22
CA GLU F 425 38.51 -10.03 -5.68
C GLU F 425 39.89 -10.37 -6.25
N ALA F 426 40.96 -9.96 -5.53
CA ALA F 426 42.33 -10.31 -5.88
C ALA F 426 42.53 -11.82 -5.87
N CYS F 427 42.01 -12.49 -4.84
CA CYS F 427 42.02 -13.93 -4.76
C CYS F 427 41.22 -14.61 -5.85
N VAL F 428 40.03 -14.08 -6.14
CA VAL F 428 39.16 -14.66 -7.14
C VAL F 428 39.89 -14.57 -8.48
N GLN F 429 40.39 -13.36 -8.81
CA GLN F 429 41.09 -13.15 -10.07
C GLN F 429 42.30 -14.08 -10.21
N ALA F 430 43.16 -14.15 -9.19
CA ALA F 430 44.32 -15.04 -9.16
C ALA F 430 43.92 -16.49 -9.37
N ARG F 431 42.88 -16.96 -8.65
CA ARG F 431 42.36 -18.33 -8.81
C ARG F 431 41.91 -18.59 -10.25
N ASN F 432 41.14 -17.66 -10.81
CA ASN F 432 40.62 -17.76 -12.17
C ASN F 432 41.76 -17.82 -13.20
N GLU F 433 42.87 -17.08 -12.97
CA GLU F 433 44.06 -17.14 -13.82
C GLU F 433 44.85 -18.46 -13.75
N GLY F 434 44.57 -19.37 -12.81
CA GLY F 434 45.27 -20.63 -12.63
C GLY F 434 46.32 -20.59 -11.51
N ARG F 435 46.39 -19.52 -10.70
CA ARG F 435 47.34 -19.47 -9.58
C ARG F 435 46.81 -20.36 -8.45
N ASP F 436 47.74 -20.94 -7.68
CA ASP F 436 47.40 -21.79 -6.55
C ASP F 436 47.28 -20.90 -5.31
N LEU F 437 46.05 -20.74 -4.81
CA LEU F 437 45.76 -19.98 -3.60
C LEU F 437 46.43 -20.58 -2.36
N ALA F 438 46.62 -21.91 -2.30
CA ALA F 438 47.31 -22.56 -1.20
C ALA F 438 48.79 -22.15 -1.12
N ARG F 439 49.50 -22.13 -2.27
CA ARG F 439 50.91 -21.83 -2.32
C ARG F 439 51.18 -20.33 -2.40
N GLU F 440 50.49 -19.58 -3.28
CA GLU F 440 50.80 -18.16 -3.57
C GLU F 440 49.90 -17.14 -2.84
N GLY F 441 49.09 -17.56 -1.83
CA GLY F 441 48.08 -16.72 -1.20
C GLY F 441 48.64 -15.44 -0.60
N ASN F 442 49.68 -15.54 0.26
CA ASN F 442 50.45 -14.41 0.77
C ASN F 442 50.93 -13.45 -0.33
N THR F 443 51.45 -13.97 -1.43
CA THR F 443 51.96 -13.15 -2.53
C THR F 443 50.82 -12.42 -3.25
N ILE F 444 49.65 -13.08 -3.42
CA ILE F 444 48.47 -12.46 -4.04
C ILE F 444 48.01 -11.25 -3.25
N ILE F 445 47.93 -11.38 -1.92
CA ILE F 445 47.58 -10.26 -1.04
C ILE F 445 48.62 -9.12 -1.14
N ARG F 446 49.92 -9.46 -1.07
CA ARG F 446 51.02 -8.48 -1.10
C ARG F 446 50.93 -7.66 -2.39
N GLU F 447 50.79 -8.33 -3.54
CA GLU F 447 50.58 -7.67 -4.83
C GLU F 447 49.46 -6.63 -4.80
N ALA F 448 48.31 -6.98 -4.19
CA ALA F 448 47.14 -6.09 -4.16
C ALA F 448 47.39 -4.89 -3.23
N THR F 449 48.24 -5.03 -2.20
CA THR F 449 48.64 -3.90 -1.35
C THR F 449 49.31 -2.77 -2.14
N LYS F 450 49.96 -3.08 -3.27
CA LYS F 450 50.67 -2.09 -4.08
C LYS F 450 49.71 -1.04 -4.65
N TRP F 451 48.46 -1.41 -5.00
CA TRP F 451 47.50 -0.48 -5.58
C TRP F 451 46.28 -0.18 -4.68
N SER F 452 46.01 -0.95 -3.60
CA SER F 452 44.96 -0.64 -2.63
C SER F 452 45.60 -0.14 -1.33
N PRO F 453 45.60 1.19 -1.04
CA PRO F 453 46.07 1.69 0.26
C PRO F 453 45.24 1.20 1.44
N GLU F 454 43.94 0.94 1.20
CA GLU F 454 43.04 0.41 2.20
C GLU F 454 43.48 -1.00 2.64
N LEU F 455 43.82 -1.84 1.67
CA LEU F 455 44.34 -3.19 1.95
C LEU F 455 45.73 -3.14 2.58
N ALA F 456 46.61 -2.23 2.09
CA ALA F 456 47.93 -2.05 2.68
C ALA F 456 47.86 -1.72 4.16
N ALA F 457 46.95 -0.79 4.53
CA ALA F 457 46.73 -0.43 5.94
C ALA F 457 46.27 -1.63 6.79
N ALA F 458 45.37 -2.46 6.27
CA ALA F 458 44.90 -3.67 6.98
C ALA F 458 46.04 -4.68 7.19
N CYS F 459 46.85 -4.91 6.15
CA CYS F 459 47.94 -5.87 6.16
C CYS F 459 49.05 -5.51 7.17
N GLU F 460 49.27 -4.22 7.45
CA GLU F 460 50.14 -3.81 8.55
C GLU F 460 49.61 -4.18 9.93
N VAL F 461 48.28 -4.15 10.16
CA VAL F 461 47.69 -4.31 11.48
C VAL F 461 47.66 -5.80 11.91
N TRP F 462 47.28 -6.74 11.00
CA TRP F 462 47.14 -8.18 11.29
C TRP F 462 48.29 -8.97 10.64
N LYS F 463 48.65 -10.13 11.25
CA LYS F 463 49.74 -11.03 10.85
C LYS F 463 51.08 -10.35 11.17
N TYR G 20 -39.26 -47.29 -21.57
CA TYR G 20 -38.36 -46.20 -22.05
C TYR G 20 -38.90 -45.54 -23.33
N LYS G 21 -39.37 -46.32 -24.33
CA LYS G 21 -39.72 -45.80 -25.67
C LYS G 21 -40.78 -44.69 -25.58
N LEU G 22 -41.95 -44.94 -24.97
CA LEU G 22 -43.10 -44.03 -25.06
C LEU G 22 -42.94 -42.78 -24.18
N THR G 23 -42.22 -42.86 -23.06
CA THR G 23 -41.99 -41.75 -22.14
C THR G 23 -40.96 -40.75 -22.72
N TYR G 24 -39.82 -41.21 -23.30
CA TYR G 24 -38.62 -40.37 -23.53
C TYR G 24 -38.37 -39.98 -24.98
N TYR G 25 -38.95 -40.68 -25.96
CA TYR G 25 -38.90 -40.28 -27.35
C TYR G 25 -40.18 -39.53 -27.67
N THR G 26 -40.10 -38.23 -27.90
CA THR G 26 -41.25 -37.34 -28.01
C THR G 26 -41.04 -36.52 -29.28
N PRO G 27 -41.17 -37.14 -30.50
CA PRO G 27 -40.96 -36.40 -31.76
C PRO G 27 -41.83 -35.18 -32.01
N GLU G 28 -43.00 -35.10 -31.39
CA GLU G 28 -43.94 -33.98 -31.48
C GLU G 28 -43.58 -32.80 -30.57
N TYR G 29 -42.59 -32.93 -29.65
CA TYR G 29 -42.27 -31.91 -28.67
C TYR G 29 -41.73 -30.64 -29.33
N GLU G 30 -42.29 -29.49 -28.99
CA GLU G 30 -41.80 -28.17 -29.35
C GLU G 30 -40.83 -27.70 -28.27
N THR G 31 -39.56 -27.46 -28.63
CA THR G 31 -38.56 -26.99 -27.67
C THR G 31 -38.95 -25.61 -27.12
N LEU G 32 -38.77 -25.39 -25.83
CA LEU G 32 -39.00 -24.10 -25.19
C LEU G 32 -37.71 -23.28 -25.32
N ASP G 33 -37.88 -21.95 -25.23
CA ASP G 33 -36.74 -21.03 -25.19
C ASP G 33 -35.86 -21.19 -23.94
N THR G 34 -36.39 -21.75 -22.84
CA THR G 34 -35.63 -22.02 -21.62
C THR G 34 -34.92 -23.38 -21.61
N ASP G 35 -35.13 -24.27 -22.60
CA ASP G 35 -34.62 -25.64 -22.57
C ASP G 35 -33.16 -25.61 -22.95
N ILE G 36 -32.38 -26.47 -22.30
CA ILE G 36 -31.05 -26.82 -22.76
C ILE G 36 -31.25 -27.92 -23.81
N LEU G 37 -30.69 -27.72 -25.00
CA LEU G 37 -30.77 -28.72 -26.08
C LEU G 37 -29.38 -29.32 -26.24
N ALA G 38 -29.32 -30.66 -26.40
CA ALA G 38 -28.09 -31.38 -26.66
C ALA G 38 -28.22 -32.13 -27.98
N ALA G 39 -27.17 -32.08 -28.82
CA ALA G 39 -27.02 -32.94 -29.97
C ALA G 39 -25.98 -34.02 -29.63
N PHE G 40 -26.44 -35.27 -29.55
CA PHE G 40 -25.59 -36.43 -29.31
C PHE G 40 -25.39 -37.20 -30.60
N ARG G 41 -24.12 -37.56 -30.90
CA ARG G 41 -23.82 -38.56 -31.89
C ARG G 41 -23.85 -39.93 -31.23
N VAL G 42 -24.85 -40.74 -31.63
CA VAL G 42 -25.22 -41.98 -30.98
C VAL G 42 -24.86 -43.13 -31.93
N SER G 43 -24.07 -44.08 -31.39
CA SER G 43 -23.67 -45.30 -32.05
C SER G 43 -24.31 -46.44 -31.25
N PRO G 44 -25.54 -46.89 -31.56
CA PRO G 44 -26.19 -47.95 -30.79
C PRO G 44 -25.50 -49.30 -30.93
N GLN G 45 -25.73 -50.19 -29.97
CA GLN G 45 -25.32 -51.58 -30.04
C GLN G 45 -26.11 -52.24 -31.20
N PRO G 46 -25.56 -53.22 -31.97
CA PRO G 46 -26.29 -53.84 -33.09
C PRO G 46 -27.70 -54.32 -32.75
N GLY G 47 -28.69 -53.93 -33.56
CA GLY G 47 -30.09 -54.27 -33.31
C GLY G 47 -30.78 -53.50 -32.18
N VAL G 48 -30.17 -52.41 -31.65
CA VAL G 48 -30.88 -51.42 -30.86
C VAL G 48 -31.35 -50.40 -31.87
N PRO G 49 -32.68 -50.27 -32.15
CA PRO G 49 -33.12 -49.31 -33.15
C PRO G 49 -32.96 -47.88 -32.62
N PRO G 50 -32.93 -46.89 -33.53
CA PRO G 50 -32.61 -45.53 -33.15
C PRO G 50 -33.51 -44.92 -32.05
N GLU G 51 -34.82 -45.14 -32.18
CA GLU G 51 -35.84 -44.58 -31.31
C GLU G 51 -35.57 -45.03 -29.86
N GLU G 52 -35.20 -46.29 -29.66
CA GLU G 52 -34.83 -46.80 -28.34
C GLU G 52 -33.50 -46.18 -27.86
N ALA G 53 -32.52 -46.06 -28.76
CA ALA G 53 -31.23 -45.44 -28.44
C ALA G 53 -31.46 -44.01 -27.91
N GLY G 54 -32.28 -43.26 -28.66
CA GLY G 54 -32.60 -41.86 -28.38
C GLY G 54 -33.32 -41.72 -27.06
N ALA G 55 -34.33 -42.56 -26.83
CA ALA G 55 -35.03 -42.58 -25.56
C ALA G 55 -34.07 -42.91 -24.43
N ALA G 56 -33.18 -43.90 -24.63
CA ALA G 56 -32.24 -44.31 -23.61
C ALA G 56 -31.28 -43.17 -23.25
N VAL G 57 -30.84 -42.39 -24.23
CA VAL G 57 -29.93 -41.30 -23.96
C VAL G 57 -30.62 -40.24 -23.10
N ALA G 58 -31.85 -39.85 -23.49
CA ALA G 58 -32.71 -38.94 -22.74
C ALA G 58 -32.94 -39.42 -21.31
N ALA G 59 -33.43 -40.67 -21.19
CA ALA G 59 -33.75 -41.29 -19.91
C ALA G 59 -32.51 -41.33 -19.01
N GLU G 60 -31.40 -41.88 -19.53
CA GLU G 60 -30.19 -42.10 -18.73
C GLU G 60 -29.43 -40.79 -18.40
N SER G 61 -29.70 -39.69 -19.12
CA SER G 61 -29.20 -38.36 -18.77
C SER G 61 -30.19 -37.51 -17.95
N SER G 62 -31.27 -38.09 -17.38
CA SER G 62 -32.26 -37.39 -16.61
C SER G 62 -32.88 -38.33 -15.57
N THR G 63 -34.13 -38.79 -15.72
CA THR G 63 -34.95 -39.38 -14.66
C THR G 63 -35.05 -40.92 -14.71
N GLY G 64 -34.31 -41.60 -15.60
CA GLY G 64 -34.58 -43.00 -15.89
C GLY G 64 -34.12 -43.90 -14.74
N THR G 65 -35.03 -44.76 -14.23
CA THR G 65 -34.74 -45.73 -13.18
C THR G 65 -35.07 -47.12 -13.75
N TRP G 66 -34.30 -48.12 -13.28
CA TRP G 66 -34.37 -49.50 -13.76
C TRP G 66 -35.63 -50.22 -13.24
N THR G 67 -36.07 -49.91 -11.99
CA THR G 67 -37.35 -50.35 -11.41
C THR G 67 -38.12 -49.09 -11.00
N THR G 68 -39.45 -49.08 -11.19
CA THR G 68 -40.28 -47.93 -10.83
C THR G 68 -40.44 -47.91 -9.29
N VAL G 69 -40.64 -46.72 -8.72
CA VAL G 69 -40.50 -46.45 -7.28
C VAL G 69 -41.67 -45.56 -6.88
N TRP G 70 -42.17 -45.75 -5.64
CA TRP G 70 -43.33 -45.03 -5.18
C TRP G 70 -43.14 -43.50 -5.08
N THR G 71 -41.91 -43.03 -4.79
CA THR G 71 -41.58 -41.61 -4.63
C THR G 71 -41.85 -40.81 -5.89
N ASP G 72 -41.75 -41.42 -7.07
CA ASP G 72 -42.15 -40.85 -8.36
C ASP G 72 -43.58 -40.29 -8.33
N GLY G 73 -44.51 -40.91 -7.58
CA GLY G 73 -45.85 -40.38 -7.41
C GLY G 73 -46.00 -39.13 -6.52
N LEU G 74 -44.93 -38.73 -5.78
CA LEU G 74 -44.91 -37.47 -5.01
C LEU G 74 -44.56 -36.23 -5.86
N THR G 75 -44.26 -36.39 -7.16
CA THR G 75 -43.92 -35.28 -8.05
C THR G 75 -44.45 -35.57 -9.45
N ASN G 76 -44.12 -34.71 -10.42
CA ASN G 76 -44.53 -34.80 -11.80
C ASN G 76 -43.26 -34.94 -12.61
N LEU G 77 -42.88 -36.18 -12.96
CA LEU G 77 -41.62 -36.43 -13.65
C LEU G 77 -41.63 -35.96 -15.09
N ASP G 78 -42.80 -35.74 -15.72
CA ASP G 78 -42.85 -35.11 -17.04
C ASP G 78 -42.23 -33.71 -17.05
N ARG G 79 -42.30 -32.98 -15.92
CA ARG G 79 -41.62 -31.69 -15.75
C ARG G 79 -40.08 -31.81 -15.77
N TYR G 80 -39.49 -32.95 -15.33
CA TYR G 80 -38.04 -33.12 -15.11
C TYR G 80 -37.40 -34.11 -16.08
N LYS G 81 -38.17 -34.67 -17.05
CA LYS G 81 -37.60 -35.64 -17.95
C LYS G 81 -36.82 -34.89 -19.03
N GLY G 82 -35.73 -35.52 -19.48
CA GLY G 82 -35.13 -35.24 -20.77
C GLY G 82 -36.02 -35.87 -21.83
N ARG G 83 -36.13 -35.23 -22.99
CA ARG G 83 -36.95 -35.69 -24.10
C ARG G 83 -36.12 -35.72 -25.37
N CYS G 84 -35.99 -36.91 -25.97
CA CYS G 84 -35.46 -37.04 -27.31
C CYS G 84 -36.54 -36.65 -28.29
N TYR G 85 -36.37 -35.51 -28.97
CA TYR G 85 -37.41 -34.91 -29.81
C TYR G 85 -37.09 -35.01 -31.32
N HIS G 86 -35.87 -35.37 -31.74
CA HIS G 86 -35.51 -35.53 -33.14
C HIS G 86 -34.32 -36.49 -33.23
N ILE G 87 -34.35 -37.31 -34.30
CA ILE G 87 -33.31 -38.27 -34.64
C ILE G 87 -33.07 -38.15 -36.14
N GLU G 88 -31.80 -38.07 -36.52
CA GLU G 88 -31.43 -38.04 -37.93
C GLU G 88 -30.24 -38.93 -38.15
N PRO G 89 -30.22 -39.72 -39.25
CA PRO G 89 -29.04 -40.51 -39.58
C PRO G 89 -27.84 -39.61 -39.90
N VAL G 90 -26.66 -40.18 -39.67
CA VAL G 90 -25.41 -39.58 -40.10
C VAL G 90 -25.10 -40.14 -41.49
N ALA G 91 -24.81 -39.23 -42.45
CA ALA G 91 -24.44 -39.62 -43.81
C ALA G 91 -23.12 -40.41 -43.78
N GLY G 92 -23.13 -41.60 -44.40
CA GLY G 92 -21.90 -42.34 -44.67
C GLY G 92 -21.67 -43.42 -43.63
N GLU G 93 -21.88 -43.10 -42.34
CA GLU G 93 -21.74 -44.06 -41.27
C GLU G 93 -22.87 -45.09 -41.27
N GLU G 94 -22.50 -46.35 -40.99
CA GLU G 94 -23.42 -47.41 -40.66
C GLU G 94 -23.78 -47.21 -39.17
N ASN G 95 -25.09 -47.20 -38.89
CA ASN G 95 -25.65 -47.32 -37.55
C ASN G 95 -25.16 -46.18 -36.62
N GLN G 96 -25.24 -44.94 -37.10
CA GLN G 96 -24.93 -43.76 -36.33
C GLN G 96 -25.97 -42.66 -36.57
N TYR G 97 -26.41 -42.00 -35.48
CA TYR G 97 -27.52 -41.05 -35.49
C TYR G 97 -27.18 -39.83 -34.65
N ILE G 98 -27.70 -38.65 -35.03
CA ILE G 98 -27.71 -37.48 -34.21
C ILE G 98 -29.07 -37.48 -33.52
N CYS G 99 -29.04 -37.64 -32.18
CA CYS G 99 -30.20 -37.54 -31.30
C CYS G 99 -30.19 -36.18 -30.58
N TYR G 100 -31.31 -35.48 -30.67
CA TYR G 100 -31.52 -34.17 -30.09
C TYR G 100 -32.36 -34.33 -28.84
N VAL G 101 -31.88 -33.78 -27.71
CA VAL G 101 -32.50 -33.97 -26.41
C VAL G 101 -32.74 -32.59 -25.79
N ALA G 102 -33.93 -32.36 -25.26
CA ALA G 102 -34.29 -31.16 -24.54
C ALA G 102 -34.24 -31.46 -23.04
N TYR G 103 -33.56 -30.63 -22.23
CA TYR G 103 -33.54 -30.69 -20.77
C TYR G 103 -34.19 -29.43 -20.24
N PRO G 104 -35.18 -29.49 -19.33
CA PRO G 104 -35.72 -28.27 -18.69
C PRO G 104 -34.68 -27.47 -17.90
N LEU G 105 -34.89 -26.16 -17.85
CA LEU G 105 -34.10 -25.20 -17.08
C LEU G 105 -33.96 -25.57 -15.61
N ASP G 106 -35.04 -26.13 -15.05
CA ASP G 106 -35.10 -26.48 -13.63
C ASP G 106 -34.17 -27.60 -13.19
N LEU G 107 -33.56 -28.34 -14.13
CA LEU G 107 -32.55 -29.33 -13.80
C LEU G 107 -31.26 -28.71 -13.26
N PHE G 108 -30.93 -27.44 -13.60
CA PHE G 108 -29.57 -26.94 -13.54
C PHE G 108 -29.40 -25.91 -12.43
N GLU G 109 -28.29 -26.02 -11.67
CA GLU G 109 -27.89 -24.97 -10.76
C GLU G 109 -27.43 -23.75 -11.57
N GLU G 110 -27.84 -22.57 -11.07
CA GLU G 110 -27.53 -21.29 -11.68
C GLU G 110 -26.03 -21.10 -11.58
N GLY G 111 -25.39 -20.63 -12.68
CA GLY G 111 -23.98 -20.28 -12.70
C GLY G 111 -22.99 -21.45 -12.50
N SER G 112 -23.43 -22.73 -12.57
CA SER G 112 -22.58 -23.90 -12.31
C SER G 112 -22.40 -24.74 -13.58
N VAL G 113 -21.30 -24.50 -14.30
CA VAL G 113 -20.88 -25.38 -15.40
C VAL G 113 -20.65 -26.80 -14.88
N THR G 114 -20.11 -26.91 -13.65
CA THR G 114 -19.92 -28.20 -12.99
C THR G 114 -21.22 -29.01 -13.02
N ASN G 115 -22.33 -28.37 -12.59
CA ASN G 115 -23.62 -29.04 -12.55
C ASN G 115 -24.17 -29.31 -13.95
N MET G 116 -23.95 -28.38 -14.90
CA MET G 116 -24.44 -28.55 -16.25
C MET G 116 -23.83 -29.82 -16.88
N PHE G 117 -22.52 -30.01 -16.72
CA PHE G 117 -21.85 -31.18 -17.24
C PHE G 117 -22.22 -32.42 -16.49
N THR G 118 -22.24 -32.38 -15.17
CA THR G 118 -22.71 -33.52 -14.40
C THR G 118 -24.09 -33.98 -14.88
N SER G 119 -25.04 -33.06 -15.02
CA SER G 119 -26.42 -33.42 -15.39
C SER G 119 -26.49 -34.06 -16.77
N ILE G 120 -25.76 -33.57 -17.75
CA ILE G 120 -25.92 -33.95 -19.14
C ILE G 120 -24.99 -35.13 -19.46
N VAL G 121 -23.73 -35.09 -19.05
CA VAL G 121 -22.76 -36.10 -19.43
C VAL G 121 -22.30 -36.96 -18.26
N GLY G 122 -22.92 -36.90 -17.09
CA GLY G 122 -22.36 -37.55 -15.91
C GLY G 122 -22.55 -39.06 -15.91
N ASN G 123 -23.61 -39.52 -16.57
CA ASN G 123 -24.08 -40.88 -16.45
C ASN G 123 -24.16 -41.60 -17.80
N VAL G 124 -24.67 -40.95 -18.86
CA VAL G 124 -25.15 -41.63 -20.05
C VAL G 124 -24.04 -42.32 -20.86
N PHE G 125 -22.77 -41.86 -20.80
CA PHE G 125 -21.72 -42.32 -21.67
C PHE G 125 -21.35 -43.78 -21.36
N GLY G 126 -21.68 -44.30 -20.17
CA GLY G 126 -21.46 -45.70 -19.84
C GLY G 126 -22.63 -46.64 -20.15
N PHE G 127 -23.71 -46.19 -20.83
CA PHE G 127 -24.90 -47.03 -20.94
C PHE G 127 -24.64 -48.15 -21.95
N LYS G 128 -24.97 -49.38 -21.56
CA LYS G 128 -24.56 -50.59 -22.28
C LYS G 128 -25.25 -50.75 -23.64
N ALA G 129 -26.45 -50.19 -23.89
CA ALA G 129 -27.09 -50.25 -25.20
C ALA G 129 -26.39 -49.38 -26.26
N LEU G 130 -25.45 -48.52 -25.85
CA LEU G 130 -24.65 -47.73 -26.76
C LEU G 130 -23.27 -48.39 -26.86
N ARG G 131 -22.73 -48.48 -28.08
CA ARG G 131 -21.33 -48.83 -28.29
C ARG G 131 -20.49 -47.56 -28.11
N ALA G 132 -21.00 -46.38 -28.50
CA ALA G 132 -20.30 -45.13 -28.34
C ALA G 132 -21.28 -43.96 -28.31
N LEU G 133 -20.74 -42.84 -27.80
CA LEU G 133 -21.53 -41.67 -27.55
C LEU G 133 -20.62 -40.45 -27.55
N ARG G 134 -20.97 -39.46 -28.37
CA ARG G 134 -20.29 -38.19 -28.40
C ARG G 134 -21.30 -37.04 -28.28
N LEU G 135 -21.02 -36.07 -27.38
CA LEU G 135 -21.75 -34.81 -27.38
C LEU G 135 -21.14 -33.83 -28.38
N GLU G 136 -21.90 -33.41 -29.39
CA GLU G 136 -21.43 -32.52 -30.43
C GLU G 136 -21.70 -31.07 -30.04
N ASP G 137 -22.91 -30.77 -29.52
CA ASP G 137 -23.29 -29.38 -29.33
C ASP G 137 -24.33 -29.27 -28.21
N LEU G 138 -24.40 -28.07 -27.64
CA LEU G 138 -25.41 -27.69 -26.63
C LEU G 138 -25.99 -26.31 -27.02
N ARG G 139 -27.30 -26.15 -26.97
CA ARG G 139 -27.97 -24.87 -27.01
C ARG G 139 -28.12 -24.43 -25.56
N ILE G 140 -27.36 -23.41 -25.16
CA ILE G 140 -27.51 -22.86 -23.82
C ILE G 140 -28.59 -21.78 -23.93
N PRO G 141 -29.75 -21.89 -23.25
CA PRO G 141 -30.80 -20.89 -23.33
C PRO G 141 -30.36 -19.58 -22.67
N VAL G 142 -30.95 -18.46 -23.13
CA VAL G 142 -30.49 -17.15 -22.72
C VAL G 142 -30.75 -16.93 -21.23
N ALA G 143 -31.82 -17.51 -20.66
CA ALA G 143 -32.04 -17.40 -19.24
C ALA G 143 -30.97 -18.09 -18.39
N TYR G 144 -30.33 -19.15 -18.91
CA TYR G 144 -29.25 -19.81 -18.21
C TYR G 144 -27.97 -19.03 -18.44
N VAL G 145 -27.72 -18.54 -19.69
CA VAL G 145 -26.60 -17.68 -19.96
C VAL G 145 -26.48 -16.54 -18.91
N LYS G 146 -27.58 -15.83 -18.63
CA LYS G 146 -27.61 -14.71 -17.69
C LYS G 146 -27.30 -15.10 -16.24
N THR G 147 -27.21 -16.38 -15.86
CA THR G 147 -26.79 -16.76 -14.51
C THR G 147 -25.27 -16.75 -14.38
N PHE G 148 -24.47 -16.62 -15.46
CA PHE G 148 -23.02 -16.74 -15.39
C PHE G 148 -22.40 -15.36 -15.54
N GLN G 149 -21.23 -15.14 -14.96
CA GLN G 149 -20.45 -13.92 -15.16
C GLN G 149 -20.00 -13.86 -16.61
N GLY G 150 -19.49 -14.99 -17.12
CA GLY G 150 -18.91 -15.02 -18.43
C GLY G 150 -17.47 -14.53 -18.35
N PRO G 151 -16.82 -14.14 -19.48
CA PRO G 151 -15.45 -13.66 -19.45
C PRO G 151 -15.22 -12.54 -18.46
N PRO G 152 -14.10 -12.51 -17.70
CA PRO G 152 -13.80 -11.41 -16.79
C PRO G 152 -13.81 -10.05 -17.50
N HIS G 153 -13.28 -9.98 -18.74
CA HIS G 153 -13.19 -8.77 -19.55
C HIS G 153 -13.78 -9.01 -20.94
N GLY G 154 -13.26 -10.01 -21.67
CA GLY G 154 -13.60 -10.26 -23.06
C GLY G 154 -12.92 -9.27 -24.04
N ILE G 155 -13.16 -9.51 -25.33
CA ILE G 155 -12.33 -9.06 -26.44
C ILE G 155 -12.22 -7.53 -26.44
N GLN G 156 -13.35 -6.82 -26.42
CA GLN G 156 -13.36 -5.38 -26.60
C GLN G 156 -12.62 -4.66 -25.46
N VAL G 157 -12.93 -5.07 -24.22
CA VAL G 157 -12.33 -4.50 -23.02
C VAL G 157 -10.84 -4.78 -23.00
N GLU G 158 -10.42 -6.00 -23.32
CA GLU G 158 -8.98 -6.33 -23.37
C GLU G 158 -8.22 -5.40 -24.36
N ARG G 159 -8.72 -5.26 -25.60
CA ARG G 159 -8.15 -4.32 -26.56
C ARG G 159 -8.06 -2.89 -26.01
N ASP G 160 -9.12 -2.40 -25.33
CA ASP G 160 -9.13 -1.07 -24.73
C ASP G 160 -8.10 -0.94 -23.60
N LYS G 161 -7.95 -1.96 -22.76
CA LYS G 161 -6.99 -1.91 -21.65
C LYS G 161 -5.53 -1.91 -22.14
N LEU G 162 -5.24 -2.71 -23.17
CA LEU G 162 -3.93 -2.93 -23.72
C LEU G 162 -3.59 -1.91 -24.79
N ASN G 163 -4.59 -1.18 -25.29
CA ASN G 163 -4.51 -0.19 -26.33
C ASN G 163 -3.98 -0.79 -27.61
N LYS G 164 -4.52 -1.93 -28.02
CA LYS G 164 -4.00 -2.75 -29.11
C LYS G 164 -5.16 -3.03 -30.04
N TYR G 165 -5.13 -2.42 -31.22
CA TYR G 165 -6.23 -2.47 -32.14
C TYR G 165 -5.74 -2.86 -33.52
N GLY G 166 -6.62 -3.53 -34.29
CA GLY G 166 -6.51 -3.57 -35.73
C GLY G 166 -5.49 -4.60 -36.21
N ARG G 167 -5.08 -5.55 -35.35
CA ARG G 167 -4.26 -6.67 -35.74
C ARG G 167 -4.46 -7.80 -34.74
N PRO G 168 -4.11 -9.06 -35.11
CA PRO G 168 -3.87 -10.13 -34.14
C PRO G 168 -2.86 -9.73 -33.08
N LEU G 169 -3.06 -10.27 -31.86
CA LEU G 169 -2.00 -10.20 -30.84
C LEU G 169 -1.02 -11.34 -31.02
N LEU G 170 0.20 -11.16 -30.49
CA LEU G 170 1.31 -12.07 -30.73
C LEU G 170 1.88 -12.48 -29.39
N GLY G 171 2.11 -13.77 -29.24
CA GLY G 171 2.76 -14.31 -28.08
C GLY G 171 3.73 -15.41 -28.39
N CYS G 172 4.45 -15.80 -27.35
CA CYS G 172 5.49 -16.78 -27.41
C CYS G 172 5.52 -17.60 -26.12
N THR G 173 5.51 -18.93 -26.25
CA THR G 173 5.70 -19.79 -25.09
C THR G 173 7.18 -19.90 -24.80
N ILE G 174 7.59 -19.77 -23.52
CA ILE G 174 8.98 -19.90 -23.15
C ILE G 174 9.33 -21.40 -23.11
N LYS G 175 10.41 -21.76 -23.80
CA LYS G 175 10.96 -23.11 -23.88
C LYS G 175 12.46 -23.00 -23.50
N PRO G 176 13.08 -24.05 -22.90
CA PRO G 176 12.36 -25.23 -22.39
C PRO G 176 11.41 -24.94 -21.23
N LYS G 177 10.30 -25.70 -21.22
CA LYS G 177 9.26 -25.59 -20.18
C LYS G 177 9.84 -25.88 -18.81
N LEU G 178 10.65 -26.93 -18.69
CA LEU G 178 11.37 -27.21 -17.46
C LEU G 178 12.88 -27.21 -17.68
N GLY G 179 13.60 -26.66 -16.69
CA GLY G 179 15.05 -26.73 -16.60
C GLY G 179 15.74 -25.37 -16.57
N LEU G 180 15.06 -24.29 -16.94
CA LEU G 180 15.64 -22.96 -16.78
C LEU G 180 15.46 -22.56 -15.31
N SER G 181 16.44 -21.83 -14.79
CA SER G 181 16.23 -21.09 -13.55
C SER G 181 15.18 -19.98 -13.77
N ALA G 182 14.62 -19.45 -12.67
CA ALA G 182 13.64 -18.36 -12.75
C ALA G 182 14.24 -17.13 -13.41
N LYS G 183 15.49 -16.76 -13.07
CA LYS G 183 16.16 -15.63 -13.70
C LYS G 183 16.41 -15.85 -15.20
N ASN G 184 16.94 -17.03 -15.59
CA ASN G 184 17.18 -17.28 -17.01
C ASN G 184 15.87 -17.27 -17.82
N TYR G 185 14.81 -17.81 -17.24
CA TYR G 185 13.49 -17.76 -17.83
C TYR G 185 13.07 -16.31 -18.06
N GLY G 186 13.27 -15.44 -17.04
CA GLY G 186 12.92 -14.04 -17.18
C GLY G 186 13.73 -13.33 -18.26
N ARG G 187 15.03 -13.69 -18.40
CA ARG G 187 15.87 -13.18 -19.47
C ARG G 187 15.24 -13.46 -20.84
N ALA G 188 14.80 -14.70 -21.09
CA ALA G 188 14.13 -15.02 -22.36
C ALA G 188 12.85 -14.19 -22.56
N VAL G 189 12.12 -13.90 -21.47
CA VAL G 189 10.90 -13.11 -21.51
C VAL G 189 11.22 -11.68 -21.95
N TYR G 190 12.22 -11.06 -21.32
CA TYR G 190 12.60 -9.71 -21.68
C TYR G 190 12.97 -9.61 -23.16
N GLU G 191 13.84 -10.50 -23.63
CA GLU G 191 14.32 -10.52 -25.00
C GLU G 191 13.19 -10.78 -26.02
N CYS G 192 12.22 -11.64 -25.69
CA CYS G 192 11.05 -11.85 -26.52
C CYS G 192 10.18 -10.59 -26.59
N LEU G 193 9.81 -10.05 -25.44
CA LEU G 193 8.84 -8.95 -25.40
C LEU G 193 9.38 -7.67 -26.06
N ARG G 194 10.68 -7.43 -25.91
CA ARG G 194 11.29 -6.17 -26.35
C ARG G 194 11.29 -6.06 -27.86
N GLY G 195 11.31 -7.20 -28.56
CA GLY G 195 11.32 -7.24 -30.01
C GLY G 195 9.96 -7.09 -30.68
N GLY G 196 8.87 -6.89 -29.92
CA GLY G 196 7.56 -6.50 -30.45
C GLY G 196 6.43 -7.51 -30.23
N LEU G 197 6.70 -8.67 -29.60
CA LEU G 197 5.63 -9.54 -29.12
C LEU G 197 4.85 -8.84 -27.99
N ASP G 198 3.55 -9.07 -27.97
CA ASP G 198 2.67 -8.54 -26.92
C ASP G 198 2.79 -9.34 -25.62
N PHE G 199 2.88 -10.67 -25.76
CA PHE G 199 2.81 -11.62 -24.66
C PHE G 199 3.91 -12.67 -24.74
N THR G 200 4.42 -13.08 -23.60
CA THR G 200 5.09 -14.35 -23.41
C THR G 200 4.21 -15.16 -22.47
N KCX G 201 4.58 -16.41 -22.19
CA KCX G 201 3.68 -17.36 -21.60
CB KCX G 201 2.91 -17.88 -22.83
CG KCX G 201 2.16 -19.13 -22.59
CD KCX G 201 1.17 -19.56 -23.67
CE KCX G 201 0.42 -20.72 -23.04
NZ KCX G 201 1.24 -21.91 -22.77
C KCX G 201 4.43 -18.47 -20.88
O KCX G 201 5.40 -19.03 -21.41
CX KCX G 201 1.23 -22.87 -23.84
OQ1 KCX G 201 0.66 -23.01 -24.91
OQ2 KCX G 201 1.96 -23.81 -23.29
H KCX G 201 5.42 -16.69 -22.43
HA KCX G 201 3.05 -16.90 -20.98
HB2 KCX G 201 2.28 -17.20 -23.13
HB3 KCX G 201 3.53 -18.05 -23.56
HG2 KCX G 201 2.81 -19.86 -22.51
HG3 KCX G 201 1.69 -19.04 -21.73
HD2 KCX G 201 0.54 -18.86 -23.90
HD3 KCX G 201 1.64 -19.86 -24.47
HE2 KCX G 201 0.01 -20.45 -22.20
HE3 KCX G 201 -0.32 -20.94 -23.61
N ASP G 202 3.84 -18.88 -19.76
CA ASP G 202 4.17 -20.12 -19.07
C ASP G 202 3.53 -21.26 -19.87
N ASP G 203 4.31 -22.32 -20.07
CA ASP G 203 3.75 -23.59 -20.49
C ASP G 203 2.71 -24.07 -19.46
N GLU G 204 1.71 -24.79 -19.95
CA GLU G 204 0.67 -25.39 -19.10
C GLU G 204 1.24 -26.22 -17.96
N ASN G 205 2.39 -26.88 -18.15
CA ASN G 205 3.02 -27.72 -17.15
C ASN G 205 3.73 -26.91 -16.03
N VAL G 206 4.12 -25.65 -16.32
CA VAL G 206 4.91 -24.84 -15.39
C VAL G 206 3.98 -24.25 -14.33
N ASN G 207 4.01 -24.85 -13.12
CA ASN G 207 3.19 -24.42 -12.00
C ASN G 207 4.19 -24.00 -10.93
N SER G 208 4.58 -24.89 -10.05
CA SER G 208 5.70 -24.66 -9.14
C SER G 208 6.44 -25.97 -9.01
N GLN G 209 7.76 -25.97 -9.29
CA GLN G 209 8.50 -27.21 -9.39
C GLN G 209 9.83 -27.00 -8.71
N PRO G 210 10.58 -28.08 -8.34
CA PRO G 210 11.87 -27.92 -7.65
C PRO G 210 12.86 -26.88 -8.17
N PHE G 211 13.11 -26.86 -9.48
CA PHE G 211 14.09 -25.88 -10.00
C PHE G 211 13.50 -24.52 -10.34
N MET G 212 12.18 -24.31 -10.25
CA MET G 212 11.60 -23.00 -10.47
C MET G 212 10.31 -22.93 -9.68
N ARG G 213 10.36 -22.32 -8.49
CA ARG G 213 9.21 -22.15 -7.63
C ARG G 213 8.46 -20.98 -8.20
N TRP G 214 7.12 -21.05 -8.11
CA TRP G 214 6.23 -20.09 -8.78
C TRP G 214 6.56 -18.64 -8.44
N ARG G 215 6.83 -18.32 -7.15
CA ARG G 215 6.91 -16.93 -6.73
C ARG G 215 8.19 -16.29 -7.28
N ASP G 216 9.28 -17.07 -7.30
CA ASP G 216 10.49 -16.68 -8.03
C ASP G 216 10.23 -16.32 -9.48
N ARG G 217 9.51 -17.20 -10.19
CA ARG G 217 9.23 -17.01 -11.60
C ARG G 217 8.40 -15.75 -11.81
N PHE G 218 7.39 -15.54 -10.96
CA PHE G 218 6.51 -14.37 -11.01
C PHE G 218 7.34 -13.09 -10.90
N LEU G 219 8.24 -13.06 -9.92
CA LEU G 219 9.06 -11.90 -9.62
C LEU G 219 9.97 -11.53 -10.80
N PHE G 220 10.73 -12.52 -11.34
CA PHE G 220 11.64 -12.29 -12.46
C PHE G 220 10.90 -12.00 -13.74
N CYS G 221 9.76 -12.68 -14.02
CA CYS G 221 8.90 -12.34 -15.15
C CYS G 221 8.39 -10.89 -15.05
N ALA G 222 8.06 -10.41 -13.84
CA ALA G 222 7.64 -9.04 -13.68
C ALA G 222 8.74 -8.04 -14.02
N GLU G 223 9.96 -8.26 -13.51
CA GLU G 223 11.10 -7.43 -13.85
C GLU G 223 11.31 -7.33 -15.38
N ALA G 224 11.33 -8.50 -16.04
CA ALA G 224 11.54 -8.60 -17.49
C ALA G 224 10.44 -7.87 -18.30
N LEU G 225 9.17 -8.14 -17.96
CA LEU G 225 8.01 -7.50 -18.56
C LEU G 225 8.07 -5.98 -18.44
N TYR G 226 8.38 -5.46 -17.25
CA TYR G 226 8.46 -4.01 -17.04
C TYR G 226 9.66 -3.37 -17.77
N LYS G 227 10.83 -4.04 -17.78
CA LYS G 227 11.95 -3.61 -18.57
C LYS G 227 11.52 -3.50 -20.05
N ALA G 228 10.84 -4.51 -20.61
CA ALA G 228 10.49 -4.53 -22.03
C ALA G 228 9.46 -3.46 -22.37
N GLN G 229 8.50 -3.22 -21.47
CA GLN G 229 7.51 -2.16 -21.63
C GLN G 229 8.13 -0.75 -21.60
N ALA G 230 9.05 -0.49 -20.66
CA ALA G 230 9.76 0.78 -20.57
C ALA G 230 10.63 1.00 -21.82
N GLU G 231 11.25 -0.07 -22.33
CA GLU G 231 12.10 0.00 -23.53
C GLU G 231 11.27 0.35 -24.76
N THR G 232 10.15 -0.38 -24.99
CA THR G 232 9.38 -0.32 -26.22
C THR G 232 8.28 0.77 -26.21
N GLY G 233 7.74 1.13 -25.03
CA GLY G 233 6.57 2.01 -24.94
C GLY G 233 5.19 1.35 -25.15
N GLU G 234 5.15 0.07 -25.57
CA GLU G 234 3.93 -0.72 -25.75
C GLU G 234 3.67 -1.55 -24.50
N ILE G 235 2.41 -1.79 -24.20
CA ILE G 235 2.01 -2.56 -23.03
C ILE G 235 2.34 -4.04 -23.26
N LYS G 236 2.95 -4.66 -22.22
CA LYS G 236 3.40 -6.04 -22.27
C LYS G 236 2.71 -6.87 -21.21
N GLY G 237 2.55 -8.17 -21.52
CA GLY G 237 1.98 -9.15 -20.61
C GLY G 237 2.78 -10.45 -20.64
N HIS G 238 2.74 -11.18 -19.52
CA HIS G 238 3.25 -12.54 -19.45
C HIS G 238 2.16 -13.38 -18.81
N TYR G 239 1.72 -14.45 -19.49
CA TYR G 239 0.72 -15.34 -18.90
C TYR G 239 1.30 -16.12 -17.72
N LEU G 240 1.04 -15.62 -16.49
CA LEU G 240 1.54 -16.24 -15.28
C LEU G 240 0.59 -17.37 -14.91
N ASN G 241 1.11 -18.61 -14.85
CA ASN G 241 0.29 -19.79 -14.69
C ASN G 241 -0.03 -19.94 -13.20
N ALA G 242 -1.32 -19.78 -12.83
CA ALA G 242 -1.75 -19.87 -11.43
C ALA G 242 -2.34 -21.25 -11.15
N THR G 243 -2.26 -22.19 -12.10
CA THR G 243 -2.83 -23.51 -11.91
C THR G 243 -2.09 -24.17 -10.74
N ALA G 244 -2.84 -24.85 -9.88
CA ALA G 244 -2.31 -25.35 -8.62
C ALA G 244 -3.08 -26.56 -8.13
N GLY G 245 -2.56 -27.16 -7.05
CA GLY G 245 -3.17 -28.36 -6.51
C GLY G 245 -4.48 -28.13 -5.78
N THR G 246 -4.59 -26.97 -5.07
CA THR G 246 -5.73 -26.61 -4.24
C THR G 246 -6.24 -25.24 -4.66
N CYS G 247 -7.48 -24.88 -4.26
CA CYS G 247 -7.96 -23.52 -4.50
C CYS G 247 -7.12 -22.46 -3.78
N GLU G 248 -6.73 -22.73 -2.53
CA GLU G 248 -5.92 -21.85 -1.71
C GLU G 248 -4.59 -21.54 -2.42
N ASP G 249 -3.92 -22.57 -2.99
CA ASP G 249 -2.68 -22.39 -3.74
C ASP G 249 -2.90 -21.54 -4.99
N MET G 250 -3.94 -21.84 -5.77
CA MET G 250 -4.26 -21.07 -6.95
C MET G 250 -4.45 -19.59 -6.62
N MET G 251 -5.21 -19.31 -5.57
CA MET G 251 -5.53 -17.96 -5.13
C MET G 251 -4.31 -17.18 -4.65
N LYS G 252 -3.39 -17.83 -3.92
CA LYS G 252 -2.17 -17.18 -3.50
C LYS G 252 -1.40 -16.67 -4.71
N ARG G 253 -1.39 -17.46 -5.80
CA ARG G 253 -0.66 -17.11 -7.02
C ARG G 253 -1.32 -15.94 -7.74
N ALA G 254 -2.67 -15.98 -7.93
CA ALA G 254 -3.38 -14.86 -8.51
C ALA G 254 -3.24 -13.57 -7.71
N VAL G 255 -3.24 -13.68 -6.37
CA VAL G 255 -3.06 -12.52 -5.48
C VAL G 255 -1.69 -11.84 -5.68
N PHE G 256 -0.61 -12.60 -5.77
CA PHE G 256 0.69 -12.01 -5.99
C PHE G 256 0.76 -11.34 -7.36
N ALA G 257 0.07 -11.89 -8.39
CA ALA G 257 0.05 -11.25 -9.70
C ALA G 257 -0.65 -9.88 -9.57
N ARG G 258 -1.80 -9.83 -8.88
CA ARG G 258 -2.48 -8.58 -8.52
C ARG G 258 -1.52 -7.60 -7.82
N GLU G 259 -0.76 -8.05 -6.82
CA GLU G 259 0.21 -7.22 -6.08
C GLU G 259 1.34 -6.65 -6.97
N LEU G 260 1.88 -7.45 -7.91
CA LEU G 260 2.85 -7.01 -8.90
C LEU G 260 2.27 -6.02 -9.92
N GLY G 261 0.94 -5.90 -10.07
CA GLY G 261 0.31 -4.95 -10.99
C GLY G 261 0.33 -5.43 -12.46
N VAL G 262 0.57 -6.72 -12.66
CA VAL G 262 0.74 -7.29 -13.99
C VAL G 262 -0.61 -7.58 -14.59
N PRO G 263 -0.76 -7.59 -15.93
CA PRO G 263 -2.09 -7.64 -16.55
C PRO G 263 -2.84 -8.97 -16.69
N ILE G 264 -2.12 -10.11 -16.66
CA ILE G 264 -2.66 -11.36 -17.17
C ILE G 264 -2.12 -12.56 -16.39
N VAL G 265 -3.05 -13.44 -15.95
CA VAL G 265 -2.77 -14.76 -15.37
C VAL G 265 -3.34 -15.86 -16.26
N MET G 266 -3.00 -17.09 -15.97
CA MET G 266 -3.36 -18.26 -16.79
C MET G 266 -3.85 -19.41 -15.89
N HIS G 267 -4.77 -20.22 -16.44
CA HIS G 267 -5.31 -21.40 -15.79
C HIS G 267 -5.48 -22.53 -16.80
N ASP G 268 -5.16 -23.77 -16.37
CA ASP G 268 -5.41 -24.99 -17.11
C ASP G 268 -6.80 -25.47 -16.67
N TYR G 269 -7.83 -24.97 -17.38
CA TYR G 269 -9.19 -25.11 -16.91
C TYR G 269 -9.67 -26.57 -16.83
N LEU G 270 -9.21 -27.46 -17.69
CA LEU G 270 -9.62 -28.85 -17.65
C LEU G 270 -8.97 -29.64 -16.51
N THR G 271 -7.69 -29.41 -16.23
CA THR G 271 -6.98 -30.16 -15.22
C THR G 271 -7.17 -29.54 -13.85
N GLY G 272 -7.26 -28.21 -13.75
CA GLY G 272 -7.74 -27.56 -12.52
C GLY G 272 -9.21 -27.87 -12.26
N GLY G 273 -10.04 -27.72 -13.31
CA GLY G 273 -11.43 -27.98 -13.31
C GLY G 273 -12.30 -26.72 -13.25
N PHE G 274 -13.60 -26.90 -13.51
CA PHE G 274 -14.56 -25.81 -13.62
C PHE G 274 -14.86 -25.08 -12.32
N THR G 275 -14.88 -25.79 -11.17
CA THR G 275 -15.11 -25.16 -9.89
C THR G 275 -13.99 -24.15 -9.58
N ALA G 276 -12.71 -24.58 -9.62
CA ALA G 276 -11.58 -23.67 -9.46
C ALA G 276 -11.52 -22.61 -10.58
N ASN G 277 -11.80 -22.95 -11.84
CA ASN G 277 -11.80 -21.99 -12.94
C ASN G 277 -12.80 -20.83 -12.73
N THR G 278 -14.04 -21.14 -12.33
CA THR G 278 -15.07 -20.13 -12.09
C THR G 278 -14.68 -19.22 -10.91
N THR G 279 -14.05 -19.77 -9.86
CA THR G 279 -13.49 -18.98 -8.74
C THR G 279 -12.45 -17.96 -9.24
N LEU G 280 -11.55 -18.41 -10.08
CA LEU G 280 -10.50 -17.57 -10.59
C LEU G 280 -11.07 -16.53 -11.54
N SER G 281 -12.01 -16.92 -12.41
CA SER G 281 -12.72 -15.99 -13.28
C SER G 281 -13.36 -14.83 -12.49
N HIS G 282 -14.03 -15.10 -11.39
CA HIS G 282 -14.66 -14.10 -10.53
C HIS G 282 -13.62 -13.22 -9.86
N TYR G 283 -12.52 -13.83 -9.35
CA TYR G 283 -11.44 -13.02 -8.78
C TYR G 283 -10.83 -12.08 -9.85
N CYS G 284 -10.63 -12.57 -11.07
CA CYS G 284 -10.09 -11.78 -12.15
C CYS G 284 -10.98 -10.59 -12.51
N ARG G 285 -12.30 -10.77 -12.55
CA ARG G 285 -13.23 -9.66 -12.78
C ARG G 285 -13.12 -8.63 -11.66
N ASP G 286 -13.08 -9.08 -10.41
CA ASP G 286 -12.99 -8.20 -9.27
C ASP G 286 -11.67 -7.46 -9.11
N ASN G 287 -10.55 -7.95 -9.70
CA ASN G 287 -9.22 -7.35 -9.54
C ASN G 287 -8.56 -6.92 -10.87
N GLY G 288 -9.33 -6.88 -11.96
CA GLY G 288 -8.88 -6.32 -13.22
C GLY G 288 -7.84 -7.18 -13.98
N LEU G 289 -7.74 -8.47 -13.73
CA LEU G 289 -6.77 -9.37 -14.35
C LEU G 289 -7.43 -10.02 -15.57
N LEU G 290 -6.68 -10.04 -16.67
CA LEU G 290 -7.01 -10.88 -17.79
C LEU G 290 -6.71 -12.33 -17.45
N LEU G 291 -7.48 -13.22 -18.04
CA LEU G 291 -7.32 -14.62 -17.82
C LEU G 291 -7.16 -15.36 -19.13
N HIS G 292 -5.95 -15.93 -19.29
CA HIS G 292 -5.63 -16.80 -20.39
C HIS G 292 -5.95 -18.25 -20.00
N ILE G 293 -6.67 -18.97 -20.86
CA ILE G 293 -7.14 -20.31 -20.56
C ILE G 293 -6.46 -21.27 -21.52
N HIS G 294 -5.79 -22.25 -20.94
CA HIS G 294 -5.13 -23.32 -21.68
C HIS G 294 -6.05 -24.55 -21.57
N ARG G 295 -6.11 -25.31 -22.65
CA ARG G 295 -7.04 -26.42 -22.83
C ARG G 295 -6.32 -27.76 -22.69
N ALA G 296 -5.23 -27.83 -21.90
CA ALA G 296 -4.48 -29.07 -21.65
C ALA G 296 -5.43 -30.17 -21.25
N MET G 297 -5.31 -31.33 -21.90
CA MET G 297 -6.08 -32.55 -21.74
C MET G 297 -7.31 -32.61 -22.65
N HIS G 298 -7.71 -31.57 -23.39
CA HIS G 298 -8.87 -31.59 -24.28
C HIS G 298 -8.86 -32.82 -25.21
N ALA G 299 -7.69 -33.21 -25.76
CA ALA G 299 -7.60 -34.30 -26.72
C ALA G 299 -7.91 -35.68 -26.12
N VAL G 300 -7.88 -35.86 -24.78
CA VAL G 300 -8.34 -37.08 -24.13
C VAL G 300 -9.83 -37.30 -24.45
N ILE G 301 -10.58 -36.18 -24.56
CA ILE G 301 -12.04 -36.08 -24.61
C ILE G 301 -12.51 -35.86 -26.05
N ASP G 302 -11.82 -35.04 -26.83
CA ASP G 302 -12.39 -34.39 -28.00
C ASP G 302 -11.85 -34.92 -29.32
N ARG G 303 -10.94 -35.90 -29.29
CA ARG G 303 -10.19 -36.31 -30.45
C ARG G 303 -11.07 -37.23 -31.29
N GLN G 304 -11.61 -38.32 -30.72
CA GLN G 304 -12.25 -39.37 -31.50
C GLN G 304 -13.65 -38.90 -31.94
N LYS G 305 -14.02 -39.19 -33.19
CA LYS G 305 -15.34 -38.79 -33.74
C LYS G 305 -16.51 -39.53 -33.10
N ASN G 306 -16.33 -40.79 -32.70
CA ASN G 306 -17.38 -41.68 -32.22
C ASN G 306 -17.65 -41.48 -30.71
N HIS G 307 -16.67 -40.98 -29.91
CA HIS G 307 -16.82 -40.97 -28.45
C HIS G 307 -16.15 -39.76 -27.81
N GLY G 308 -16.88 -39.05 -26.96
CA GLY G 308 -16.36 -38.02 -26.06
C GLY G 308 -17.21 -36.77 -26.19
N MET G 309 -16.57 -35.58 -26.19
CA MET G 309 -17.28 -34.32 -26.35
C MET G 309 -16.50 -33.48 -27.34
N HIS G 310 -17.17 -32.86 -28.29
CA HIS G 310 -16.47 -32.02 -29.25
C HIS G 310 -15.98 -30.78 -28.49
N PHE G 311 -14.86 -30.24 -28.95
CA PHE G 311 -14.27 -29.06 -28.34
C PHE G 311 -15.25 -27.88 -28.21
N ARG G 312 -16.14 -27.71 -29.19
CA ARG G 312 -17.08 -26.59 -29.18
C ARG G 312 -17.91 -26.55 -27.91
N VAL G 313 -18.24 -27.72 -27.35
CA VAL G 313 -18.93 -27.84 -26.08
C VAL G 313 -18.02 -27.35 -24.96
N LEU G 314 -16.73 -27.71 -25.00
CA LEU G 314 -15.77 -27.30 -23.99
C LEU G 314 -15.54 -25.79 -24.06
N ALA G 315 -15.58 -25.24 -25.28
CA ALA G 315 -15.41 -23.83 -25.54
C ALA G 315 -16.59 -23.02 -25.00
N LYS G 316 -17.82 -23.48 -25.29
CA LYS G 316 -19.03 -22.82 -24.78
C LYS G 316 -19.01 -22.77 -23.27
N ALA G 317 -18.61 -23.90 -22.65
CA ALA G 317 -18.50 -24.02 -21.20
C ALA G 317 -17.49 -23.05 -20.58
N LEU G 318 -16.35 -22.92 -21.24
CA LEU G 318 -15.38 -21.93 -20.82
C LEU G 318 -15.93 -20.52 -20.95
N ARG G 319 -16.64 -20.20 -22.06
CA ARG G 319 -17.19 -18.86 -22.20
C ARG G 319 -18.17 -18.54 -21.04
N LEU G 320 -18.87 -19.54 -20.48
CA LEU G 320 -19.77 -19.31 -19.34
C LEU G 320 -19.00 -19.19 -18.02
N SER G 321 -18.08 -20.12 -17.75
CA SER G 321 -17.27 -20.10 -16.54
C SER G 321 -16.38 -18.85 -16.47
N GLY G 322 -15.69 -18.60 -17.56
CA GLY G 322 -15.10 -17.34 -17.91
C GLY G 322 -13.61 -17.50 -18.16
N GLY G 323 -13.15 -16.91 -19.26
CA GLY G 323 -11.79 -16.54 -19.54
C GLY G 323 -11.78 -15.53 -20.69
N ASP G 324 -10.62 -14.85 -20.82
CA ASP G 324 -10.43 -13.84 -21.84
C ASP G 324 -9.87 -14.44 -23.12
N HIS G 325 -8.94 -15.41 -22.98
CA HIS G 325 -8.36 -16.13 -24.10
C HIS G 325 -8.65 -17.61 -23.94
N ILE G 326 -8.78 -18.38 -25.04
CA ILE G 326 -8.80 -19.84 -25.02
C ILE G 326 -8.07 -20.40 -26.20
N HIS G 327 -7.16 -21.35 -25.94
CA HIS G 327 -6.47 -22.09 -26.99
C HIS G 327 -7.48 -22.79 -27.91
N SER G 328 -7.43 -22.51 -29.20
CA SER G 328 -8.35 -22.96 -30.22
C SER G 328 -7.69 -23.81 -31.29
N GLY G 329 -6.36 -24.03 -31.18
CA GLY G 329 -5.62 -24.99 -31.99
C GLY G 329 -4.94 -24.30 -33.16
N THR G 330 -4.01 -25.05 -33.79
CA THR G 330 -3.52 -24.76 -35.13
C THR G 330 -4.63 -25.00 -36.17
N VAL G 331 -4.48 -24.39 -37.36
CA VAL G 331 -5.32 -24.68 -38.52
C VAL G 331 -4.52 -25.21 -39.74
N VAL G 332 -3.32 -25.80 -39.52
CA VAL G 332 -2.61 -26.61 -40.51
C VAL G 332 -3.17 -28.05 -40.41
N GLU G 338 -10.96 -30.02 -39.97
CA GLU G 338 -11.45 -29.14 -41.07
C GLU G 338 -11.39 -27.69 -40.58
N ARG G 339 -11.03 -26.76 -41.47
CA ARG G 339 -11.08 -25.32 -41.28
C ARG G 339 -12.48 -24.84 -40.84
N ASP G 340 -13.53 -25.31 -41.54
CA ASP G 340 -14.91 -24.88 -41.36
C ASP G 340 -15.39 -25.12 -39.93
N ILE G 341 -15.05 -26.27 -39.35
CA ILE G 341 -15.40 -26.67 -37.99
C ILE G 341 -14.72 -25.74 -36.97
N THR G 342 -13.42 -25.46 -37.16
CA THR G 342 -12.67 -24.49 -36.39
C THR G 342 -13.32 -23.10 -36.47
N LEU G 343 -13.58 -22.63 -37.69
CA LEU G 343 -14.27 -21.36 -37.91
C LEU G 343 -15.64 -21.34 -37.21
N GLY G 344 -16.34 -22.48 -37.21
CA GLY G 344 -17.57 -22.66 -36.49
C GLY G 344 -17.47 -22.29 -35.02
N PHE G 345 -16.54 -22.94 -34.28
CA PHE G 345 -16.44 -22.71 -32.85
C PHE G 345 -15.75 -21.38 -32.50
N VAL G 346 -14.90 -20.84 -33.40
CA VAL G 346 -14.35 -19.53 -33.26
C VAL G 346 -15.49 -18.52 -33.20
N ASP G 347 -16.47 -18.63 -34.10
CA ASP G 347 -17.62 -17.74 -34.04
C ASP G 347 -18.46 -17.91 -32.77
N LEU G 348 -18.63 -19.16 -32.33
CA LEU G 348 -19.23 -19.47 -31.03
C LEU G 348 -18.53 -18.77 -29.85
N LEU G 349 -17.21 -18.57 -29.94
CA LEU G 349 -16.46 -17.95 -28.84
C LEU G 349 -16.55 -16.43 -28.88
N ARG G 350 -16.61 -15.84 -30.09
CA ARG G 350 -16.43 -14.42 -30.28
C ARG G 350 -17.74 -13.63 -30.39
N ASP G 351 -18.73 -14.16 -31.07
CA ASP G 351 -19.89 -13.37 -31.51
C ASP G 351 -21.00 -13.48 -30.48
N ASP G 352 -21.98 -12.58 -30.66
CA ASP G 352 -23.16 -12.49 -29.84
C ASP G 352 -24.20 -13.49 -30.26
N TYR G 353 -24.17 -13.90 -31.56
CA TYR G 353 -25.28 -14.64 -32.17
C TYR G 353 -24.69 -15.46 -33.28
N THR G 354 -24.94 -16.78 -33.29
CA THR G 354 -24.49 -17.66 -34.37
C THR G 354 -25.68 -18.54 -34.76
N GLU G 355 -26.02 -18.54 -36.04
CA GLU G 355 -27.13 -19.30 -36.60
C GLU G 355 -26.64 -20.72 -36.81
N LYS G 356 -27.53 -21.70 -36.59
CA LYS G 356 -27.39 -23.09 -37.04
C LYS G 356 -26.69 -23.18 -38.42
N ASP G 357 -25.65 -24.03 -38.49
CA ASP G 357 -24.92 -24.25 -39.72
C ASP G 357 -24.22 -25.60 -39.64
N ARG G 358 -24.86 -26.60 -40.25
CA ARG G 358 -24.40 -27.97 -40.25
C ARG G 358 -23.08 -28.15 -41.01
N SER G 359 -22.79 -27.31 -42.02
CA SER G 359 -21.50 -27.34 -42.70
C SER G 359 -20.32 -26.93 -41.79
N ARG G 360 -20.56 -26.17 -40.70
CA ARG G 360 -19.57 -25.81 -39.70
C ARG G 360 -19.77 -26.51 -38.35
N GLY G 361 -20.56 -27.57 -38.27
CA GLY G 361 -20.82 -28.31 -37.03
C GLY G 361 -21.54 -27.51 -35.93
N ILE G 362 -22.34 -26.50 -36.30
CA ILE G 362 -23.11 -25.70 -35.39
C ILE G 362 -24.53 -26.27 -35.50
N TYR G 363 -24.89 -27.12 -34.52
CA TYR G 363 -26.16 -27.84 -34.53
C TYR G 363 -27.33 -26.97 -34.03
N PHE G 364 -27.04 -25.90 -33.29
CA PHE G 364 -28.05 -25.02 -32.74
C PHE G 364 -27.67 -23.56 -33.00
N THR G 365 -28.72 -22.75 -33.21
CA THR G 365 -28.59 -21.31 -33.08
C THR G 365 -28.25 -20.99 -31.62
N GLN G 366 -27.25 -20.13 -31.39
CA GLN G 366 -26.80 -19.80 -30.05
C GLN G 366 -26.80 -18.28 -29.93
N SER G 367 -27.49 -17.74 -28.89
CA SER G 367 -27.34 -16.33 -28.47
C SER G 367 -26.58 -16.26 -27.16
N TRP G 368 -25.89 -15.13 -26.96
CA TRP G 368 -25.13 -14.88 -25.74
C TRP G 368 -25.61 -13.67 -24.96
N VAL G 369 -26.63 -12.93 -25.44
CA VAL G 369 -27.22 -11.75 -24.80
C VAL G 369 -26.14 -10.89 -24.13
N SER G 370 -25.17 -10.48 -24.98
CA SER G 370 -24.13 -9.54 -24.62
C SER G 370 -23.11 -10.06 -23.62
N THR G 371 -23.01 -11.38 -23.42
CA THR G 371 -21.87 -11.97 -22.73
C THR G 371 -20.64 -11.69 -23.63
N PRO G 372 -19.54 -11.13 -23.11
CA PRO G 372 -18.37 -10.87 -23.94
C PRO G 372 -17.79 -12.08 -24.67
N GLY G 373 -17.07 -11.81 -25.77
CA GLY G 373 -16.43 -12.81 -26.57
C GLY G 373 -15.12 -13.16 -25.93
N VAL G 374 -14.54 -14.27 -26.37
CA VAL G 374 -13.27 -14.80 -25.89
C VAL G 374 -12.29 -14.75 -27.07
N LEU G 375 -11.05 -14.28 -26.86
CA LEU G 375 -10.02 -14.31 -27.89
C LEU G 375 -9.57 -15.75 -28.17
N PRO G 376 -9.72 -16.32 -29.40
CA PRO G 376 -9.09 -17.62 -29.72
C PRO G 376 -7.60 -17.42 -29.90
N VAL G 377 -6.83 -18.43 -29.47
CA VAL G 377 -5.38 -18.45 -29.50
C VAL G 377 -4.98 -19.61 -30.43
N ALA G 378 -4.23 -19.31 -31.49
CA ALA G 378 -3.66 -20.29 -32.40
C ALA G 378 -2.22 -20.54 -31.97
N SER G 379 -1.78 -21.82 -31.91
CA SER G 379 -0.41 -22.15 -31.55
C SER G 379 0.05 -23.41 -32.28
N GLY G 380 1.28 -23.86 -32.00
CA GLY G 380 1.79 -25.16 -32.45
C GLY G 380 2.34 -25.18 -33.89
N GLY G 381 3.66 -25.07 -34.01
CA GLY G 381 4.37 -25.42 -35.24
C GLY G 381 4.30 -24.33 -36.32
N ILE G 382 4.10 -23.07 -35.90
CA ILE G 382 3.83 -21.97 -36.79
C ILE G 382 5.04 -21.05 -36.77
N HIS G 383 5.19 -20.32 -37.87
CA HIS G 383 6.39 -19.55 -38.22
C HIS G 383 5.93 -18.50 -39.23
N VAL G 384 6.85 -17.62 -39.62
CA VAL G 384 6.53 -16.38 -40.33
C VAL G 384 5.68 -16.63 -41.59
N TRP G 385 5.94 -17.74 -42.29
CA TRP G 385 5.26 -18.04 -43.53
C TRP G 385 3.81 -18.44 -43.30
N HIS G 386 3.43 -18.85 -42.08
CA HIS G 386 2.03 -19.08 -41.70
C HIS G 386 1.22 -17.78 -41.54
N MET G 387 1.85 -16.62 -41.41
CA MET G 387 1.19 -15.40 -40.96
C MET G 387 0.08 -14.95 -41.91
N PRO G 388 0.23 -14.97 -43.25
CA PRO G 388 -0.88 -14.58 -44.14
C PRO G 388 -2.12 -15.46 -43.93
N ALA G 389 -1.93 -16.79 -43.90
CA ALA G 389 -3.02 -17.73 -43.68
C ALA G 389 -3.70 -17.50 -42.34
N LEU G 390 -2.91 -17.33 -41.27
CA LEU G 390 -3.47 -17.17 -39.93
C LEU G 390 -4.27 -15.89 -39.83
N THR G 391 -3.75 -14.79 -40.40
CA THR G 391 -4.40 -13.49 -40.40
C THR G 391 -5.71 -13.55 -41.21
N GLU G 392 -5.68 -14.22 -42.38
CA GLU G 392 -6.85 -14.40 -43.24
C GLU G 392 -7.94 -15.18 -42.49
N ILE G 393 -7.58 -16.29 -41.84
CA ILE G 393 -8.53 -17.24 -41.26
C ILE G 393 -9.15 -16.65 -39.98
N PHE G 394 -8.31 -16.26 -39.01
CA PHE G 394 -8.76 -15.80 -37.71
C PHE G 394 -9.23 -14.34 -37.76
N GLY G 395 -8.61 -13.49 -38.58
CA GLY G 395 -8.86 -12.06 -38.53
C GLY G 395 -8.14 -11.44 -37.36
N ASP G 396 -8.52 -10.22 -37.06
CA ASP G 396 -7.85 -9.42 -36.07
C ASP G 396 -8.03 -9.94 -34.65
N ASP G 397 -9.19 -10.52 -34.33
CA ASP G 397 -9.51 -10.86 -32.96
C ASP G 397 -9.01 -12.27 -32.72
N SER G 398 -7.70 -12.38 -32.53
CA SER G 398 -7.02 -13.65 -32.28
C SER G 398 -5.69 -13.37 -31.62
N VAL G 399 -5.13 -14.38 -30.97
CA VAL G 399 -3.76 -14.34 -30.50
C VAL G 399 -2.99 -15.42 -31.27
N LEU G 400 -1.88 -15.06 -31.88
CA LEU G 400 -1.03 -16.02 -32.58
C LEU G 400 0.19 -16.28 -31.70
N GLN G 401 0.41 -17.51 -31.28
CA GLN G 401 1.42 -17.88 -30.27
C GLN G 401 2.54 -18.66 -30.97
N PHE G 402 3.79 -18.15 -30.98
CA PHE G 402 4.97 -18.63 -31.68
C PHE G 402 6.07 -19.06 -30.70
N GLY G 403 6.09 -20.33 -30.30
CA GLY G 403 7.21 -20.86 -29.49
C GLY G 403 8.54 -20.97 -30.25
N GLY G 404 8.72 -22.12 -30.95
CA GLY G 404 9.82 -22.35 -31.87
C GLY G 404 10.09 -21.20 -32.85
N GLY G 405 9.02 -20.62 -33.42
CA GLY G 405 9.08 -19.54 -34.40
C GLY G 405 9.69 -18.21 -33.92
N THR G 406 9.81 -18.00 -32.58
CA THR G 406 10.55 -16.87 -32.04
C THR G 406 11.90 -17.31 -31.52
N LEU G 407 11.89 -18.34 -30.64
CA LEU G 407 13.08 -18.76 -29.92
C LEU G 407 14.11 -19.46 -30.84
N GLY G 408 13.65 -19.99 -32.00
CA GLY G 408 14.46 -20.63 -33.01
C GLY G 408 15.08 -19.68 -34.04
N HIS G 409 14.85 -18.35 -33.95
CA HIS G 409 15.44 -17.42 -34.88
C HIS G 409 16.96 -17.45 -34.69
N PRO G 410 17.77 -17.43 -35.76
CA PRO G 410 19.22 -17.57 -35.61
C PRO G 410 19.92 -16.45 -34.84
N TRP G 411 19.30 -15.27 -34.79
CA TRP G 411 19.80 -14.10 -34.11
C TRP G 411 19.27 -13.92 -32.67
N GLY G 412 18.45 -14.85 -32.15
CA GLY G 412 17.93 -14.79 -30.79
C GLY G 412 16.51 -14.26 -30.74
N ASN G 413 16.06 -13.99 -29.51
CA ASN G 413 14.65 -13.81 -29.21
C ASN G 413 14.17 -12.47 -29.74
N ALA G 414 14.89 -11.38 -29.50
CA ALA G 414 14.44 -10.07 -29.93
C ALA G 414 14.30 -10.02 -31.46
N PRO G 415 15.29 -10.45 -32.28
CA PRO G 415 15.09 -10.54 -33.74
C PRO G 415 14.01 -11.51 -34.17
N GLY G 416 13.87 -12.64 -33.45
CA GLY G 416 12.76 -13.55 -33.61
C GLY G 416 11.41 -12.82 -33.55
N ALA G 417 11.29 -12.00 -32.50
CA ALA G 417 10.10 -11.23 -32.22
C ALA G 417 9.85 -10.19 -33.31
N VAL G 418 10.92 -9.48 -33.70
CA VAL G 418 10.85 -8.47 -34.75
C VAL G 418 10.34 -9.11 -36.05
N ALA G 419 10.88 -10.28 -36.40
CA ALA G 419 10.49 -10.96 -37.62
C ALA G 419 8.97 -11.23 -37.63
N ASN G 420 8.45 -11.77 -36.51
CA ASN G 420 7.04 -12.06 -36.33
C ASN G 420 6.20 -10.78 -36.39
N ARG G 421 6.63 -9.70 -35.73
CA ARG G 421 5.84 -8.49 -35.66
C ARG G 421 5.81 -7.83 -37.05
N VAL G 422 6.93 -7.77 -37.75
CA VAL G 422 7.01 -7.24 -39.10
C VAL G 422 6.16 -8.08 -40.05
N ALA G 423 6.31 -9.40 -40.04
CA ALA G 423 5.50 -10.25 -40.91
C ALA G 423 4.00 -9.99 -40.71
N LEU G 424 3.59 -9.84 -39.43
CA LEU G 424 2.20 -9.56 -39.12
C LEU G 424 1.78 -8.17 -39.63
N GLU G 425 2.54 -7.14 -39.33
CA GLU G 425 2.17 -5.80 -39.76
C GLU G 425 2.13 -5.70 -41.30
N ALA G 426 3.09 -6.37 -41.98
CA ALA G 426 3.15 -6.43 -43.44
C ALA G 426 1.88 -7.05 -44.02
N CYS G 427 1.44 -8.17 -43.40
CA CYS G 427 0.18 -8.80 -43.76
C CYS G 427 -1.03 -7.90 -43.53
N VAL G 428 -1.07 -7.24 -42.37
CA VAL G 428 -2.19 -6.40 -41.99
C VAL G 428 -2.28 -5.29 -43.03
N GLN G 429 -1.13 -4.60 -43.28
CA GLN G 429 -1.07 -3.50 -44.22
C GLN G 429 -1.58 -3.95 -45.61
N ALA G 430 -1.05 -5.08 -46.13
CA ALA G 430 -1.46 -5.66 -47.40
C ALA G 430 -2.96 -5.93 -47.46
N ARG G 431 -3.53 -6.55 -46.40
CA ARG G 431 -4.97 -6.84 -46.33
C ARG G 431 -5.77 -5.53 -46.39
N ASN G 432 -5.34 -4.51 -45.63
CA ASN G 432 -6.03 -3.24 -45.57
C ASN G 432 -6.03 -2.55 -46.93
N GLU G 433 -4.94 -2.64 -47.68
CA GLU G 433 -4.85 -2.11 -49.04
C GLU G 433 -5.70 -2.87 -50.09
N GLY G 434 -6.32 -4.01 -49.77
CA GLY G 434 -7.15 -4.77 -50.69
C GLY G 434 -6.42 -5.96 -51.35
N ARG G 435 -5.18 -6.30 -50.91
CA ARG G 435 -4.47 -7.46 -51.43
C ARG G 435 -5.09 -8.73 -50.86
N ASP G 436 -5.07 -9.83 -51.64
CA ASP G 436 -5.62 -11.12 -51.21
C ASP G 436 -4.52 -11.89 -50.48
N LEU G 437 -4.66 -12.03 -49.15
CA LEU G 437 -3.74 -12.80 -48.32
C LEU G 437 -3.66 -14.28 -48.74
N ALA G 438 -4.74 -14.86 -49.24
CA ALA G 438 -4.76 -16.25 -49.69
C ALA G 438 -3.87 -16.44 -50.92
N ARG G 439 -3.96 -15.54 -51.92
CA ARG G 439 -3.22 -15.64 -53.16
C ARG G 439 -1.81 -15.05 -53.04
N GLU G 440 -1.63 -13.84 -52.48
CA GLU G 440 -0.36 -13.09 -52.48
C GLU G 440 0.44 -13.16 -51.17
N GLY G 441 0.10 -14.04 -50.22
CA GLY G 441 0.71 -14.09 -48.89
C GLY G 441 2.22 -14.29 -48.93
N ASN G 442 2.72 -15.31 -49.64
CA ASN G 442 4.15 -15.53 -49.93
C ASN G 442 4.86 -14.28 -50.49
N THR G 443 4.21 -13.58 -51.43
CA THR G 443 4.78 -12.40 -52.05
C THR G 443 4.88 -11.23 -51.05
N ILE G 444 3.86 -11.09 -50.16
CA ILE G 444 3.83 -10.05 -49.14
C ILE G 444 5.03 -10.20 -48.21
N ILE G 445 5.29 -11.43 -47.75
CA ILE G 445 6.45 -11.69 -46.89
C ILE G 445 7.77 -11.40 -47.61
N ARG G 446 7.92 -11.86 -48.86
CA ARG G 446 9.14 -11.68 -49.65
C ARG G 446 9.44 -10.20 -49.79
N GLU G 447 8.45 -9.39 -50.18
CA GLU G 447 8.59 -7.93 -50.24
C GLU G 447 9.14 -7.31 -48.93
N ALA G 448 8.63 -7.75 -47.76
CA ALA G 448 9.09 -7.23 -46.48
C ALA G 448 10.53 -7.64 -46.16
N THR G 449 11.02 -8.79 -46.68
CA THR G 449 12.42 -9.20 -46.52
C THR G 449 13.41 -8.20 -47.13
N LYS G 450 12.98 -7.43 -48.15
CA LYS G 450 13.83 -6.41 -48.78
C LYS G 450 14.29 -5.33 -47.80
N TRP G 451 13.46 -4.93 -46.81
CA TRP G 451 13.81 -3.87 -45.85
C TRP G 451 13.96 -4.37 -44.39
N SER G 452 13.51 -5.61 -44.03
CA SER G 452 13.67 -6.16 -42.70
C SER G 452 14.73 -7.26 -42.73
N PRO G 453 15.99 -6.99 -42.26
CA PRO G 453 17.02 -8.03 -42.11
C PRO G 453 16.62 -9.17 -41.19
N GLU G 454 15.87 -8.81 -40.14
CA GLU G 454 15.38 -9.75 -39.15
C GLU G 454 14.44 -10.76 -39.81
N LEU G 455 13.50 -10.28 -40.61
CA LEU G 455 12.56 -11.14 -41.34
C LEU G 455 13.27 -11.94 -42.43
N ALA G 456 14.24 -11.34 -43.13
CA ALA G 456 15.03 -12.06 -44.15
C ALA G 456 15.74 -13.26 -43.54
N ALA G 457 16.37 -13.05 -42.37
CA ALA G 457 17.04 -14.15 -41.65
C ALA G 457 16.09 -15.28 -41.25
N ALA G 458 14.88 -14.95 -40.80
CA ALA G 458 13.84 -15.95 -40.48
C ALA G 458 13.41 -16.76 -41.71
N CYS G 459 13.16 -16.07 -42.83
CA CYS G 459 12.66 -16.64 -44.08
C CYS G 459 13.64 -17.63 -44.70
N GLU G 460 14.95 -17.46 -44.51
CA GLU G 460 15.93 -18.48 -44.87
C GLU G 460 15.81 -19.78 -44.06
N VAL G 461 15.47 -19.70 -42.77
CA VAL G 461 15.50 -20.84 -41.85
C VAL G 461 14.28 -21.76 -42.03
N TRP G 462 13.05 -21.22 -42.21
CA TRP G 462 11.81 -21.99 -42.37
C TRP G 462 11.32 -21.91 -43.83
N LYS G 463 10.62 -22.93 -44.37
CA LYS G 463 9.60 -22.76 -45.41
C LYS G 463 8.75 -24.04 -45.51
N TYR H 20 -61.62 8.92 18.29
CA TYR H 20 -60.44 9.60 17.66
C TYR H 20 -60.46 11.12 17.90
N LYS H 21 -61.64 11.78 17.83
CA LYS H 21 -61.81 13.22 18.06
C LYS H 21 -61.12 13.73 19.35
N LEU H 22 -61.50 13.18 20.52
CA LEU H 22 -61.19 13.80 21.81
C LEU H 22 -59.71 13.60 22.22
N THR H 23 -59.09 12.47 21.84
CA THR H 23 -57.70 12.18 22.19
C THR H 23 -56.72 12.94 21.29
N TYR H 24 -56.99 13.06 19.95
CA TYR H 24 -55.97 13.38 18.94
C TYR H 24 -56.05 14.79 18.35
N TYR H 25 -57.17 15.51 18.50
CA TYR H 25 -57.24 16.91 18.12
C TYR H 25 -57.08 17.75 19.38
N THR H 26 -55.95 18.43 19.55
CA THR H 26 -55.58 19.13 20.77
C THR H 26 -55.17 20.55 20.38
N PRO H 27 -56.13 21.44 20.00
CA PRO H 27 -55.80 22.82 19.59
C PRO H 27 -55.08 23.70 20.62
N GLU H 28 -55.21 23.38 21.89
CA GLU H 28 -54.53 24.05 23.01
C GLU H 28 -53.09 23.59 23.25
N TYR H 29 -52.59 22.54 22.58
CA TYR H 29 -51.27 21.95 22.80
C TYR H 29 -50.16 22.93 22.41
N GLU H 30 -49.23 23.18 23.34
CA GLU H 30 -47.99 23.91 23.10
C GLU H 30 -46.93 22.91 22.63
N THR H 31 -46.38 23.08 21.41
CA THR H 31 -45.36 22.18 20.90
C THR H 31 -44.09 22.29 21.77
N LEU H 32 -43.45 21.16 22.06
CA LEU H 32 -42.18 21.13 22.78
C LEU H 32 -41.04 21.33 21.78
N ASP H 33 -39.90 21.77 22.28
CA ASP H 33 -38.65 21.91 21.51
C ASP H 33 -38.06 20.58 21.02
N THR H 34 -38.40 19.45 21.66
CA THR H 34 -38.06 18.10 21.26
C THR H 34 -39.03 17.45 20.25
N ASP H 35 -40.19 18.06 19.94
CA ASP H 35 -41.22 17.40 19.14
C ASP H 35 -40.81 17.49 17.67
N ILE H 36 -41.12 16.44 16.92
CA ILE H 36 -41.15 16.49 15.46
C ILE H 36 -42.51 17.07 15.10
N LEU H 37 -42.51 18.12 14.26
CA LEU H 37 -43.75 18.74 13.78
C LEU H 37 -43.92 18.35 12.31
N ALA H 38 -45.15 17.97 11.91
CA ALA H 38 -45.47 17.69 10.53
C ALA H 38 -46.57 18.62 10.05
N ALA H 39 -46.43 19.18 8.85
CA ALA H 39 -47.50 19.87 8.15
C ALA H 39 -48.01 18.96 7.04
N PHE H 40 -49.26 18.47 7.20
CA PHE H 40 -49.94 17.66 6.18
C PHE H 40 -50.94 18.54 5.41
N ARG H 41 -50.93 18.44 4.07
CA ARG H 41 -52.04 18.88 3.25
C ARG H 41 -53.05 17.75 3.18
N VAL H 42 -54.22 17.97 3.79
CA VAL H 42 -55.24 16.98 4.06
C VAL H 42 -56.43 17.32 3.19
N SER H 43 -56.87 16.33 2.37
CA SER H 43 -58.03 16.42 1.49
C SER H 43 -59.01 15.38 2.03
N PRO H 44 -59.92 15.69 2.98
CA PRO H 44 -60.85 14.71 3.52
C PRO H 44 -61.85 14.20 2.46
N GLN H 45 -62.40 13.02 2.72
CA GLN H 45 -63.55 12.47 2.00
C GLN H 45 -64.75 13.40 2.25
N PRO H 46 -65.68 13.62 1.27
CA PRO H 46 -66.88 14.45 1.47
C PRO H 46 -67.65 14.15 2.75
N GLY H 47 -67.93 15.20 3.53
CA GLY H 47 -68.60 15.08 4.81
C GLY H 47 -67.76 14.58 5.99
N VAL H 48 -66.43 14.45 5.85
CA VAL H 48 -65.53 14.27 7.00
C VAL H 48 -65.12 15.68 7.40
N PRO H 49 -65.51 16.21 8.58
CA PRO H 49 -65.12 17.57 8.95
C PRO H 49 -63.62 17.62 9.27
N PRO H 50 -63.01 18.82 9.22
CA PRO H 50 -61.56 18.93 9.30
C PRO H 50 -60.94 18.35 10.57
N GLU H 51 -61.58 18.66 11.70
CA GLU H 51 -61.15 18.27 13.03
C GLU H 51 -60.99 16.77 13.11
N GLU H 52 -61.95 16.01 12.57
CA GLU H 52 -61.85 14.55 12.49
C GLU H 52 -60.76 14.11 11.55
N ALA H 53 -60.61 14.76 10.38
CA ALA H 53 -59.56 14.45 9.42
C ALA H 53 -58.17 14.57 10.09
N GLY H 54 -57.98 15.68 10.81
CA GLY H 54 -56.75 16.01 11.52
C GLY H 54 -56.45 15.04 12.62
N ALA H 55 -57.47 14.70 13.41
CA ALA H 55 -57.32 13.71 14.45
C ALA H 55 -56.97 12.37 13.85
N ALA H 56 -57.61 12.00 12.73
CA ALA H 56 -57.36 10.74 12.07
C ALA H 56 -55.92 10.65 11.58
N VAL H 57 -55.40 11.76 11.03
CA VAL H 57 -54.03 11.77 10.59
C VAL H 57 -53.04 11.51 11.75
N ALA H 58 -53.24 12.18 12.88
CA ALA H 58 -52.45 12.06 14.08
C ALA H 58 -52.54 10.64 14.63
N ALA H 59 -53.79 10.16 14.82
CA ALA H 59 -54.05 8.83 15.33
C ALA H 59 -53.38 7.75 14.45
N GLU H 60 -53.67 7.81 13.14
CA GLU H 60 -53.19 6.78 12.21
C GLU H 60 -51.68 6.86 11.93
N SER H 61 -51.00 7.97 12.27
CA SER H 61 -49.54 8.08 12.26
C SER H 61 -48.87 7.81 13.61
N SER H 62 -49.59 7.26 14.62
CA SER H 62 -49.08 7.07 15.96
C SER H 62 -49.81 5.90 16.63
N THR H 63 -50.68 6.13 17.63
CA THR H 63 -51.13 5.10 18.58
C THR H 63 -52.53 4.57 18.28
N GLY H 64 -53.19 5.01 17.18
CA GLY H 64 -54.62 4.78 17.02
C GLY H 64 -54.91 3.35 16.65
N THR H 65 -55.83 2.69 17.39
CA THR H 65 -56.35 1.37 17.02
C THR H 65 -57.85 1.49 16.75
N TRP H 66 -58.30 0.58 15.91
CA TRP H 66 -59.68 0.50 15.43
C TRP H 66 -60.63 -0.04 16.53
N THR H 67 -60.16 -0.95 17.42
CA THR H 67 -60.81 -1.37 18.66
C THR H 67 -59.82 -1.09 19.81
N THR H 68 -60.33 -0.70 20.99
CA THR H 68 -59.47 -0.45 22.16
C THR H 68 -58.93 -1.78 22.71
N VAL H 69 -57.74 -1.75 23.32
CA VAL H 69 -56.96 -2.93 23.70
C VAL H 69 -56.47 -2.75 25.14
N TRP H 70 -56.47 -3.86 25.90
CA TRP H 70 -56.18 -3.80 27.33
C TRP H 70 -54.72 -3.39 27.64
N THR H 71 -53.79 -3.73 26.74
CA THR H 71 -52.36 -3.44 26.85
C THR H 71 -52.08 -1.95 26.92
N ASP H 72 -52.91 -1.09 26.33
CA ASP H 72 -52.87 0.36 26.48
C ASP H 72 -52.81 0.81 27.95
N GLY H 73 -53.47 0.08 28.86
CA GLY H 73 -53.42 0.35 30.29
C GLY H 73 -52.07 -0.02 30.98
N LEU H 74 -51.14 -0.70 30.30
CA LEU H 74 -49.79 -0.98 30.80
C LEU H 74 -48.80 0.18 30.60
N THR H 75 -49.21 1.28 29.94
CA THR H 75 -48.38 2.43 29.68
C THR H 75 -49.25 3.69 29.71
N ASN H 76 -48.64 4.82 29.37
CA ASN H 76 -49.32 6.10 29.31
C ASN H 76 -49.27 6.53 27.84
N LEU H 77 -50.37 6.33 27.12
CA LEU H 77 -50.48 6.63 25.71
C LEU H 77 -50.40 8.12 25.40
N ASP H 78 -50.78 8.98 26.36
CA ASP H 78 -50.64 10.43 26.18
C ASP H 78 -49.19 10.85 25.93
N ARG H 79 -48.20 10.13 26.49
CA ARG H 79 -46.79 10.35 26.22
C ARG H 79 -46.38 10.03 24.76
N TYR H 80 -47.06 9.10 24.06
CA TYR H 80 -46.67 8.57 22.76
C TYR H 80 -47.64 8.94 21.63
N LYS H 81 -48.71 9.69 21.90
CA LYS H 81 -49.68 10.01 20.85
C LYS H 81 -49.11 11.15 20.00
N GLY H 82 -49.41 11.08 18.69
CA GLY H 82 -49.37 12.22 17.80
C GLY H 82 -50.58 13.11 18.12
N ARG H 83 -50.41 14.42 18.05
CA ARG H 83 -51.43 15.43 18.39
C ARG H 83 -51.58 16.37 17.20
N CYS H 84 -52.78 16.43 16.64
CA CYS H 84 -53.14 17.48 15.71
C CYS H 84 -53.46 18.71 16.53
N TYR H 85 -52.61 19.75 16.45
CA TYR H 85 -52.68 20.93 17.29
C TYR H 85 -53.13 22.18 16.50
N HIS H 86 -53.25 22.14 15.16
CA HIS H 86 -53.68 23.29 14.37
C HIS H 86 -54.19 22.79 13.00
N ILE H 87 -55.24 23.49 12.51
CA ILE H 87 -55.82 23.26 11.20
C ILE H 87 -56.10 24.62 10.58
N GLU H 88 -55.76 24.82 9.31
CA GLU H 88 -56.14 25.99 8.56
C GLU H 88 -56.58 25.56 7.18
N PRO H 89 -57.63 26.20 6.60
CA PRO H 89 -58.01 25.93 5.21
C PRO H 89 -56.93 26.39 4.22
N VAL H 90 -56.94 25.76 3.07
CA VAL H 90 -56.08 26.11 1.94
C VAL H 90 -56.86 27.08 1.06
N ALA H 91 -56.21 28.19 0.69
CA ALA H 91 -56.77 29.16 -0.25
C ALA H 91 -56.97 28.50 -1.62
N GLY H 92 -58.19 28.58 -2.16
CA GLY H 92 -58.43 28.34 -3.58
C GLY H 92 -58.98 26.95 -3.82
N GLU H 93 -58.30 25.93 -3.29
CA GLU H 93 -58.71 24.54 -3.43
C GLU H 93 -59.93 24.23 -2.55
N GLU H 94 -60.82 23.40 -3.10
CA GLU H 94 -62.05 22.98 -2.44
C GLU H 94 -61.68 21.85 -1.47
N ASN H 95 -62.11 22.01 -0.19
CA ASN H 95 -62.12 20.98 0.82
C ASN H 95 -60.71 20.43 1.09
N GLN H 96 -59.77 21.35 1.32
CA GLN H 96 -58.40 21.00 1.66
C GLN H 96 -57.88 21.88 2.79
N TYR H 97 -57.11 21.28 3.70
CA TYR H 97 -56.62 21.91 4.92
C TYR H 97 -55.16 21.55 5.15
N ILE H 98 -54.40 22.47 5.78
CA ILE H 98 -53.12 22.16 6.36
C ILE H 98 -53.41 21.77 7.81
N CYS H 99 -53.08 20.51 8.16
CA CYS H 99 -53.07 19.98 9.52
C CYS H 99 -51.65 19.84 10.05
N TYR H 100 -51.43 20.33 11.29
CA TYR H 100 -50.16 20.35 11.96
C TYR H 100 -50.20 19.31 13.06
N VAL H 101 -49.21 18.39 13.05
CA VAL H 101 -49.15 17.28 13.98
C VAL H 101 -47.82 17.29 14.73
N ALA H 102 -47.85 17.11 16.06
CA ALA H 102 -46.66 17.00 16.90
C ALA H 102 -46.44 15.53 17.23
N TYR H 103 -45.24 14.98 16.99
CA TYR H 103 -44.83 13.66 17.39
C TYR H 103 -43.74 13.77 18.46
N PRO H 104 -43.85 13.10 19.62
CA PRO H 104 -42.76 13.14 20.61
C PRO H 104 -41.46 12.53 20.11
N LEU H 105 -40.34 13.03 20.63
CA LEU H 105 -39.00 12.56 20.35
C LEU H 105 -38.84 11.06 20.53
N ASP H 106 -39.50 10.50 21.57
CA ASP H 106 -39.33 9.12 21.98
C ASP H 106 -39.85 8.11 20.96
N LEU H 107 -40.60 8.56 19.96
CA LEU H 107 -41.07 7.69 18.90
C LEU H 107 -39.97 7.18 18.00
N PHE H 108 -38.83 7.87 17.91
CA PHE H 108 -37.92 7.78 16.78
C PHE H 108 -36.62 7.10 17.21
N GLU H 109 -36.09 6.22 16.35
CA GLU H 109 -34.76 5.70 16.51
C GLU H 109 -33.76 6.81 16.17
N GLU H 110 -32.74 6.93 17.02
CA GLU H 110 -31.66 7.88 16.86
C GLU H 110 -30.95 7.56 15.52
N GLY H 111 -30.69 8.59 14.71
CA GLY H 111 -29.88 8.49 13.51
C GLY H 111 -30.50 7.68 12.36
N SER H 112 -31.82 7.34 12.41
CA SER H 112 -32.48 6.49 11.42
C SER H 112 -33.55 7.29 10.69
N VAL H 113 -33.19 7.83 9.52
CA VAL H 113 -34.19 8.41 8.61
C VAL H 113 -35.25 7.37 8.23
N THR H 114 -34.82 6.12 8.02
CA THR H 114 -35.71 4.99 7.73
C THR H 114 -36.85 4.96 8.76
N ASN H 115 -36.50 5.02 10.06
CA ASN H 115 -37.50 4.97 11.10
C ASN H 115 -38.36 6.22 11.15
N MET H 116 -37.79 7.38 10.86
CA MET H 116 -38.52 8.64 10.88
C MET H 116 -39.64 8.65 9.84
N PHE H 117 -39.32 8.20 8.64
CA PHE H 117 -40.28 8.12 7.56
C PHE H 117 -41.27 7.01 7.82
N THR H 118 -40.83 5.84 8.29
CA THR H 118 -41.77 4.79 8.61
C THR H 118 -42.79 5.29 9.64
N SER H 119 -42.34 5.96 10.71
CA SER H 119 -43.24 6.45 11.75
C SER H 119 -44.26 7.45 11.25
N ILE H 120 -43.86 8.40 10.38
CA ILE H 120 -44.70 9.52 10.02
C ILE H 120 -45.49 9.17 8.75
N VAL H 121 -44.85 8.60 7.74
CA VAL H 121 -45.55 8.36 6.47
C VAL H 121 -45.85 6.86 6.22
N GLY H 122 -45.58 5.94 7.15
CA GLY H 122 -45.70 4.53 6.85
C GLY H 122 -47.12 4.01 6.68
N ASN H 123 -48.08 4.60 7.39
CA ASN H 123 -49.42 4.06 7.53
C ASN H 123 -50.55 5.00 7.03
N VAL H 124 -50.45 6.30 7.30
CA VAL H 124 -51.57 7.22 7.25
C VAL H 124 -52.08 7.47 5.83
N PHE H 125 -51.26 7.35 4.80
CA PHE H 125 -51.60 7.79 3.45
C PHE H 125 -52.64 6.86 2.82
N GLY H 126 -52.82 5.64 3.34
CA GLY H 126 -53.90 4.77 2.92
C GLY H 126 -55.22 4.92 3.68
N PHE H 127 -55.38 5.90 4.59
CA PHE H 127 -56.56 5.96 5.43
C PHE H 127 -57.78 6.38 4.63
N LYS H 128 -58.87 5.60 4.76
CA LYS H 128 -60.01 5.68 3.84
C LYS H 128 -60.82 6.98 4.00
N ALA H 129 -60.83 7.65 5.18
CA ALA H 129 -61.49 8.92 5.37
C ALA H 129 -60.81 10.09 4.65
N LEU H 130 -59.59 9.89 4.11
CA LEU H 130 -58.90 10.90 3.33
C LEU H 130 -59.00 10.51 1.87
N ARG H 131 -59.23 11.46 0.99
CA ARG H 131 -59.18 11.25 -0.45
C ARG H 131 -57.73 11.40 -0.88
N ALA H 132 -57.00 12.34 -0.26
CA ALA H 132 -55.60 12.56 -0.55
C ALA H 132 -54.88 13.12 0.66
N LEU H 133 -53.56 12.98 0.62
CA LEU H 133 -52.68 13.35 1.73
C LEU H 133 -51.29 13.63 1.19
N ARG H 134 -50.77 14.81 1.54
CA ARG H 134 -49.41 15.19 1.18
C ARG H 134 -48.69 15.72 2.40
N LEU H 135 -47.45 15.23 2.64
CA LEU H 135 -46.57 15.80 3.66
C LEU H 135 -45.79 16.95 3.03
N GLU H 136 -45.98 18.17 3.54
CA GLU H 136 -45.36 19.37 3.02
C GLU H 136 -44.05 19.62 3.73
N ASP H 137 -43.99 19.49 5.06
CA ASP H 137 -42.81 19.89 5.82
C ASP H 137 -42.75 19.16 7.14
N LEU H 138 -41.51 19.07 7.68
CA LEU H 138 -41.20 18.56 8.98
C LEU H 138 -40.31 19.56 9.73
N ARG H 139 -40.61 19.85 11.00
CA ARG H 139 -39.68 20.52 11.92
C ARG H 139 -38.88 19.41 12.60
N ILE H 140 -37.62 19.29 12.28
CA ILE H 140 -36.77 18.28 12.89
C ILE H 140 -36.13 18.96 14.10
N PRO H 141 -36.45 18.55 15.35
CA PRO H 141 -35.90 19.22 16.53
C PRO H 141 -34.40 18.97 16.65
N VAL H 142 -33.74 19.88 17.35
CA VAL H 142 -32.28 19.89 17.41
C VAL H 142 -31.75 18.64 18.15
N ALA H 143 -32.48 18.11 19.12
CA ALA H 143 -32.05 16.89 19.78
C ALA H 143 -32.09 15.66 18.88
N TYR H 144 -33.00 15.66 17.89
CA TYR H 144 -32.97 14.62 16.88
C TYR H 144 -31.87 14.86 15.84
N VAL H 145 -31.71 16.11 15.40
CA VAL H 145 -30.67 16.46 14.46
C VAL H 145 -29.29 15.94 14.93
N LYS H 146 -28.93 16.15 16.22
CA LYS H 146 -27.62 15.79 16.74
C LYS H 146 -27.42 14.27 16.81
N THR H 147 -28.42 13.41 16.56
CA THR H 147 -28.19 11.98 16.48
C THR H 147 -27.66 11.55 15.10
N PHE H 148 -27.63 12.43 14.09
CA PHE H 148 -27.23 12.04 12.73
C PHE H 148 -25.83 12.56 12.44
N GLN H 149 -25.12 11.90 11.53
CA GLN H 149 -23.81 12.39 11.10
C GLN H 149 -24.05 13.64 10.26
N GLY H 150 -25.04 13.61 9.37
CA GLY H 150 -25.23 14.66 8.39
C GLY H 150 -24.28 14.47 7.20
N PRO H 151 -24.05 15.54 6.40
CA PRO H 151 -23.15 15.44 5.27
C PRO H 151 -21.76 14.91 5.64
N PRO H 152 -21.15 14.03 4.81
CA PRO H 152 -19.79 13.57 5.09
C PRO H 152 -18.79 14.74 5.22
N HIS H 153 -18.94 15.77 4.41
CA HIS H 153 -18.09 16.95 4.38
C HIS H 153 -18.89 18.25 4.50
N GLY H 154 -19.78 18.46 3.51
CA GLY H 154 -20.53 19.70 3.43
C GLY H 154 -19.77 20.80 2.74
N ILE H 155 -20.48 21.90 2.46
CA ILE H 155 -20.15 22.91 1.47
C ILE H 155 -18.74 23.47 1.74
N GLN H 156 -18.47 23.92 2.96
CA GLN H 156 -17.23 24.63 3.29
C GLN H 156 -16.00 23.75 3.09
N VAL H 157 -16.09 22.53 3.67
CA VAL H 157 -15.03 21.55 3.58
C VAL H 157 -14.78 21.15 2.13
N GLU H 158 -15.84 20.91 1.35
CA GLU H 158 -15.69 20.57 -0.07
C GLU H 158 -14.89 21.63 -0.81
N ARG H 159 -15.28 22.92 -0.69
CA ARG H 159 -14.55 24.03 -1.27
C ARG H 159 -13.06 24.02 -0.86
N ASP H 160 -12.79 23.82 0.43
CA ASP H 160 -11.43 23.74 0.94
C ASP H 160 -10.64 22.57 0.37
N LYS H 161 -11.23 21.39 0.24
CA LYS H 161 -10.55 20.21 -0.30
C LYS H 161 -10.19 20.37 -1.78
N LEU H 162 -11.13 20.92 -2.57
CA LEU H 162 -10.98 21.08 -4.01
C LEU H 162 -10.27 22.39 -4.38
N ASN H 163 -10.15 23.32 -3.45
CA ASN H 163 -9.52 24.62 -3.60
C ASN H 163 -10.27 25.47 -4.62
N LYS H 164 -11.61 25.52 -4.51
CA LYS H 164 -12.47 26.17 -5.47
C LYS H 164 -13.39 27.13 -4.74
N TYR H 165 -13.16 28.41 -4.97
CA TYR H 165 -13.83 29.49 -4.25
C TYR H 165 -14.47 30.46 -5.24
N GLY H 166 -15.57 31.05 -4.80
CA GLY H 166 -16.12 32.28 -5.33
C GLY H 166 -16.90 32.12 -6.62
N ARG H 167 -17.31 30.90 -6.96
CA ARG H 167 -18.14 30.65 -8.11
C ARG H 167 -18.93 29.37 -7.93
N PRO H 168 -20.05 29.18 -8.70
CA PRO H 168 -20.63 27.86 -8.89
C PRO H 168 -19.61 26.85 -9.42
N LEU H 169 -19.78 25.57 -9.04
CA LEU H 169 -19.06 24.48 -9.65
C LEU H 169 -19.81 24.00 -10.89
N LEU H 170 -19.08 23.34 -11.80
CA LEU H 170 -19.53 23.04 -13.14
C LEU H 170 -19.32 21.54 -13.41
N GLY H 171 -20.37 20.90 -13.84
CA GLY H 171 -20.39 19.48 -14.09
C GLY H 171 -21.12 19.17 -15.39
N CYS H 172 -20.89 17.96 -15.85
CA CYS H 172 -21.46 17.42 -17.07
C CYS H 172 -21.79 15.93 -16.87
N THR H 173 -23.01 15.51 -17.20
CA THR H 173 -23.36 14.13 -17.31
C THR H 173 -22.85 13.59 -18.65
N ILE H 174 -22.23 12.39 -18.63
CA ILE H 174 -21.82 11.75 -19.86
C ILE H 174 -23.06 11.12 -20.51
N LYS H 175 -23.26 11.41 -21.80
CA LYS H 175 -24.34 10.88 -22.64
C LYS H 175 -23.66 10.37 -23.94
N PRO H 176 -24.16 9.32 -24.63
CA PRO H 176 -25.31 8.55 -24.16
C PRO H 176 -25.02 7.74 -22.88
N LYS H 177 -26.06 7.59 -22.07
CA LYS H 177 -25.94 6.98 -20.75
C LYS H 177 -25.59 5.51 -20.91
N LEU H 178 -26.25 4.84 -21.87
CA LEU H 178 -25.89 3.50 -22.24
C LEU H 178 -25.48 3.40 -23.69
N GLY H 179 -24.41 2.61 -23.92
CA GLY H 179 -23.97 2.23 -25.25
C GLY H 179 -22.52 2.51 -25.53
N LEU H 180 -21.87 3.42 -24.80
CA LEU H 180 -20.44 3.63 -24.97
C LEU H 180 -19.69 2.49 -24.28
N SER H 181 -18.54 2.10 -24.84
CA SER H 181 -17.55 1.31 -24.13
C SER H 181 -16.98 2.13 -22.93
N ALA H 182 -16.39 1.41 -21.95
CA ALA H 182 -15.76 2.05 -20.80
C ALA H 182 -14.65 3.02 -21.22
N LYS H 183 -13.83 2.63 -22.20
CA LYS H 183 -12.77 3.50 -22.74
C LYS H 183 -13.31 4.75 -23.43
N ASN H 184 -14.29 4.58 -24.32
CA ASN H 184 -14.89 5.72 -25.02
C ASN H 184 -15.55 6.70 -24.04
N TYR H 185 -16.19 6.18 -23.01
CA TYR H 185 -16.78 6.97 -21.96
C TYR H 185 -15.67 7.77 -21.26
N GLY H 186 -14.53 7.13 -20.91
CA GLY H 186 -13.45 7.86 -20.29
C GLY H 186 -12.84 8.93 -21.20
N ARG H 187 -12.82 8.70 -22.52
CA ARG H 187 -12.36 9.68 -23.49
C ARG H 187 -13.23 10.92 -23.38
N ALA H 188 -14.56 10.77 -23.39
CA ALA H 188 -15.45 11.91 -23.24
C ALA H 188 -15.22 12.64 -21.92
N VAL H 189 -14.87 11.92 -20.84
CA VAL H 189 -14.62 12.52 -19.54
C VAL H 189 -13.39 13.39 -19.65
N TYR H 190 -12.29 12.87 -20.17
CA TYR H 190 -11.03 13.64 -20.29
C TYR H 190 -11.30 14.94 -21.08
N GLU H 191 -11.96 14.83 -22.24
CA GLU H 191 -12.22 16.01 -23.08
C GLU H 191 -13.14 17.01 -22.43
N CYS H 192 -14.13 16.58 -21.63
CA CYS H 192 -14.93 17.44 -20.78
C CYS H 192 -14.08 18.17 -19.74
N LEU H 193 -13.30 17.41 -18.96
CA LEU H 193 -12.61 17.97 -17.81
C LEU H 193 -11.53 18.96 -18.19
N ARG H 194 -10.87 18.71 -19.33
CA ARG H 194 -9.72 19.49 -19.73
C ARG H 194 -10.13 20.92 -20.15
N GLY H 195 -11.37 21.08 -20.60
CA GLY H 195 -11.87 22.39 -21.02
C GLY H 195 -12.35 23.31 -19.88
N GLY H 196 -12.30 22.87 -18.61
CA GLY H 196 -12.49 23.69 -17.42
C GLY H 196 -13.74 23.33 -16.61
N LEU H 197 -14.42 22.20 -16.94
CA LEU H 197 -15.41 21.64 -16.01
C LEU H 197 -14.67 21.06 -14.81
N ASP H 198 -15.29 21.23 -13.62
CA ASP H 198 -14.79 20.68 -12.39
C ASP H 198 -15.09 19.18 -12.31
N PHE H 199 -16.28 18.76 -12.79
CA PHE H 199 -16.80 17.43 -12.62
C PHE H 199 -17.40 16.90 -13.92
N THR H 200 -17.22 15.61 -14.16
CA THR H 200 -18.13 14.85 -15.01
C THR H 200 -18.86 13.86 -14.12
N KCX H 201 -19.78 13.09 -14.68
CA KCX H 201 -20.75 12.37 -13.87
CB KCX H 201 -21.84 13.41 -13.63
CG KCX H 201 -23.12 12.89 -13.20
CD KCX H 201 -24.14 13.90 -12.72
CE KCX H 201 -25.24 13.05 -12.10
NZ KCX H 201 -25.93 12.17 -13.04
C KCX H 201 -21.29 11.15 -14.63
O KCX H 201 -21.57 11.22 -15.82
CX KCX H 201 -26.96 12.78 -13.81
OQ1 KCX H 201 -27.56 13.81 -13.59
OQ2 KCX H 201 -27.55 11.76 -14.45
H KCX H 201 -19.85 13.04 -15.59
HA KCX H 201 -20.36 12.09 -13.01
HB2 KCX H 201 -21.52 14.04 -12.94
HB3 KCX H 201 -22.00 13.91 -14.44
HG2 KCX H 201 -23.51 12.44 -13.97
HG3 KCX H 201 -22.95 12.23 -12.50
HD2 KCX H 201 -23.78 14.51 -12.07
HD3 KCX H 201 -24.50 14.42 -13.48
HE2 KCX H 201 -24.89 12.50 -11.39
HE3 KCX H 201 -25.87 13.64 -11.66
N ASP H 202 -21.48 10.06 -13.86
CA ASP H 202 -22.29 8.95 -14.28
C ASP H 202 -23.74 9.39 -14.21
N ASP H 203 -24.49 9.01 -15.25
CA ASP H 203 -25.93 9.00 -15.16
C ASP H 203 -26.40 8.09 -14.01
N GLU H 204 -27.55 8.46 -13.40
CA GLU H 204 -28.18 7.66 -12.36
C GLU H 204 -28.39 6.20 -12.76
N ASN H 205 -28.63 5.92 -14.05
CA ASN H 205 -28.85 4.58 -14.61
C ASN H 205 -27.56 3.74 -14.68
N VAL H 206 -26.39 4.37 -14.81
CA VAL H 206 -25.15 3.68 -15.06
C VAL H 206 -24.63 3.12 -13.72
N ASN H 207 -24.79 1.78 -13.56
CA ASN H 207 -24.36 1.08 -12.39
C ASN H 207 -23.32 0.08 -12.87
N SER H 208 -23.70 -1.17 -13.19
CA SER H 208 -22.84 -2.09 -13.94
C SER H 208 -23.75 -2.85 -14.89
N GLN H 209 -23.42 -2.87 -16.17
CA GLN H 209 -24.31 -3.36 -17.21
C GLN H 209 -23.47 -4.13 -18.19
N PRO H 210 -24.07 -4.99 -19.06
CA PRO H 210 -23.27 -5.79 -20.00
C PRO H 210 -22.15 -5.13 -20.80
N PHE H 211 -22.45 -3.99 -21.41
CA PHE H 211 -21.42 -3.34 -22.25
C PHE H 211 -20.50 -2.40 -21.48
N MET H 212 -20.76 -2.16 -20.18
CA MET H 212 -19.85 -1.35 -19.39
C MET H 212 -19.97 -1.80 -17.94
N ARG H 213 -19.03 -2.65 -17.51
CA ARG H 213 -18.96 -3.15 -16.17
C ARG H 213 -18.32 -2.05 -15.36
N TRP H 214 -18.76 -1.90 -14.11
CA TRP H 214 -18.43 -0.75 -13.27
C TRP H 214 -16.92 -0.58 -13.06
N ARG H 215 -16.17 -1.69 -12.86
CA ARG H 215 -14.78 -1.60 -12.46
C ARG H 215 -13.95 -1.08 -13.64
N ASP H 216 -14.30 -1.54 -14.84
CA ASP H 216 -13.76 -1.00 -16.08
C ASP H 216 -13.98 0.50 -16.21
N ARG H 217 -15.23 0.94 -15.98
CA ARG H 217 -15.58 2.35 -16.08
C ARG H 217 -14.76 3.18 -15.08
N PHE H 218 -14.65 2.69 -13.83
CA PHE H 218 -13.92 3.37 -12.76
C PHE H 218 -12.47 3.57 -13.17
N LEU H 219 -11.85 2.54 -13.71
CA LEU H 219 -10.45 2.52 -14.10
C LEU H 219 -10.18 3.53 -15.21
N PHE H 220 -10.98 3.51 -16.30
CA PHE H 220 -10.86 4.43 -17.42
C PHE H 220 -11.18 5.87 -17.00
N CYS H 221 -12.23 6.10 -16.21
CA CYS H 221 -12.55 7.41 -15.64
C CYS H 221 -11.42 7.96 -14.77
N ALA H 222 -10.73 7.11 -14.00
CA ALA H 222 -9.54 7.51 -13.26
C ALA H 222 -8.41 7.99 -14.17
N GLU H 223 -8.08 7.23 -15.22
CA GLU H 223 -7.08 7.66 -16.18
C GLU H 223 -7.37 9.03 -16.77
N ALA H 224 -8.61 9.21 -17.24
CA ALA H 224 -9.09 10.43 -17.88
C ALA H 224 -9.04 11.62 -16.92
N LEU H 225 -9.58 11.44 -15.69
CA LEU H 225 -9.60 12.50 -14.70
C LEU H 225 -8.20 12.92 -14.31
N TYR H 226 -7.25 11.97 -14.15
CA TYR H 226 -5.89 12.35 -13.78
C TYR H 226 -5.16 13.01 -14.97
N LYS H 227 -5.34 12.52 -16.20
CA LYS H 227 -4.85 13.24 -17.38
C LYS H 227 -5.34 14.70 -17.42
N ALA H 228 -6.65 14.94 -17.17
CA ALA H 228 -7.21 16.29 -17.28
C ALA H 228 -6.69 17.20 -16.17
N GLN H 229 -6.53 16.65 -14.96
CA GLN H 229 -5.95 17.36 -13.83
C GLN H 229 -4.48 17.76 -14.06
N ALA H 230 -3.65 16.83 -14.59
CA ALA H 230 -2.25 17.10 -14.89
C ALA H 230 -2.13 18.17 -16.00
N GLU H 231 -3.01 18.10 -17.01
CA GLU H 231 -3.06 19.09 -18.07
C GLU H 231 -3.42 20.50 -17.56
N THR H 232 -4.50 20.64 -16.78
CA THR H 232 -5.07 21.91 -16.39
C THR H 232 -4.47 22.49 -15.09
N GLY H 233 -3.96 21.65 -14.16
CA GLY H 233 -3.55 22.09 -12.83
C GLY H 233 -4.67 22.33 -11.78
N GLU H 234 -5.94 22.21 -12.19
CA GLU H 234 -7.10 22.34 -11.34
C GLU H 234 -7.53 20.92 -10.93
N ILE H 235 -8.02 20.78 -9.69
CA ILE H 235 -8.50 19.50 -9.20
C ILE H 235 -9.79 19.12 -9.94
N LYS H 236 -9.85 17.86 -10.34
CA LYS H 236 -10.98 17.31 -11.09
C LYS H 236 -11.61 16.17 -10.32
N GLY H 237 -12.90 15.96 -10.59
CA GLY H 237 -13.60 14.79 -10.14
C GLY H 237 -14.51 14.20 -11.19
N HIS H 238 -14.84 12.93 -11.02
CA HIS H 238 -15.89 12.26 -11.80
C HIS H 238 -16.80 11.56 -10.82
N TYR H 239 -18.11 11.89 -10.84
CA TYR H 239 -19.03 11.24 -9.91
C TYR H 239 -19.22 9.75 -10.29
N LEU H 240 -18.53 8.86 -9.56
CA LEU H 240 -18.55 7.42 -9.80
C LEU H 240 -19.78 6.87 -9.08
N ASN H 241 -20.71 6.29 -9.84
CA ASN H 241 -21.97 5.81 -9.31
C ASN H 241 -21.74 4.47 -8.62
N ALA H 242 -21.88 4.44 -7.29
CA ALA H 242 -21.71 3.22 -6.51
C ALA H 242 -23.05 2.51 -6.27
N THR H 243 -24.15 3.02 -6.82
CA THR H 243 -25.47 2.48 -6.58
C THR H 243 -25.47 1.03 -7.10
N ALA H 244 -26.06 0.12 -6.30
CA ALA H 244 -25.96 -1.31 -6.53
C ALA H 244 -27.20 -2.01 -5.97
N GLY H 245 -27.24 -3.31 -6.29
CA GLY H 245 -28.35 -4.16 -5.91
C GLY H 245 -28.34 -4.49 -4.43
N THR H 246 -27.14 -4.66 -3.80
CA THR H 246 -26.92 -5.07 -2.42
C THR H 246 -25.97 -4.08 -1.73
N CYS H 247 -25.96 -4.03 -0.40
CA CYS H 247 -24.96 -3.24 0.33
C CYS H 247 -23.52 -3.69 0.05
N GLU H 248 -23.28 -5.00 -0.07
CA GLU H 248 -21.99 -5.59 -0.36
C GLU H 248 -21.46 -5.03 -1.69
N ASP H 249 -22.31 -5.03 -2.74
CA ASP H 249 -21.94 -4.51 -4.04
C ASP H 249 -21.66 -3.01 -3.99
N MET H 250 -22.51 -2.22 -3.31
CA MET H 250 -22.29 -0.80 -3.16
C MET H 250 -20.92 -0.50 -2.53
N MET H 251 -20.59 -1.24 -1.46
CA MET H 251 -19.33 -1.09 -0.74
C MET H 251 -18.11 -1.45 -1.56
N LYS H 252 -18.19 -2.52 -2.37
CA LYS H 252 -17.08 -2.90 -3.24
C LYS H 252 -16.74 -1.75 -4.17
N ARG H 253 -17.77 -1.03 -4.66
CA ARG H 253 -17.60 0.06 -5.59
C ARG H 253 -16.97 1.27 -4.92
N ALA H 254 -17.47 1.65 -3.74
CA ALA H 254 -16.90 2.76 -2.97
C ALA H 254 -15.45 2.49 -2.56
N VAL H 255 -15.14 1.23 -2.21
CA VAL H 255 -13.79 0.83 -1.83
C VAL H 255 -12.80 1.00 -2.98
N PHE H 256 -13.16 0.58 -4.19
CA PHE H 256 -12.26 0.75 -5.32
C PHE H 256 -12.04 2.24 -5.63
N ALA H 257 -13.06 3.09 -5.43
CA ALA H 257 -12.91 4.54 -5.59
C ALA H 257 -11.87 5.06 -4.60
N ARG H 258 -11.98 4.68 -3.33
CA ARG H 258 -10.98 4.89 -2.28
C ARG H 258 -9.58 4.47 -2.72
N GLU H 259 -9.44 3.25 -3.27
CA GLU H 259 -8.15 2.74 -3.74
C GLU H 259 -7.54 3.58 -4.89
N LEU H 260 -8.35 4.02 -5.85
CA LEU H 260 -7.94 4.90 -6.93
C LEU H 260 -7.57 6.31 -6.45
N GLY H 261 -7.97 6.74 -5.23
CA GLY H 261 -7.60 8.04 -4.70
C GLY H 261 -8.44 9.20 -5.26
N VAL H 262 -9.59 8.87 -5.86
CA VAL H 262 -10.42 9.84 -6.57
C VAL H 262 -11.27 10.52 -5.52
N PRO H 263 -11.74 11.78 -5.75
CA PRO H 263 -12.40 12.53 -4.69
C PRO H 263 -13.88 12.32 -4.38
N ILE H 264 -14.64 11.72 -5.32
CA ILE H 264 -16.09 11.80 -5.28
C ILE H 264 -16.73 10.52 -5.83
N VAL H 265 -17.76 10.03 -5.11
CA VAL H 265 -18.66 8.94 -5.52
C VAL H 265 -20.08 9.48 -5.54
N MET H 266 -21.01 8.66 -6.05
CA MET H 266 -22.41 9.01 -6.23
C MET H 266 -23.28 7.86 -5.74
N HIS H 267 -24.52 8.22 -5.28
CA HIS H 267 -25.55 7.27 -4.92
C HIS H 267 -26.94 7.81 -5.31
N ASP H 268 -27.83 6.90 -5.77
CA ASP H 268 -29.22 7.18 -6.05
C ASP H 268 -29.97 6.88 -4.76
N TYR H 269 -30.09 7.92 -3.90
CA TYR H 269 -30.52 7.68 -2.52
C TYR H 269 -31.95 7.15 -2.40
N LEU H 270 -32.87 7.51 -3.33
CA LEU H 270 -34.26 7.05 -3.22
C LEU H 270 -34.39 5.59 -3.69
N THR H 271 -33.67 5.20 -4.76
CA THR H 271 -33.82 3.86 -5.30
C THR H 271 -32.91 2.85 -4.59
N GLY H 272 -31.71 3.28 -4.19
CA GLY H 272 -30.89 2.52 -3.26
C GLY H 272 -31.54 2.42 -1.87
N GLY H 273 -32.04 3.57 -1.37
CA GLY H 273 -32.79 3.68 -0.12
C GLY H 273 -31.92 4.25 1.01
N PHE H 274 -32.57 4.69 2.08
CA PHE H 274 -31.97 5.42 3.18
C PHE H 274 -31.03 4.55 4.04
N THR H 275 -31.30 3.25 4.16
CA THR H 275 -30.46 2.36 4.94
C THR H 275 -29.09 2.25 4.25
N ALA H 276 -29.09 1.92 2.94
CA ALA H 276 -27.85 1.90 2.17
C ALA H 276 -27.20 3.28 2.09
N ASN H 277 -27.99 4.35 1.91
CA ASN H 277 -27.45 5.70 1.83
C ASN H 277 -26.68 6.09 3.10
N THR H 278 -27.25 5.85 4.28
CA THR H 278 -26.61 6.20 5.55
C THR H 278 -25.31 5.39 5.75
N THR H 279 -25.28 4.11 5.34
CA THR H 279 -24.04 3.31 5.34
C THR H 279 -22.94 3.96 4.47
N LEU H 280 -23.32 4.39 3.26
CA LEU H 280 -22.37 5.00 2.36
C LEU H 280 -21.90 6.33 2.92
N SER H 281 -22.83 7.17 3.42
CA SER H 281 -22.49 8.44 4.05
C SER H 281 -21.44 8.29 5.16
N HIS H 282 -21.58 7.28 6.03
CA HIS H 282 -20.61 7.01 7.08
C HIS H 282 -19.26 6.56 6.53
N TYR H 283 -19.26 5.67 5.50
CA TYR H 283 -18.05 5.26 4.83
C TYR H 283 -17.33 6.46 4.22
N CYS H 284 -18.08 7.34 3.57
CA CYS H 284 -17.52 8.52 2.96
C CYS H 284 -16.85 9.47 3.98
N ARG H 285 -17.47 9.67 5.13
CA ARG H 285 -16.86 10.46 6.21
C ARG H 285 -15.56 9.81 6.68
N ASP H 286 -15.59 8.50 6.89
CA ASP H 286 -14.42 7.75 7.36
C ASP H 286 -13.28 7.66 6.36
N ASN H 287 -13.51 7.84 5.05
CA ASN H 287 -12.51 7.69 3.99
C ASN H 287 -12.30 8.92 3.11
N GLY H 288 -12.89 10.06 3.48
CA GLY H 288 -12.60 11.33 2.85
C GLY H 288 -13.21 11.47 1.46
N LEU H 289 -14.27 10.73 1.13
CA LEU H 289 -14.92 10.78 -0.17
C LEU H 289 -16.07 11.77 -0.10
N LEU H 290 -16.18 12.62 -1.13
CA LEU H 290 -17.37 13.41 -1.31
C LEU H 290 -18.46 12.50 -1.87
N LEU H 291 -19.69 12.83 -1.52
CA LEU H 291 -20.85 12.07 -1.96
C LEU H 291 -21.83 12.94 -2.71
N HIS H 292 -21.96 12.67 -4.00
CA HIS H 292 -22.98 13.28 -4.82
C HIS H 292 -24.26 12.44 -4.79
N ILE H 293 -25.39 13.07 -4.53
CA ILE H 293 -26.64 12.37 -4.34
C ILE H 293 -27.60 12.76 -5.46
N HIS H 294 -28.11 11.74 -6.14
CA HIS H 294 -29.06 11.90 -7.22
C HIS H 294 -30.41 11.47 -6.67
N ARG H 295 -31.46 12.19 -7.13
CA ARG H 295 -32.81 12.07 -6.61
C ARG H 295 -33.68 11.35 -7.66
N ALA H 296 -33.14 10.39 -8.39
CA ALA H 296 -33.91 9.51 -9.28
C ALA H 296 -35.11 8.96 -8.50
N MET H 297 -36.32 9.06 -9.10
CA MET H 297 -37.60 8.58 -8.59
C MET H 297 -38.33 9.66 -7.78
N HIS H 298 -37.73 10.85 -7.48
CA HIS H 298 -38.38 11.84 -6.65
C HIS H 298 -39.78 12.21 -7.19
N ALA H 299 -39.93 12.32 -8.55
CA ALA H 299 -41.18 12.78 -9.17
C ALA H 299 -42.32 11.79 -9.01
N VAL H 300 -42.07 10.52 -8.67
CA VAL H 300 -43.11 9.57 -8.38
C VAL H 300 -43.86 9.99 -7.12
N ILE H 301 -43.12 10.63 -6.16
CA ILE H 301 -43.56 10.98 -4.81
C ILE H 301 -43.97 12.46 -4.76
N ASP H 302 -43.20 13.35 -5.42
CA ASP H 302 -43.22 14.76 -5.10
C ASP H 302 -43.94 15.66 -6.10
N ARG H 303 -44.49 15.14 -7.20
CA ARG H 303 -44.95 15.93 -8.32
C ARG H 303 -46.35 16.51 -8.00
N GLN H 304 -47.32 15.69 -7.62
CA GLN H 304 -48.71 16.09 -7.47
C GLN H 304 -48.89 16.90 -6.17
N LYS H 305 -49.64 18.02 -6.25
CA LYS H 305 -49.93 18.90 -5.12
C LYS H 305 -50.77 18.23 -4.04
N ASN H 306 -51.70 17.33 -4.36
CA ASN H 306 -52.60 16.83 -3.33
C ASN H 306 -52.14 15.50 -2.75
N HIS H 307 -51.15 14.79 -3.31
CA HIS H 307 -50.76 13.48 -2.77
C HIS H 307 -49.26 13.21 -2.93
N GLY H 308 -48.60 12.91 -1.80
CA GLY H 308 -47.25 12.40 -1.75
C GLY H 308 -46.45 13.17 -0.71
N MET H 309 -45.20 13.54 -1.02
CA MET H 309 -44.34 14.27 -0.10
C MET H 309 -43.63 15.34 -0.92
N HIS H 310 -43.60 16.57 -0.43
CA HIS H 310 -42.87 17.62 -1.11
C HIS H 310 -41.37 17.30 -1.04
N PHE H 311 -40.66 17.70 -2.08
CA PHE H 311 -39.21 17.49 -2.15
C PHE H 311 -38.46 18.03 -0.93
N ARG H 312 -38.91 19.14 -0.35
CA ARG H 312 -38.22 19.71 0.79
C ARG H 312 -38.06 18.72 1.95
N VAL H 313 -39.06 17.81 2.09
CA VAL H 313 -39.00 16.79 3.09
C VAL H 313 -37.91 15.79 2.72
N LEU H 314 -37.82 15.42 1.44
CA LEU H 314 -36.82 14.47 0.95
C LEU H 314 -35.41 15.09 1.07
N ALA H 315 -35.32 16.42 0.89
CA ALA H 315 -34.09 17.14 1.02
C ALA H 315 -33.59 17.18 2.45
N LYS H 316 -34.48 17.51 3.39
CA LYS H 316 -34.20 17.47 4.83
C LYS H 316 -33.65 16.15 5.28
N ALA H 317 -34.30 15.09 4.81
CA ALA H 317 -33.92 13.73 5.09
C ALA H 317 -32.54 13.37 4.57
N LEU H 318 -32.25 13.83 3.36
CA LEU H 318 -30.92 13.62 2.81
C LEU H 318 -29.86 14.36 3.61
N ARG H 319 -30.15 15.60 4.01
CA ARG H 319 -29.19 16.33 4.84
C ARG H 319 -28.89 15.61 6.15
N LEU H 320 -29.83 14.85 6.73
CA LEU H 320 -29.59 14.06 7.94
C LEU H 320 -28.82 12.77 7.64
N SER H 321 -29.30 11.98 6.66
CA SER H 321 -28.65 10.73 6.29
C SER H 321 -27.22 10.94 5.82
N GLY H 322 -27.09 11.88 4.89
CA GLY H 322 -25.84 12.53 4.55
C GLY H 322 -25.58 12.45 3.06
N GLY H 323 -25.23 13.60 2.48
CA GLY H 323 -24.53 13.71 1.21
C GLY H 323 -23.96 15.11 1.10
N ASP H 324 -23.00 15.30 0.18
CA ASP H 324 -22.37 16.60 -0.05
C ASP H 324 -23.09 17.41 -1.11
N HIS H 325 -23.62 16.73 -2.17
CA HIS H 325 -24.38 17.39 -3.20
C HIS H 325 -25.75 16.73 -3.28
N ILE H 326 -26.80 17.46 -3.71
CA ILE H 326 -28.08 16.86 -4.02
C ILE H 326 -28.72 17.60 -5.18
N HIS H 327 -29.19 16.86 -6.15
CA HIS H 327 -29.99 17.39 -7.27
C HIS H 327 -31.21 18.13 -6.78
N SER H 328 -31.33 19.43 -7.11
CA SER H 328 -32.37 20.33 -6.63
C SER H 328 -33.25 20.85 -7.76
N GLY H 329 -33.02 20.39 -9.01
CA GLY H 329 -33.86 20.66 -10.16
C GLY H 329 -33.34 21.83 -10.97
N THR H 330 -33.88 21.96 -12.18
CA THR H 330 -33.86 23.19 -12.97
C THR H 330 -34.74 24.26 -12.30
N VAL H 331 -34.54 25.53 -12.72
CA VAL H 331 -35.57 26.58 -12.64
C VAL H 331 -36.01 27.09 -14.03
N VAL H 332 -35.88 26.26 -15.10
CA VAL H 332 -36.38 26.51 -16.45
C VAL H 332 -36.59 25.14 -17.13
N GLU H 338 -42.50 26.80 -8.88
CA GLU H 338 -42.28 28.22 -8.48
C GLU H 338 -40.82 28.38 -8.02
N ARG H 339 -40.23 29.54 -8.36
CA ARG H 339 -38.88 29.95 -7.97
C ARG H 339 -38.72 30.00 -6.45
N ASP H 340 -39.69 30.62 -5.78
CA ASP H 340 -39.69 30.91 -4.36
C ASP H 340 -39.60 29.65 -3.53
N ILE H 341 -40.37 28.63 -3.94
CA ILE H 341 -40.38 27.30 -3.34
C ILE H 341 -39.02 26.59 -3.46
N THR H 342 -38.40 26.63 -4.66
CA THR H 342 -37.04 26.15 -4.88
C THR H 342 -36.04 26.89 -3.99
N LEU H 343 -36.07 28.23 -3.99
CA LEU H 343 -35.20 29.01 -3.12
C LEU H 343 -35.44 28.68 -1.63
N GLY H 344 -36.71 28.40 -1.26
CA GLY H 344 -37.07 27.88 0.04
C GLY H 344 -36.25 26.67 0.46
N PHE H 345 -36.30 25.60 -0.33
CA PHE H 345 -35.65 24.35 0.08
C PHE H 345 -34.13 24.37 -0.14
N VAL H 346 -33.63 25.20 -1.06
CA VAL H 346 -32.21 25.45 -1.21
C VAL H 346 -31.69 26.03 0.09
N ASP H 347 -32.39 27.00 0.71
CA ASP H 347 -31.97 27.51 2.00
C ASP H 347 -31.97 26.46 3.08
N LEU H 348 -33.01 25.62 3.08
CA LEU H 348 -33.10 24.49 3.96
C LEU H 348 -31.93 23.53 3.82
N LEU H 349 -31.35 23.41 2.63
CA LEU H 349 -30.20 22.53 2.41
C LEU H 349 -28.88 23.15 2.88
N ARG H 350 -28.72 24.48 2.77
CA ARG H 350 -27.43 25.16 2.87
C ARG H 350 -27.21 25.82 4.22
N ASP H 351 -28.25 26.44 4.80
CA ASP H 351 -28.10 27.33 5.93
C ASP H 351 -28.23 26.57 7.26
N ASP H 352 -27.76 27.23 8.31
CA ASP H 352 -27.84 26.77 9.66
C ASP H 352 -29.22 27.00 10.30
N TYR H 353 -29.95 28.01 9.83
CA TYR H 353 -31.19 28.46 10.42
C TYR H 353 -32.05 29.07 9.33
N THR H 354 -33.31 28.67 9.23
CA THR H 354 -34.25 29.18 8.24
C THR H 354 -35.57 29.39 8.97
N GLU H 355 -36.11 30.60 8.86
CA GLU H 355 -37.29 31.01 9.59
C GLU H 355 -38.46 30.57 8.72
N LYS H 356 -39.57 30.16 9.35
CA LYS H 356 -40.84 29.94 8.69
C LYS H 356 -41.18 31.09 7.74
N ASP H 357 -41.61 30.69 6.55
CA ASP H 357 -41.99 31.58 5.48
C ASP H 357 -42.93 30.83 4.55
N ARG H 358 -44.21 31.13 4.73
CA ARG H 358 -45.28 30.56 3.94
C ARG H 358 -45.22 30.91 2.45
N SER H 359 -44.67 32.09 2.07
CA SER H 359 -44.47 32.42 0.67
C SER H 359 -43.44 31.51 -0.06
N ARG H 360 -42.51 30.86 0.68
CA ARG H 360 -41.52 29.92 0.17
C ARG H 360 -41.82 28.48 0.61
N GLY H 361 -43.04 28.15 1.09
CA GLY H 361 -43.41 26.82 1.54
C GLY H 361 -42.56 26.24 2.69
N ILE H 362 -42.05 27.12 3.54
CA ILE H 362 -41.32 26.78 4.75
C ILE H 362 -42.33 26.91 5.88
N TYR H 363 -42.90 25.78 6.29
CA TYR H 363 -43.97 25.75 7.28
C TYR H 363 -43.43 25.89 8.68
N PHE H 364 -42.13 25.53 8.88
CA PHE H 364 -41.54 25.58 10.21
C PHE H 364 -40.17 26.23 10.15
N THR H 365 -39.85 26.97 11.21
CA THR H 365 -38.50 27.40 11.51
C THR H 365 -37.63 26.16 11.76
N GLN H 366 -36.49 26.09 11.06
CA GLN H 366 -35.62 24.95 11.08
C GLN H 366 -34.24 25.39 11.50
N SER H 367 -33.71 24.83 12.60
CA SER H 367 -32.29 24.95 12.96
C SER H 367 -31.57 23.63 12.66
N TRP H 368 -30.28 23.73 12.39
CA TRP H 368 -29.46 22.57 12.08
C TRP H 368 -28.29 22.40 13.04
N VAL H 369 -28.12 23.29 14.05
CA VAL H 369 -27.06 23.25 15.05
C VAL H 369 -25.73 22.79 14.47
N SER H 370 -25.29 23.50 13.43
CA SER H 370 -23.99 23.34 12.80
C SER H 370 -23.84 22.04 12.02
N THR H 371 -24.93 21.28 11.72
CA THR H 371 -24.88 20.27 10.68
C THR H 371 -24.45 20.97 9.40
N PRO H 372 -23.43 20.54 8.66
CA PRO H 372 -23.05 21.19 7.42
C PRO H 372 -24.17 21.24 6.37
N GLY H 373 -24.08 22.25 5.49
CA GLY H 373 -24.97 22.42 4.37
C GLY H 373 -24.55 21.49 3.24
N VAL H 374 -25.48 21.36 2.27
CA VAL H 374 -25.34 20.49 1.13
C VAL H 374 -25.39 21.40 -0.11
N LEU H 375 -24.51 21.16 -1.09
CA LEU H 375 -24.54 21.86 -2.37
C LEU H 375 -25.75 21.48 -3.21
N PRO H 376 -26.68 22.40 -3.58
CA PRO H 376 -27.73 22.10 -4.55
C PRO H 376 -27.12 22.07 -5.96
N VAL H 377 -27.65 21.18 -6.79
CA VAL H 377 -27.18 20.87 -8.13
C VAL H 377 -28.34 21.17 -9.05
N ALA H 378 -28.11 22.04 -10.02
CA ALA H 378 -29.07 22.42 -11.04
C ALA H 378 -28.70 21.65 -12.30
N SER H 379 -29.69 21.09 -12.98
CA SER H 379 -29.52 20.17 -14.08
C SER H 379 -30.68 20.32 -15.07
N GLY H 380 -30.59 19.65 -16.23
CA GLY H 380 -31.70 19.48 -17.16
C GLY H 380 -31.97 20.68 -18.09
N GLY H 381 -31.52 20.58 -19.35
CA GLY H 381 -32.01 21.43 -20.43
C GLY H 381 -31.38 22.83 -20.47
N ILE H 382 -30.18 22.98 -19.86
CA ILE H 382 -29.58 24.28 -19.64
C ILE H 382 -28.35 24.37 -20.54
N HIS H 383 -27.98 25.62 -20.82
CA HIS H 383 -27.01 26.00 -21.82
C HIS H 383 -26.52 27.38 -21.43
N VAL H 384 -25.53 27.88 -22.17
CA VAL H 384 -24.75 29.07 -21.82
C VAL H 384 -25.62 30.28 -21.53
N TRP H 385 -26.73 30.47 -22.26
CA TRP H 385 -27.62 31.60 -22.03
C TRP H 385 -28.38 31.52 -20.71
N HIS H 386 -28.51 30.34 -20.10
CA HIS H 386 -29.06 30.19 -18.75
C HIS H 386 -28.12 30.67 -17.65
N MET H 387 -26.83 30.89 -17.93
CA MET H 387 -25.81 31.05 -16.90
C MET H 387 -26.06 32.29 -16.03
N PRO H 388 -26.46 33.48 -16.55
CA PRO H 388 -26.77 34.62 -15.70
C PRO H 388 -27.89 34.32 -14.71
N ALA H 389 -28.99 33.71 -15.19
CA ALA H 389 -30.12 33.37 -14.33
C ALA H 389 -29.69 32.38 -13.24
N LEU H 390 -28.97 31.34 -13.62
CA LEU H 390 -28.54 30.30 -12.68
C LEU H 390 -27.63 30.89 -11.60
N THR H 391 -26.67 31.75 -11.99
CA THR H 391 -25.76 32.40 -11.07
C THR H 391 -26.50 33.32 -10.13
N GLU H 392 -27.47 34.11 -10.66
CA GLU H 392 -28.32 35.00 -9.86
C GLU H 392 -29.11 34.21 -8.81
N ILE H 393 -29.74 33.11 -9.20
CA ILE H 393 -30.74 32.39 -8.39
C ILE H 393 -30.03 31.59 -7.29
N PHE H 394 -29.10 30.73 -7.70
CA PHE H 394 -28.41 29.82 -6.80
C PHE H 394 -27.30 30.53 -6.05
N GLY H 395 -26.60 31.49 -6.65
CA GLY H 395 -25.40 32.06 -6.10
C GLY H 395 -24.24 31.10 -6.23
N ASP H 396 -23.20 31.34 -5.41
CA ASP H 396 -21.95 30.66 -5.64
C ASP H 396 -22.05 29.21 -5.17
N ASP H 397 -22.80 28.91 -4.11
CA ASP H 397 -22.76 27.58 -3.52
C ASP H 397 -23.79 26.73 -4.23
N SER H 398 -23.40 26.30 -5.43
CA SER H 398 -24.21 25.46 -6.27
C SER H 398 -23.33 24.68 -7.23
N VAL H 399 -23.87 23.57 -7.76
CA VAL H 399 -23.24 22.92 -8.91
C VAL H 399 -24.18 23.05 -10.11
N LEU H 400 -23.69 23.50 -11.24
CA LEU H 400 -24.48 23.64 -12.44
C LEU H 400 -24.00 22.53 -13.38
N GLN H 401 -24.93 21.69 -13.82
CA GLN H 401 -24.64 20.45 -14.53
C GLN H 401 -25.18 20.60 -15.96
N PHE H 402 -24.30 20.53 -16.97
CA PHE H 402 -24.54 20.73 -18.40
C PHE H 402 -24.21 19.46 -19.23
N GLY H 403 -25.14 18.53 -19.35
CA GLY H 403 -25.02 17.39 -20.26
C GLY H 403 -25.00 17.79 -21.75
N GLY H 404 -26.18 17.91 -22.37
CA GLY H 404 -26.34 18.49 -23.70
C GLY H 404 -25.54 19.79 -23.96
N GLY H 405 -25.51 20.73 -23.02
CA GLY H 405 -24.83 22.02 -23.18
C GLY H 405 -23.31 21.95 -23.27
N THR H 406 -22.68 20.82 -22.94
CA THR H 406 -21.25 20.60 -23.20
C THR H 406 -21.09 19.70 -24.42
N LEU H 407 -21.77 18.52 -24.42
CA LEU H 407 -21.58 17.50 -25.43
C LEU H 407 -22.21 17.86 -26.76
N GLY H 408 -23.14 18.83 -26.78
CA GLY H 408 -23.80 19.37 -27.94
C GLY H 408 -23.03 20.50 -28.61
N HIS H 409 -21.93 20.98 -28.04
CA HIS H 409 -21.15 22.05 -28.65
C HIS H 409 -20.61 21.58 -30.00
N PRO H 410 -20.65 22.41 -31.07
CA PRO H 410 -20.26 21.92 -32.41
C PRO H 410 -18.80 21.52 -32.57
N TRP H 411 -17.92 22.05 -31.69
CA TRP H 411 -16.50 21.78 -31.67
C TRP H 411 -16.09 20.66 -30.71
N GLY H 412 -17.03 20.00 -29.97
CA GLY H 412 -16.75 18.87 -29.12
C GLY H 412 -16.61 19.30 -27.67
N ASN H 413 -16.09 18.36 -26.84
CA ASN H 413 -16.29 18.41 -25.41
C ASN H 413 -15.43 19.50 -24.79
N ALA H 414 -14.12 19.59 -25.17
CA ALA H 414 -13.27 20.59 -24.56
C ALA H 414 -13.77 22.02 -24.85
N PRO H 415 -14.10 22.38 -26.13
CA PRO H 415 -14.72 23.68 -26.42
C PRO H 415 -16.07 23.91 -25.73
N GLY H 416 -16.88 22.85 -25.65
CA GLY H 416 -18.10 22.84 -24.87
C GLY H 416 -17.89 23.33 -23.44
N ALA H 417 -16.87 22.73 -22.83
CA ALA H 417 -16.50 22.99 -21.46
C ALA H 417 -15.99 24.43 -21.31
N VAL H 418 -15.11 24.87 -22.24
CA VAL H 418 -14.58 26.22 -22.25
C VAL H 418 -15.73 27.24 -22.33
N ALA H 419 -16.70 26.99 -23.21
CA ALA H 419 -17.84 27.89 -23.38
C ALA H 419 -18.57 28.11 -22.05
N ASN H 420 -18.86 26.99 -21.34
CA ASN H 420 -19.54 27.00 -20.06
C ASN H 420 -18.70 27.72 -19.00
N ARG H 421 -17.38 27.42 -18.94
CA ARG H 421 -16.52 27.98 -17.91
C ARG H 421 -16.40 29.49 -18.11
N VAL H 422 -16.24 29.93 -19.37
CA VAL H 422 -16.11 31.34 -19.69
C VAL H 422 -17.41 32.07 -19.37
N ALA H 423 -18.54 31.56 -19.82
CA ALA H 423 -19.85 32.17 -19.53
C ALA H 423 -20.04 32.35 -18.00
N LEU H 424 -19.62 31.33 -17.23
CA LEU H 424 -19.73 31.38 -15.80
C LEU H 424 -18.80 32.42 -15.20
N GLU H 425 -17.53 32.40 -15.58
CA GLU H 425 -16.59 33.37 -14.99
C GLU H 425 -16.94 34.80 -15.39
N ALA H 426 -17.45 35.00 -16.63
CA ALA H 426 -17.94 36.28 -17.12
C ALA H 426 -19.07 36.79 -16.24
N CYS H 427 -20.01 35.89 -15.89
CA CYS H 427 -21.09 36.23 -14.98
C CYS H 427 -20.61 36.58 -13.58
N VAL H 428 -19.66 35.79 -13.07
CA VAL H 428 -19.14 36.00 -11.75
C VAL H 428 -18.47 37.38 -11.74
N GLN H 429 -17.59 37.63 -12.72
CA GLN H 429 -16.89 38.92 -12.82
C GLN H 429 -17.88 40.09 -12.85
N ALA H 430 -18.87 40.04 -13.78
CA ALA H 430 -19.91 41.04 -13.92
C ALA H 430 -20.67 41.28 -12.59
N ARG H 431 -21.07 40.20 -11.90
CA ARG H 431 -21.75 40.30 -10.61
C ARG H 431 -20.87 41.01 -9.58
N ASN H 432 -19.60 40.63 -9.50
CA ASN H 432 -18.65 41.20 -8.55
C ASN H 432 -18.43 42.69 -8.83
N GLU H 433 -18.43 43.13 -10.10
CA GLU H 433 -18.36 44.54 -10.50
C GLU H 433 -19.62 45.37 -10.14
N GLY H 434 -20.74 44.77 -9.72
CA GLY H 434 -21.97 45.49 -9.38
C GLY H 434 -23.04 45.44 -10.48
N ARG H 435 -22.83 44.65 -11.56
CA ARG H 435 -23.81 44.54 -12.63
C ARG H 435 -24.98 43.68 -12.15
N ASP H 436 -26.19 43.98 -12.67
CA ASP H 436 -27.37 43.18 -12.45
C ASP H 436 -27.44 42.05 -13.48
N LEU H 437 -27.19 40.82 -13.03
CA LEU H 437 -27.33 39.61 -13.84
C LEU H 437 -28.76 39.40 -14.34
N ALA H 438 -29.79 39.81 -13.60
CA ALA H 438 -31.19 39.71 -14.03
C ALA H 438 -31.47 40.60 -15.24
N ARG H 439 -30.99 41.86 -15.23
CA ARG H 439 -31.24 42.81 -16.30
C ARG H 439 -30.22 42.69 -17.45
N GLU H 440 -28.90 42.58 -17.16
CA GLU H 440 -27.84 42.64 -18.18
C GLU H 440 -27.26 41.26 -18.58
N GLY H 441 -27.90 40.14 -18.20
CA GLY H 441 -27.38 38.80 -18.40
C GLY H 441 -27.02 38.47 -19.85
N ASN H 442 -27.98 38.63 -20.78
CA ASN H 442 -27.77 38.61 -22.24
C ASN H 442 -26.57 39.43 -22.70
N THR H 443 -26.41 40.65 -22.20
CA THR H 443 -25.31 41.54 -22.60
C THR H 443 -23.98 41.02 -22.08
N ILE H 444 -23.95 40.44 -20.86
CA ILE H 444 -22.73 39.88 -20.27
C ILE H 444 -22.22 38.73 -21.14
N ILE H 445 -23.12 37.83 -21.56
CA ILE H 445 -22.77 36.73 -22.44
C ILE H 445 -22.25 37.24 -23.80
N ARG H 446 -22.96 38.20 -24.42
CA ARG H 446 -22.60 38.76 -25.72
C ARG H 446 -21.20 39.35 -25.67
N GLU H 447 -20.90 40.18 -24.66
CA GLU H 447 -19.56 40.71 -24.45
C GLU H 447 -18.47 39.63 -24.43
N ALA H 448 -18.72 38.50 -23.74
CA ALA H 448 -17.72 37.43 -23.62
C ALA H 448 -17.53 36.69 -24.95
N THR H 449 -18.56 36.64 -25.84
CA THR H 449 -18.42 36.07 -27.18
C THR H 449 -17.37 36.79 -28.01
N LYS H 450 -17.11 38.06 -27.73
CA LYS H 450 -16.19 38.88 -28.51
C LYS H 450 -14.76 38.39 -28.35
N TRP H 451 -14.35 37.83 -27.19
CA TRP H 451 -13.00 37.31 -26.99
C TRP H 451 -12.90 35.78 -26.82
N SER H 452 -14.02 35.04 -26.60
CA SER H 452 -14.02 33.58 -26.55
C SER H 452 -14.71 33.04 -27.82
N PRO H 453 -13.95 32.52 -28.80
CA PRO H 453 -14.55 31.85 -29.98
C PRO H 453 -15.36 30.61 -29.62
N GLU H 454 -14.93 29.91 -28.55
CA GLU H 454 -15.66 28.74 -28.05
C GLU H 454 -17.05 29.13 -27.58
N LEU H 455 -17.16 30.23 -26.82
CA LEU H 455 -18.48 30.72 -26.36
C LEU H 455 -19.30 31.28 -27.52
N ALA H 456 -18.64 31.99 -28.48
CA ALA H 456 -19.34 32.49 -29.68
C ALA H 456 -20.01 31.35 -30.44
N ALA H 457 -19.26 30.24 -30.64
CA ALA H 457 -19.81 29.06 -31.33
C ALA H 457 -21.01 28.44 -30.61
N ALA H 458 -20.99 28.37 -29.28
CA ALA H 458 -22.11 27.87 -28.49
C ALA H 458 -23.35 28.76 -28.61
N CYS H 459 -23.15 30.07 -28.51
CA CYS H 459 -24.22 31.08 -28.56
C CYS H 459 -24.97 31.11 -29.90
N GLU H 460 -24.30 30.75 -31.02
CA GLU H 460 -24.98 30.54 -32.30
C GLU H 460 -25.92 29.34 -32.28
N VAL H 461 -25.59 28.25 -31.57
CA VAL H 461 -26.33 27.01 -31.62
C VAL H 461 -27.62 27.06 -30.79
N TRP H 462 -27.58 27.65 -29.57
CA TRP H 462 -28.73 27.71 -28.64
C TRP H 462 -29.31 29.12 -28.53
N LYS H 463 -30.58 29.19 -28.09
CA LYS H 463 -31.43 30.37 -27.98
C LYS H 463 -31.81 30.81 -29.40
MG MG I . -4.03 24.15 25.28
MG MG J . 27.72 -13.10 16.92
MG MG K . 2.60 -25.56 -23.77
MG MG L . -29.12 11.70 -15.58
#